data_3C6S
#
_entry.id   3C6S
#
_cell.length_a   66.860
_cell.length_b   137.150
_cell.length_c   109.380
_cell.angle_alpha   90.00
_cell.angle_beta   94.97
_cell.angle_gamma   90.00
#
_symmetry.space_group_name_H-M   'P 1 21 1'
#
loop_
_entity.id
_entity.type
_entity.pdbx_description
1 polymer 'Fab F22-4 light chain'
2 polymer 'Fab F22-4 heavy chain'
3 branched alpha-L-rhamnopyranose-(1-2)-alpha-L-rhamnopyranose-(1-3)-[alpha-D-glucopyranose-(1-4)]alpha-L-rhamnopyranose-(1-3)-2-acetamido-2-deoxy-beta-D-glucopyranose-(1-2)-alpha-L-rhamnopyranose-(1-2)-alpha-L-rhamnopyranose-(1-3)-[alpha-D-glucopyranose-(1-4)]alpha-L-rhamnopyranose-(1-3)-2-acetamido-2-deoxy-beta-D-glucopyranose-(1-2)-alpha-L-rhamnopyranose
4 non-polymer 'PALLADIUM ION'
5 water water
#
loop_
_entity_poly.entity_id
_entity_poly.type
_entity_poly.pdbx_seq_one_letter_code
_entity_poly.pdbx_strand_id
1 'polypeptide(L)'
;DIVMTQAAFSNPVTLGTSASISCRSSKSLLHSDGITYLYWYLQKPGQSPHLLIYHLSNLASGVPDRFSSSGSGTDFTLRI
SRVEAEDVGIYYCAHNVELPRTFGGGTKLEIKRADAAPTVSIFPPSSEQLTSGGASVVCFLNNFYPKDINVKWKIDGSER
QNGVLNSWTDQDSKDSTYSMSSTLTLTKDEYERHNSYTCEATHKTSTSPIVKSFNRNEC
;
A,C,E,G
2 'polypeptide(L)'
;EVKVEESGGGLVQPGGSMKISCVVSGLTFSNYWMSWVRQSPEKGLEWVAEIRLKSDNYATYYAESVKGKFTISRDDSKSR
LYLQMNNLRTEDTGIYYCFLPMDYWGQGTSVTVSSAKTTPPSVYPLAPGSAAQTNSMVTLGCLVKGYFPEPVTVTWNSGS
LSSGVHTFPAVLQSDLYTLSSSVTVPSSTWPSETVTCNVAHPASSTKVDKKIVPRDC
;
B,D,F,H
#
loop_
_chem_comp.id
_chem_comp.type
_chem_comp.name
_chem_comp.formula
GLC D-saccharide, alpha linking alpha-D-glucopyranose 'C6 H12 O6'
NAG D-saccharide, beta linking 2-acetamido-2-deoxy-beta-D-glucopyranose 'C8 H15 N O6'
PD non-polymer 'PALLADIUM ION' 'Pd 2'
RAM L-saccharide, alpha linking alpha-L-rhamnopyranose 'C6 H12 O5'
#
# COMPACT_ATOMS: atom_id res chain seq x y z
N ASP A 1 21.43 19.55 -0.09
CA ASP A 1 20.57 19.85 1.09
C ASP A 1 21.21 19.68 2.44
N ILE A 2 20.87 20.56 3.37
CA ILE A 2 21.31 20.38 4.73
C ILE A 2 20.59 19.19 5.36
N VAL A 3 21.37 18.26 5.94
CA VAL A 3 20.82 17.15 6.69
C VAL A 3 20.81 17.43 8.18
N MET A 4 19.61 17.30 8.77
CA MET A 4 19.38 17.49 10.18
C MET A 4 19.16 16.09 10.73
N THR A 5 20.04 15.69 11.64
CA THR A 5 20.03 14.32 12.15
C THR A 5 19.56 14.25 13.57
N GLN A 6 18.49 13.50 13.80
CA GLN A 6 18.03 13.25 15.14
C GLN A 6 17.49 11.83 15.26
N ALA A 7 17.71 11.22 16.41
CA ALA A 7 17.21 9.87 16.64
C ALA A 7 15.69 9.81 16.64
N ALA A 8 15.14 8.71 16.16
CA ALA A 8 13.70 8.49 16.14
C ALA A 8 13.06 8.50 17.50
N PHE A 9 13.78 8.01 18.52
CA PHE A 9 13.21 7.79 19.84
C PHE A 9 14.08 8.25 20.99
N SER A 10 13.42 8.50 22.13
CA SER A 10 14.08 8.71 23.41
C SER A 10 13.77 7.51 24.31
N ASN A 11 14.74 7.09 25.10
CA ASN A 11 14.49 6.23 26.27
C ASN A 11 13.33 6.80 27.08
N PRO A 12 12.37 5.96 27.51
CA PRO A 12 11.22 6.58 28.19
C PRO A 12 11.68 7.44 29.37
N VAL A 13 11.01 8.57 29.57
CA VAL A 13 11.35 9.47 30.65
C VAL A 13 10.25 9.46 31.72
N THR A 14 10.67 9.19 32.95
CA THR A 14 9.75 9.21 34.05
C THR A 14 9.15 10.59 34.18
N LEU A 15 7.84 10.65 34.37
CA LEU A 15 7.17 11.87 34.71
C LEU A 15 7.94 12.60 35.78
N GLY A 16 7.97 13.91 35.68
CA GLY A 16 8.67 14.75 36.64
C GLY A 16 10.18 14.72 36.53
N THR A 17 10.75 14.00 35.56
CA THR A 17 12.20 14.04 35.37
C THR A 17 12.62 14.63 34.02
N SER A 18 13.92 14.71 33.83
CA SER A 18 14.55 15.40 32.73
C SER A 18 14.61 14.60 31.45
N ALA A 19 14.22 15.24 30.34
CA ALA A 19 14.41 14.68 29.01
C ALA A 19 15.43 15.53 28.26
N SER A 20 16.15 14.91 27.33
CA SER A 20 17.14 15.59 26.52
C SER A 20 17.04 15.06 25.09
N ILE A 21 16.97 15.94 24.11
CA ILE A 21 16.82 15.54 22.71
C ILE A 21 17.92 16.20 21.85
N SER A 22 18.71 15.38 21.18
CA SER A 22 19.82 15.87 20.39
C SER A 22 19.45 16.12 18.94
N CYS A 23 20.13 17.09 18.34
CA CYS A 23 20.07 17.29 16.88
C CYS A 23 21.47 17.66 16.43
N ARG A 24 21.80 17.31 15.19
CA ARG A 24 22.94 17.89 14.52
C ARG A 24 22.62 18.26 13.08
N SER A 25 23.40 19.22 12.60
CA SER A 25 23.27 19.78 11.28
C SER A 25 24.54 19.58 10.48
N SER A 26 24.40 19.28 9.20
CA SER A 26 25.57 19.02 8.35
C SER A 26 26.30 20.32 7.95
N LYS A 27 25.69 21.46 8.21
CA LYS A 27 26.27 22.73 7.95
C LYS A 27 26.09 23.54 9.21
N SER A 28 27.07 24.36 9.55
CA SER A 28 26.89 25.29 10.65
C SER A 28 25.70 26.21 10.42
N LEU A 29 24.88 26.38 11.46
CA LEU A 29 23.76 27.32 11.42
C LEU A 29 24.05 28.62 12.11
N LEU A 30 25.31 28.83 12.54
CA LEU A 30 25.73 30.06 13.18
C LEU A 30 26.07 31.06 12.12
N HIS A 31 25.31 32.16 12.10
CA HIS A 31 25.43 33.18 11.08
C HIS A 31 26.38 34.30 11.58
N SER A 32 26.94 35.04 10.62
CA SER A 32 27.83 36.17 10.96
C SER A 32 27.18 37.15 11.93
N ASP A 33 25.86 37.09 12.07
CA ASP A 33 25.08 38.10 12.80
C ASP A 33 24.90 37.72 14.29
N GLY A 34 25.48 36.57 14.65
CA GLY A 34 25.50 36.13 16.05
C GLY A 34 24.48 35.03 16.31
N ILE A 35 23.46 34.97 15.45
CA ILE A 35 22.32 34.08 15.64
C ILE A 35 22.62 32.73 15.04
N THR A 36 22.19 31.70 15.77
CA THR A 36 22.22 30.35 15.27
C THR A 36 20.76 30.02 14.93
N TYR A 37 20.53 29.74 13.67
CA TYR A 37 19.19 29.67 13.11
C TYR A 37 18.74 28.22 13.18
N LEU A 38 18.56 27.77 14.41
CA LEU A 38 18.09 26.42 14.75
C LEU A 38 16.73 26.60 15.40
N TYR A 39 15.78 25.75 15.01
CA TYR A 39 14.40 25.84 15.50
C TYR A 39 13.98 24.48 15.93
N TRP A 40 13.14 24.43 16.94
CA TRP A 40 12.50 23.17 17.40
C TRP A 40 10.99 23.33 17.27
N TYR A 41 10.33 22.30 16.73
CA TYR A 41 8.88 22.18 16.64
C TYR A 41 8.40 20.94 17.41
N LEU A 42 7.23 21.06 18.04
CA LEU A 42 6.57 19.96 18.69
C LEU A 42 5.32 19.60 17.90
N GLN A 43 5.17 18.34 17.53
CA GLN A 43 3.93 17.85 16.97
C GLN A 43 3.28 16.88 17.93
N LYS A 44 2.26 17.36 18.64
CA LYS A 44 1.52 16.49 19.55
C LYS A 44 0.61 15.55 18.79
N PRO A 45 0.23 14.43 19.43
CA PRO A 45 -0.49 13.45 18.64
C PRO A 45 -1.81 14.00 18.14
N GLY A 46 -2.05 13.80 16.83
CA GLY A 46 -3.23 14.27 16.16
C GLY A 46 -3.24 15.77 15.88
N GLN A 47 -2.09 16.41 16.04
CA GLN A 47 -1.98 17.86 15.91
C GLN A 47 -1.02 18.20 14.79
N SER A 48 -1.00 19.47 14.44
CA SER A 48 -0.02 19.97 13.49
C SER A 48 1.24 20.34 14.28
N PRO A 49 2.38 20.51 13.60
CA PRO A 49 3.56 20.99 14.35
C PRO A 49 3.29 22.38 14.89
N HIS A 50 3.92 22.73 16.00
CA HIS A 50 3.91 24.14 16.45
C HIS A 50 5.30 24.56 16.90
N LEU A 51 5.61 25.83 16.75
CA LEU A 51 6.94 26.34 17.09
C LEU A 51 7.20 26.26 18.59
N LEU A 52 8.35 25.72 18.97
CA LEU A 52 8.73 25.58 20.38
C LEU A 52 9.85 26.58 20.75
N ILE A 53 10.92 26.55 19.95
CA ILE A 53 12.11 27.35 20.18
C ILE A 53 12.60 27.92 18.86
N TYR A 54 13.00 29.18 18.84
CA TYR A 54 13.57 29.77 17.65
C TYR A 54 14.94 30.37 17.94
N HIS A 55 15.74 30.53 16.90
CA HIS A 55 17.07 31.12 17.04
C HIS A 55 17.84 30.39 18.16
N LEU A 56 17.75 29.06 18.16
CA LEU A 56 18.49 28.16 19.06
C LEU A 56 17.99 28.03 20.51
N SER A 57 17.74 29.16 21.18
CA SER A 57 17.54 29.17 22.61
C SER A 57 16.38 30.04 23.06
N ASN A 58 15.64 30.60 22.11
CA ASN A 58 14.53 31.47 22.44
C ASN A 58 13.17 30.73 22.46
N LEU A 59 12.46 30.83 23.56
CA LEU A 59 11.18 30.14 23.71
C LEU A 59 10.10 30.94 22.97
N ALA A 60 9.26 30.25 22.21
CA ALA A 60 8.12 30.88 21.53
C ALA A 60 7.09 31.34 22.59
N SER A 61 6.16 32.19 22.18
CA SER A 61 5.14 32.65 23.15
C SER A 61 4.34 31.48 23.72
N GLY A 62 4.06 31.54 25.02
CA GLY A 62 3.32 30.49 25.71
C GLY A 62 4.10 29.23 26.08
N VAL A 63 5.32 29.05 25.55
CA VAL A 63 6.05 27.81 25.85
C VAL A 63 6.55 27.88 27.30
N PRO A 64 6.34 26.80 28.08
CA PRO A 64 6.76 26.74 29.47
C PRO A 64 8.28 26.78 29.62
N ASP A 65 8.75 27.48 30.64
CA ASP A 65 10.18 27.57 30.86
C ASP A 65 10.80 26.26 31.33
N ARG A 66 10.02 25.18 31.45
CA ARG A 66 10.60 23.86 31.63
C ARG A 66 11.39 23.49 30.36
N PHE A 67 11.08 24.15 29.25
CA PHE A 67 11.81 23.95 27.98
C PHE A 67 13.02 24.89 27.81
N SER A 68 14.13 24.36 27.28
CA SER A 68 15.31 25.15 27.09
C SER A 68 16.14 24.48 26.00
N SER A 69 16.98 25.26 25.35
CA SER A 69 17.75 24.75 24.22
C SER A 69 19.10 25.45 24.14
N SER A 70 20.13 24.69 23.80
CA SER A 70 21.52 25.16 23.71
C SER A 70 22.17 24.52 22.53
N GLY A 71 23.26 25.11 22.04
CA GLY A 71 24.07 24.41 21.01
C GLY A 71 25.11 25.25 20.30
N SER A 72 25.93 24.59 19.45
CA SER A 72 26.88 25.28 18.64
C SER A 72 26.26 25.65 17.30
N GLY A 73 27.05 25.83 16.25
CA GLY A 73 26.52 25.94 14.92
C GLY A 73 26.03 24.61 14.36
N THR A 74 26.50 23.49 14.91
CA THR A 74 26.24 22.19 14.34
C THR A 74 25.64 21.11 15.24
N ASP A 75 25.67 21.29 16.56
CA ASP A 75 25.21 20.28 17.50
C ASP A 75 24.32 20.94 18.54
N PHE A 76 23.12 20.40 18.73
CA PHE A 76 22.09 21.06 19.54
C PHE A 76 21.40 20.14 20.53
N THR A 77 20.88 20.73 21.61
CA THR A 77 20.26 19.93 22.67
C THR A 77 19.00 20.61 23.22
N LEU A 78 17.87 19.91 23.14
CA LEU A 78 16.60 20.35 23.76
C LEU A 78 16.47 19.63 25.08
N ARG A 79 16.20 20.39 26.14
CA ARG A 79 16.04 19.83 27.45
C ARG A 79 14.67 20.21 27.96
N ILE A 80 13.94 19.26 28.52
CA ILE A 80 12.68 19.55 29.24
C ILE A 80 13.00 19.17 30.68
N SER A 81 12.83 20.09 31.63
CA SER A 81 13.42 19.88 32.96
C SER A 81 12.70 18.86 33.84
N ARG A 82 11.36 18.87 33.75
CA ARG A 82 10.47 18.04 34.56
C ARG A 82 9.28 17.68 33.68
N VAL A 83 9.38 16.56 32.99
CA VAL A 83 8.43 16.25 31.94
C VAL A 83 7.00 16.06 32.51
N GLU A 84 6.03 16.54 31.75
CA GLU A 84 4.63 16.39 32.06
C GLU A 84 3.94 15.63 30.94
N ALA A 85 2.84 14.97 31.29
CA ALA A 85 2.09 14.15 30.34
C ALA A 85 1.88 14.86 29.00
N GLU A 86 1.52 16.14 29.05
CA GLU A 86 1.19 16.97 27.88
C GLU A 86 2.34 17.16 26.87
N ASP A 87 3.56 16.89 27.31
CA ASP A 87 4.75 17.14 26.51
C ASP A 87 4.99 16.05 25.51
N VAL A 88 4.25 14.94 25.58
CA VAL A 88 4.46 13.83 24.61
C VAL A 88 4.16 14.26 23.18
N GLY A 89 4.92 13.72 22.23
CA GLY A 89 4.77 14.09 20.85
C GLY A 89 6.09 13.85 20.13
N ILE A 90 6.22 14.41 18.94
CA ILE A 90 7.41 14.26 18.12
C ILE A 90 8.07 15.64 18.01
N TYR A 91 9.37 15.68 18.37
CA TYR A 91 10.13 16.95 18.40
C TYR A 91 11.01 16.96 17.16
N TYR A 92 10.89 18.04 16.37
CA TYR A 92 11.62 18.21 15.11
C TYR A 92 12.54 19.40 15.21
N CYS A 93 13.75 19.22 14.71
CA CYS A 93 14.68 20.33 14.56
C CYS A 93 14.62 20.73 13.08
N ALA A 94 14.96 22.00 12.86
CA ALA A 94 14.93 22.64 11.55
C ALA A 94 15.92 23.79 11.56
N HIS A 95 16.46 24.09 10.39
CA HIS A 95 17.36 25.20 10.17
C HIS A 95 16.58 26.26 9.41
N ASN A 96 17.11 27.49 9.44
CA ASN A 96 16.68 28.58 8.60
C ASN A 96 17.90 29.38 8.09
N VAL A 97 18.77 28.76 7.29
CA VAL A 97 19.93 29.43 6.69
C VAL A 97 19.97 29.37 5.14
N GLU A 98 19.10 28.57 4.56
CA GLU A 98 19.02 28.46 3.12
C GLU A 98 17.75 27.76 2.73
N LEU A 99 17.53 27.68 1.42
CA LEU A 99 16.61 26.73 0.83
C LEU A 99 17.44 25.66 0.18
N PRO A 100 16.92 24.42 0.12
CA PRO A 100 15.60 24.10 0.66
C PRO A 100 15.55 24.05 2.17
N ARG A 101 14.37 24.34 2.71
CA ARG A 101 14.15 24.16 4.11
C ARG A 101 14.09 22.65 4.41
N THR A 102 14.83 22.22 5.42
CA THR A 102 14.79 20.83 5.84
C THR A 102 14.60 20.71 7.35
N PHE A 103 14.00 19.58 7.68
CA PHE A 103 13.63 19.18 9.04
C PHE A 103 14.41 17.93 9.37
N GLY A 104 14.68 17.73 10.66
CA GLY A 104 15.08 16.43 11.17
C GLY A 104 13.92 15.44 11.07
N GLY A 105 14.22 14.14 11.23
CA GLY A 105 13.19 13.12 11.22
C GLY A 105 12.18 13.07 12.36
N GLY A 106 12.40 13.85 13.41
CA GLY A 106 11.56 13.78 14.57
C GLY A 106 12.07 12.83 15.61
N THR A 107 11.98 13.25 16.87
CA THR A 107 12.33 12.39 18.01
C THR A 107 11.08 12.33 18.83
N LYS A 108 10.59 11.12 19.05
CA LYS A 108 9.41 10.86 19.84
C LYS A 108 9.79 10.77 21.30
N LEU A 109 9.15 11.61 22.09
CA LEU A 109 9.28 11.56 23.53
C LEU A 109 8.32 10.54 24.11
N GLU A 110 8.85 9.54 24.80
CA GLU A 110 7.99 8.63 25.53
C GLU A 110 8.11 8.94 27.01
N ILE A 111 6.96 8.94 27.67
CA ILE A 111 6.87 9.07 29.10
C ILE A 111 6.79 7.69 29.73
N LYS A 112 7.51 7.54 30.85
CA LYS A 112 7.42 6.37 31.70
C LYS A 112 6.51 6.71 32.86
N ARG A 113 5.55 5.82 33.12
CA ARG A 113 4.63 5.95 34.25
C ARG A 113 4.44 4.59 34.90
N ALA A 114 3.63 4.53 35.94
CA ALA A 114 3.33 3.28 36.63
C ALA A 114 2.58 2.35 35.70
N ASP A 115 2.90 1.07 35.80
CA ASP A 115 2.22 0.05 35.04
C ASP A 115 0.74 0.17 35.35
N ALA A 116 -0.11 -0.07 34.34
CA ALA A 116 -1.56 0.01 34.49
C ALA A 116 -2.11 -1.11 33.64
N ALA A 117 -3.03 -1.89 34.21
CA ALA A 117 -3.68 -2.96 33.50
C ALA A 117 -4.70 -2.37 32.53
N PRO A 118 -4.89 -3.03 31.39
CA PRO A 118 -5.93 -2.59 30.49
C PRO A 118 -7.32 -2.85 31.01
N THR A 119 -8.23 -1.95 30.63
CA THR A 119 -9.63 -2.14 30.77
C THR A 119 -10.13 -2.71 29.48
N VAL A 120 -10.68 -3.92 29.55
CA VAL A 120 -11.09 -4.67 28.36
C VAL A 120 -12.62 -4.67 28.19
N SER A 121 -13.07 -4.38 26.97
CA SER A 121 -14.51 -4.40 26.62
C SER A 121 -14.69 -5.13 25.30
N ILE A 122 -15.65 -6.04 25.21
CA ILE A 122 -15.98 -6.72 23.96
C ILE A 122 -17.37 -6.31 23.52
N PHE A 123 -17.54 -6.20 22.21
CA PHE A 123 -18.81 -5.75 21.60
C PHE A 123 -19.24 -6.71 20.51
N PRO A 124 -20.46 -7.28 20.62
CA PRO A 124 -21.00 -8.08 19.54
C PRO A 124 -21.36 -7.24 18.31
N PRO A 125 -21.44 -7.88 17.13
CA PRO A 125 -21.90 -7.13 15.97
C PRO A 125 -23.29 -6.49 16.18
N SER A 126 -23.43 -5.24 15.74
CA SER A 126 -24.73 -4.57 15.71
C SER A 126 -25.75 -5.31 14.84
N SER A 127 -27.02 -5.16 15.20
CA SER A 127 -28.09 -5.57 14.32
C SER A 127 -27.94 -4.93 12.95
N GLU A 128 -27.50 -3.67 12.89
CA GLU A 128 -27.29 -3.00 11.60
C GLU A 128 -26.27 -3.66 10.74
N GLN A 129 -25.14 -4.01 11.33
CA GLN A 129 -24.10 -4.64 10.56
C GLN A 129 -24.59 -5.97 10.03
N LEU A 130 -25.30 -6.71 10.87
CA LEU A 130 -25.80 -8.03 10.44
C LEU A 130 -26.77 -7.88 9.28
N THR A 131 -27.61 -6.86 9.29
CA THR A 131 -28.44 -6.57 8.09
C THR A 131 -27.60 -6.40 6.79
N SER A 132 -26.41 -5.83 6.90
CA SER A 132 -25.55 -5.56 5.76
C SER A 132 -24.80 -6.81 5.35
N GLY A 133 -24.84 -7.87 6.18
CA GLY A 133 -24.16 -9.12 5.82
C GLY A 133 -22.83 -9.31 6.51
N GLY A 134 -22.47 -8.37 7.37
CA GLY A 134 -21.21 -8.38 8.08
C GLY A 134 -21.35 -8.70 9.56
N ALA A 135 -20.26 -9.14 10.18
CA ALA A 135 -20.21 -9.36 11.62
C ALA A 135 -18.79 -9.13 12.13
N SER A 136 -18.52 -7.90 12.58
CA SER A 136 -17.21 -7.57 13.15
C SER A 136 -17.37 -7.54 14.65
N VAL A 137 -16.50 -8.26 15.34
CA VAL A 137 -16.49 -8.28 16.79
C VAL A 137 -15.34 -7.40 17.23
N VAL A 138 -15.59 -6.47 18.14
CA VAL A 138 -14.60 -5.49 18.50
C VAL A 138 -14.22 -5.72 19.94
N CYS A 139 -12.93 -5.65 20.23
CA CYS A 139 -12.46 -5.67 21.60
C CYS A 139 -11.50 -4.48 21.81
N PHE A 140 -11.80 -3.66 22.84
CA PHE A 140 -10.97 -2.53 23.23
C PHE A 140 -10.14 -2.87 24.45
N LEU A 141 -8.85 -2.64 24.37
CA LEU A 141 -7.95 -2.80 25.51
C LEU A 141 -7.41 -1.41 25.83
N ASN A 142 -8.04 -0.75 26.81
CA ASN A 142 -7.86 0.67 27.02
C ASN A 142 -7.07 1.10 28.26
N ASN A 143 -6.23 2.13 28.05
CA ASN A 143 -5.50 2.84 29.09
C ASN A 143 -4.60 1.95 29.91
N PHE A 144 -3.74 1.22 29.20
CA PHE A 144 -2.72 0.41 29.84
C PHE A 144 -1.31 1.00 29.71
N TYR A 145 -0.43 0.55 30.57
CA TYR A 145 0.99 0.87 30.48
C TYR A 145 1.80 -0.28 31.07
N PRO A 146 2.87 -0.70 30.39
CA PRO A 146 3.51 -0.19 29.18
C PRO A 146 2.84 -0.63 27.86
N LYS A 147 3.40 -0.16 26.75
CA LYS A 147 2.79 -0.31 25.42
C LYS A 147 2.55 -1.74 25.00
N ASP A 148 3.43 -2.66 25.40
CA ASP A 148 3.39 -4.02 24.89
C ASP A 148 2.23 -4.81 25.46
N ILE A 149 1.55 -5.52 24.58
CA ILE A 149 0.34 -6.25 24.95
C ILE A 149 -0.02 -7.27 23.88
N ASN A 150 -0.72 -8.32 24.30
CA ASN A 150 -1.15 -9.38 23.41
C ASN A 150 -2.64 -9.60 23.55
N VAL A 151 -3.31 -9.85 22.42
CA VAL A 151 -4.73 -10.20 22.43
C VAL A 151 -4.89 -11.54 21.73
N LYS A 152 -5.73 -12.39 22.29
CA LYS A 152 -6.08 -13.69 21.72
C LYS A 152 -7.59 -13.77 21.62
N TRP A 153 -8.08 -14.10 20.43
CA TRP A 153 -9.50 -14.36 20.20
C TRP A 153 -9.81 -15.85 20.24
N LYS A 154 -10.90 -16.19 20.90
CA LYS A 154 -11.42 -17.54 20.82
C LYS A 154 -12.87 -17.57 20.36
N ILE A 155 -13.15 -18.50 19.46
CA ILE A 155 -14.52 -18.80 19.04
C ILE A 155 -14.86 -20.22 19.54
N ASP A 156 -15.90 -20.34 20.35
CA ASP A 156 -16.27 -21.61 20.93
C ASP A 156 -15.02 -22.33 21.42
N GLY A 157 -14.25 -21.60 22.24
CA GLY A 157 -13.06 -22.16 22.88
C GLY A 157 -11.81 -22.30 22.04
N SER A 158 -11.94 -22.24 20.71
CA SER A 158 -10.80 -22.45 19.81
C SER A 158 -10.19 -21.14 19.35
N GLU A 159 -8.86 -21.08 19.28
CA GLU A 159 -8.17 -19.84 18.98
C GLU A 159 -8.31 -19.49 17.52
N ARG A 160 -8.61 -18.22 17.29
CA ARG A 160 -8.90 -17.67 16.00
C ARG A 160 -7.91 -16.56 15.74
N GLN A 161 -7.19 -16.64 14.63
CA GLN A 161 -6.29 -15.56 14.22
C GLN A 161 -6.73 -14.91 12.93
N ASN A 162 -7.42 -15.70 12.11
CA ASN A 162 -7.90 -15.28 10.80
C ASN A 162 -8.91 -14.14 10.91
N GLY A 163 -8.66 -13.03 10.23
CA GLY A 163 -9.62 -11.91 10.22
C GLY A 163 -9.45 -10.97 11.39
N VAL A 164 -8.29 -11.04 12.06
CA VAL A 164 -8.01 -10.16 13.22
C VAL A 164 -7.11 -9.02 12.82
N LEU A 165 -7.54 -7.80 13.12
CA LEU A 165 -6.69 -6.67 12.84
C LEU A 165 -6.66 -5.79 14.06
N ASN A 166 -5.43 -5.33 14.36
CA ASN A 166 -5.11 -4.65 15.60
C ASN A 166 -4.60 -3.27 15.29
N SER A 167 -4.91 -2.32 16.15
CA SER A 167 -4.50 -0.95 16.00
C SER A 167 -4.19 -0.36 17.37
N TRP A 168 -3.05 0.31 17.50
CA TRP A 168 -2.58 0.85 18.77
C TRP A 168 -2.63 2.40 18.70
N THR A 169 -3.12 3.05 19.74
CA THR A 169 -3.00 4.50 19.80
C THR A 169 -1.54 4.93 20.13
N ASP A 170 -1.23 6.17 19.81
CA ASP A 170 -0.07 6.86 20.39
C ASP A 170 -0.27 7.10 21.90
N GLN A 171 0.80 7.49 22.57
CA GLN A 171 0.72 7.64 24.01
C GLN A 171 -0.22 8.77 24.36
N ASP A 172 -1.02 8.58 25.38
CA ASP A 172 -2.04 9.57 25.74
C ASP A 172 -1.41 10.82 26.37
N SER A 173 -1.82 12.01 25.92
CA SER A 173 -1.33 13.30 26.42
C SER A 173 -1.75 13.61 27.84
N LYS A 174 -2.74 12.87 28.33
CA LYS A 174 -3.30 13.13 29.65
C LYS A 174 -2.82 12.16 30.71
N ASP A 175 -2.93 10.86 30.46
CA ASP A 175 -2.53 9.87 31.47
C ASP A 175 -1.35 9.03 31.08
N SER A 176 -0.73 9.30 29.94
CA SER A 176 0.48 8.61 29.52
C SER A 176 0.29 7.11 29.27
N THR A 177 -0.96 6.68 29.14
CA THR A 177 -1.25 5.28 28.77
C THR A 177 -1.40 5.07 27.27
N TYR A 178 -1.54 3.79 26.90
CA TYR A 178 -1.81 3.36 25.55
C TYR A 178 -3.08 2.56 25.54
N SER A 179 -3.71 2.48 24.38
CA SER A 179 -4.92 1.69 24.15
C SER A 179 -4.78 0.93 22.81
N MET A 180 -5.50 -0.17 22.65
CA MET A 180 -5.41 -0.95 21.42
C MET A 180 -6.81 -1.46 21.13
N SER A 181 -7.18 -1.50 19.84
CA SER A 181 -8.42 -2.18 19.44
C SER A 181 -8.04 -3.47 18.69
N SER A 182 -8.81 -4.53 18.89
CA SER A 182 -8.68 -5.73 18.08
C SER A 182 -10.06 -5.99 17.49
N THR A 183 -10.14 -6.13 16.18
CA THR A 183 -11.41 -6.29 15.50
C THR A 183 -11.37 -7.63 14.78
N LEU A 184 -12.31 -8.51 15.09
CA LEU A 184 -12.44 -9.79 14.41
C LEU A 184 -13.53 -9.64 13.36
N THR A 185 -13.12 -9.67 12.09
CA THR A 185 -14.02 -9.45 10.95
C THR A 185 -14.51 -10.78 10.43
N LEU A 186 -15.80 -11.03 10.60
CA LEU A 186 -16.47 -12.21 10.07
C LEU A 186 -17.55 -11.76 9.07
N THR A 187 -17.94 -12.68 8.19
CA THR A 187 -19.20 -12.55 7.46
C THR A 187 -20.31 -12.99 8.39
N LYS A 188 -21.52 -12.49 8.13
CA LYS A 188 -22.72 -12.94 8.87
C LYS A 188 -22.83 -14.43 8.81
N ASP A 189 -22.59 -14.98 7.60
CA ASP A 189 -22.62 -16.42 7.40
C ASP A 189 -21.72 -17.17 8.40
N GLU A 190 -20.46 -16.78 8.55
CA GLU A 190 -19.55 -17.47 9.50
C GLU A 190 -19.83 -17.17 10.96
N TYR A 191 -20.17 -15.92 11.28
CA TYR A 191 -20.53 -15.56 12.64
C TYR A 191 -21.67 -16.41 13.20
N GLU A 192 -22.69 -16.64 12.38
CA GLU A 192 -23.84 -17.44 12.79
C GLU A 192 -23.59 -18.95 12.85
N ARG A 193 -22.37 -19.39 12.52
CA ARG A 193 -22.00 -20.81 12.65
C ARG A 193 -21.36 -21.12 14.01
N HIS A 194 -21.29 -20.13 14.91
CA HIS A 194 -20.69 -20.28 16.24
C HIS A 194 -21.45 -19.50 17.29
N ASN A 195 -21.21 -19.77 18.57
CA ASN A 195 -21.98 -19.13 19.66
C ASN A 195 -21.17 -18.21 20.54
N SER A 196 -20.02 -18.68 21.01
CA SER A 196 -19.30 -17.93 22.04
C SER A 196 -18.04 -17.29 21.49
N TYR A 197 -17.90 -16.00 21.78
CA TYR A 197 -16.82 -15.16 21.28
C TYR A 197 -16.08 -14.57 22.47
N THR A 198 -14.76 -14.74 22.48
CA THR A 198 -13.92 -14.33 23.61
C THR A 198 -12.70 -13.58 23.11
N CYS A 199 -12.34 -12.48 23.78
CA CYS A 199 -11.02 -11.83 23.59
C CYS A 199 -10.29 -11.85 24.95
N GLU A 200 -9.00 -12.16 24.90
CA GLU A 200 -8.20 -12.28 26.10
C GLU A 200 -7.01 -11.38 25.98
N ALA A 201 -6.82 -10.50 26.95
CA ALA A 201 -5.68 -9.58 26.97
C ALA A 201 -4.60 -10.08 27.94
N THR A 202 -3.38 -10.29 27.44
CA THR A 202 -2.22 -10.55 28.29
C THR A 202 -1.24 -9.36 28.27
N HIS A 203 -0.94 -8.86 29.47
CA HIS A 203 -0.11 -7.68 29.69
C HIS A 203 0.79 -7.95 30.92
N LYS A 204 1.92 -7.28 31.02
CA LYS A 204 2.83 -7.55 32.15
C LYS A 204 2.25 -7.37 33.56
N THR A 205 1.14 -6.65 33.67
CA THR A 205 0.54 -6.38 34.97
C THR A 205 -0.10 -7.59 35.65
N SER A 206 -0.21 -8.72 34.93
CA SER A 206 -0.60 -9.98 35.52
C SER A 206 -0.17 -11.15 34.67
N THR A 207 0.02 -12.32 35.32
CA THR A 207 0.38 -13.54 34.59
C THR A 207 -0.89 -14.20 34.01
N SER A 208 -2.06 -13.72 34.43
CA SER A 208 -3.34 -14.21 33.95
C SER A 208 -3.97 -13.21 32.97
N PRO A 209 -4.49 -13.69 31.83
CA PRO A 209 -5.14 -12.75 30.91
C PRO A 209 -6.47 -12.25 31.48
N ILE A 210 -6.85 -11.06 31.03
CA ILE A 210 -8.17 -10.49 31.27
C ILE A 210 -9.04 -10.98 30.15
N VAL A 211 -10.10 -11.71 30.49
CA VAL A 211 -10.92 -12.41 29.52
C VAL A 211 -12.30 -11.79 29.46
N LYS A 212 -12.74 -11.41 28.25
CA LYS A 212 -14.10 -10.92 28.02
C LYS A 212 -14.78 -11.76 26.95
N SER A 213 -16.05 -12.01 27.15
CA SER A 213 -16.78 -12.92 26.26
C SER A 213 -18.24 -12.49 26.09
N PHE A 214 -18.86 -13.00 25.03
CA PHE A 214 -20.31 -12.98 24.93
C PHE A 214 -20.80 -14.22 24.19
N ASN A 215 -22.07 -14.55 24.35
CA ASN A 215 -22.68 -15.61 23.51
C ASN A 215 -23.57 -14.95 22.48
N ARG A 216 -23.46 -15.37 21.22
CA ARG A 216 -24.36 -14.95 20.17
C ARG A 216 -25.73 -15.53 20.45
N GLU B 1 -5.76 34.78 17.61
CA GLU B 1 -4.48 35.25 17.04
C GLU B 1 -4.44 34.91 15.54
N VAL B 2 -3.34 34.33 15.09
CA VAL B 2 -3.16 33.95 13.70
C VAL B 2 -3.84 32.61 13.51
N LYS B 3 -4.57 32.51 12.42
CA LYS B 3 -5.22 31.26 12.05
C LYS B 3 -4.87 30.94 10.62
N VAL B 4 -4.45 29.70 10.39
CA VAL B 4 -4.04 29.26 9.04
C VAL B 4 -4.93 28.05 8.76
N GLU B 5 -5.67 28.04 7.65
CA GLU B 5 -6.68 27.02 7.41
C GLU B 5 -6.71 26.54 5.94
N GLU B 6 -6.33 25.29 5.75
CA GLU B 6 -6.23 24.70 4.43
C GLU B 6 -7.53 24.04 4.00
N SER B 7 -7.68 23.94 2.68
CA SER B 7 -8.82 23.28 2.07
C SER B 7 -8.43 22.83 0.68
N GLY B 8 -9.31 22.05 0.07
CA GLY B 8 -9.15 21.66 -1.32
C GLY B 8 -8.57 20.27 -1.55
N GLY B 9 -8.22 19.58 -0.47
CA GLY B 9 -7.71 18.20 -0.60
C GLY B 9 -8.76 17.18 -0.98
N GLY B 10 -8.31 15.96 -1.24
CA GLY B 10 -9.22 14.87 -1.63
C GLY B 10 -8.46 13.81 -2.39
N LEU B 11 -9.17 13.10 -3.27
CA LEU B 11 -8.59 11.95 -4.00
C LEU B 11 -8.46 12.31 -5.47
N VAL B 12 -7.36 11.90 -6.11
CA VAL B 12 -7.26 12.01 -7.55
C VAL B 12 -6.42 10.85 -8.05
N GLN B 13 -6.62 10.51 -9.32
CA GLN B 13 -5.95 9.42 -10.02
C GLN B 13 -4.49 9.76 -10.32
N PRO B 14 -3.59 8.77 -10.24
CA PRO B 14 -2.25 9.08 -10.74
C PRO B 14 -2.30 9.79 -12.11
N GLY B 15 -1.42 10.75 -12.32
CA GLY B 15 -1.42 11.57 -13.53
C GLY B 15 -2.35 12.75 -13.48
N GLY B 16 -3.27 12.77 -12.50
CA GLY B 16 -4.19 13.87 -12.38
C GLY B 16 -3.62 15.05 -11.62
N SER B 17 -4.49 16.00 -11.33
CA SER B 17 -4.12 17.26 -10.75
C SER B 17 -4.97 17.60 -9.55
N MET B 18 -4.50 18.56 -8.79
CA MET B 18 -5.23 19.05 -7.65
C MET B 18 -4.80 20.45 -7.35
N LYS B 19 -5.71 21.26 -6.80
CA LYS B 19 -5.36 22.61 -6.41
C LYS B 19 -5.84 22.80 -4.98
N ILE B 20 -4.90 23.08 -4.09
CA ILE B 20 -5.24 23.29 -2.67
C ILE B 20 -4.98 24.74 -2.33
N SER B 21 -5.53 25.18 -1.19
CA SER B 21 -5.37 26.56 -0.80
C SER B 21 -5.43 26.66 0.70
N CYS B 22 -5.00 27.79 1.24
CA CYS B 22 -5.27 28.13 2.63
C CYS B 22 -5.53 29.61 2.76
N VAL B 23 -6.34 29.95 3.74
CA VAL B 23 -6.62 31.33 4.06
C VAL B 23 -6.05 31.60 5.45
N VAL B 24 -5.38 32.75 5.59
CA VAL B 24 -4.76 33.10 6.82
C VAL B 24 -5.46 34.32 7.38
N SER B 25 -5.69 34.31 8.68
CA SER B 25 -6.27 35.49 9.32
C SER B 25 -5.48 35.80 10.58
N GLY B 26 -5.61 37.03 11.05
CA GLY B 26 -4.98 37.44 12.30
C GLY B 26 -3.59 38.01 12.09
N LEU B 27 -3.18 38.12 10.84
CA LEU B 27 -2.02 38.90 10.46
C LEU B 27 -2.27 39.54 9.10
N THR B 28 -1.39 40.43 8.69
CA THR B 28 -1.46 41.06 7.39
C THR B 28 -0.71 40.16 6.41
N PHE B 29 -1.49 39.34 5.70
CA PHE B 29 -1.03 38.24 4.84
C PHE B 29 0.04 38.65 3.85
N SER B 30 -0.18 39.79 3.19
CA SER B 30 0.73 40.31 2.18
C SER B 30 2.18 40.59 2.67
N ASN B 31 2.37 40.61 3.99
CA ASN B 31 3.68 40.89 4.57
C ASN B 31 4.48 39.65 4.96
N TYR B 32 3.90 38.47 4.79
CA TYR B 32 4.55 37.22 5.17
C TYR B 32 4.95 36.33 3.99
N TRP B 33 6.10 35.67 4.12
CA TRP B 33 6.45 34.64 3.18
C TRP B 33 5.53 33.44 3.41
N MET B 34 5.36 32.64 2.36
CA MET B 34 4.40 31.55 2.36
C MET B 34 5.02 30.31 1.77
N SER B 35 4.78 29.17 2.42
CA SER B 35 5.31 27.91 1.97
C SER B 35 4.29 26.80 2.13
N TRP B 36 4.54 25.70 1.43
CA TRP B 36 3.82 24.45 1.65
C TRP B 36 4.83 23.39 2.07
N VAL B 37 4.48 22.64 3.11
CA VAL B 37 5.28 21.56 3.65
C VAL B 37 4.34 20.37 3.73
N ARG B 38 4.76 19.24 3.16
CA ARG B 38 3.94 18.03 3.23
C ARG B 38 4.51 17.01 4.18
N GLN B 39 3.66 16.14 4.71
CA GLN B 39 4.07 15.16 5.66
C GLN B 39 3.57 13.78 5.21
N SER B 40 4.51 12.84 5.09
CA SER B 40 4.14 11.46 4.84
C SER B 40 4.94 10.62 5.79
N PRO B 41 4.42 9.44 6.16
CA PRO B 41 5.25 8.57 6.99
C PRO B 41 6.60 8.24 6.34
N GLU B 42 6.65 8.21 5.01
CA GLU B 42 7.84 7.75 4.30
C GLU B 42 8.96 8.78 4.26
N LYS B 43 8.57 10.05 4.12
CA LYS B 43 9.53 11.12 3.98
C LYS B 43 9.53 12.13 5.15
N GLY B 44 8.59 11.98 6.09
CA GLY B 44 8.45 12.96 7.18
C GLY B 44 8.00 14.30 6.62
N LEU B 45 8.49 15.38 7.27
CA LEU B 45 8.22 16.74 6.86
C LEU B 45 9.07 17.11 5.65
N GLU B 46 8.40 17.56 4.61
CA GLU B 46 9.05 17.88 3.36
C GLU B 46 8.54 19.24 2.80
N TRP B 47 9.40 20.26 2.85
CA TRP B 47 9.13 21.55 2.23
C TRP B 47 9.09 21.35 0.73
N VAL B 48 8.07 21.88 0.07
CA VAL B 48 7.93 21.67 -1.38
C VAL B 48 7.87 22.94 -2.21
N ALA B 49 7.39 24.06 -1.65
CA ALA B 49 7.28 25.27 -2.45
C ALA B 49 7.17 26.48 -1.54
N GLU B 50 7.72 27.62 -1.97
CA GLU B 50 7.64 28.88 -1.21
C GLU B 50 7.45 30.08 -2.12
N ILE B 51 6.73 31.08 -1.64
CA ILE B 51 6.51 32.31 -2.40
C ILE B 51 6.77 33.51 -1.49
N ARG B 52 7.47 34.50 -2.03
CA ARG B 52 7.87 35.69 -1.30
C ARG B 52 6.85 36.77 -1.58
N LEU B 53 7.25 38.05 -1.45
CA LEU B 53 6.27 39.12 -1.42
C LEU B 53 6.10 39.83 -2.73
N LYS B 54 5.08 40.68 -2.80
CA LYS B 54 4.88 41.57 -3.94
C LYS B 54 6.16 42.36 -4.29
N SER B 55 6.90 42.85 -3.28
CA SER B 55 8.18 43.55 -3.52
C SER B 55 9.30 42.68 -4.11
N ASP B 56 9.13 41.36 -4.06
CA ASP B 56 10.13 40.42 -4.57
C ASP B 56 9.68 39.88 -5.93
N ASN B 57 8.77 40.61 -6.56
CA ASN B 57 8.04 40.12 -7.75
C ASN B 57 7.46 38.73 -7.50
N TYR B 58 6.91 38.52 -6.30
CA TYR B 58 6.33 37.27 -5.93
C TYR B 58 7.24 36.08 -6.30
N ALA B 59 8.54 36.26 -6.05
CA ALA B 59 9.54 35.18 -6.28
C ALA B 59 9.13 33.82 -5.68
N THR B 60 9.40 32.74 -6.43
CA THR B 60 9.00 31.37 -6.03
C THR B 60 10.18 30.42 -6.04
N TYR B 61 10.08 29.40 -5.18
CA TYR B 61 11.11 28.39 -4.96
C TYR B 61 10.46 27.05 -4.72
N TYR B 62 11.06 25.99 -5.26
CA TYR B 62 10.48 24.65 -5.20
C TYR B 62 11.50 23.61 -4.81
N ALA B 63 11.06 22.53 -4.18
CA ALA B 63 11.94 21.39 -3.95
C ALA B 63 12.22 20.74 -5.28
N GLU B 64 13.41 20.17 -5.42
CA GLU B 64 13.78 19.59 -6.69
C GLU B 64 12.78 18.51 -7.10
N SER B 65 12.27 17.75 -6.13
CA SER B 65 11.34 16.66 -6.41
C SER B 65 9.99 17.07 -7.00
N VAL B 66 9.65 18.36 -6.99
CA VAL B 66 8.37 18.84 -7.52
C VAL B 66 8.48 19.98 -8.53
N LYS B 67 9.69 20.48 -8.81
CA LYS B 67 9.84 21.53 -9.81
C LYS B 67 9.26 21.01 -11.12
N GLY B 68 8.55 21.89 -11.82
CA GLY B 68 7.85 21.52 -13.04
C GLY B 68 6.45 20.97 -12.80
N LYS B 69 6.22 20.35 -11.64
CA LYS B 69 4.93 19.73 -11.33
C LYS B 69 4.01 20.67 -10.53
N PHE B 70 4.61 21.46 -9.65
CA PHE B 70 3.84 22.26 -8.70
C PHE B 70 4.02 23.75 -8.99
N THR B 71 2.97 24.53 -8.75
CA THR B 71 2.98 25.97 -8.90
C THR B 71 2.35 26.64 -7.69
N ILE B 72 3.15 27.45 -7.03
CA ILE B 72 2.68 28.14 -5.85
C ILE B 72 2.27 29.57 -6.23
N SER B 73 1.20 30.07 -5.62
CA SER B 73 0.70 31.38 -5.93
C SER B 73 -0.12 31.94 -4.78
N ARG B 74 -0.33 33.26 -4.79
CA ARG B 74 -0.99 33.95 -3.69
C ARG B 74 -1.86 35.09 -4.20
N ASP B 75 -2.93 35.35 -3.47
CA ASP B 75 -3.86 36.41 -3.76
C ASP B 75 -3.94 37.22 -2.50
N ASP B 76 -3.12 38.26 -2.41
CA ASP B 76 -2.96 39.04 -1.21
C ASP B 76 -4.26 39.70 -0.79
N SER B 77 -5.13 39.98 -1.76
CA SER B 77 -6.38 40.67 -1.48
C SER B 77 -7.37 39.75 -0.76
N LYS B 78 -7.22 38.44 -0.99
CA LYS B 78 -8.09 37.43 -0.39
C LYS B 78 -7.42 36.71 0.79
N SER B 79 -6.18 37.08 1.09
CA SER B 79 -5.39 36.43 2.14
C SER B 79 -5.31 34.91 1.92
N ARG B 80 -5.09 34.52 0.67
CA ARG B 80 -5.15 33.12 0.24
C ARG B 80 -3.88 32.72 -0.53
N LEU B 81 -3.36 31.54 -0.20
CA LEU B 81 -2.23 30.88 -0.86
C LEU B 81 -2.73 29.66 -1.62
N TYR B 82 -2.14 29.37 -2.77
CA TYR B 82 -2.56 28.21 -3.55
C TYR B 82 -1.37 27.37 -3.89
N LEU B 83 -1.65 26.09 -4.08
CA LEU B 83 -0.72 25.17 -4.71
C LEU B 83 -1.44 24.39 -5.79
N GLN B 84 -0.95 24.54 -7.03
CA GLN B 84 -1.45 23.80 -8.17
C GLN B 84 -0.49 22.65 -8.40
N MET B 85 -1.00 21.42 -8.33
CA MET B 85 -0.20 20.22 -8.37
C MET B 85 -0.63 19.41 -9.58
N ASN B 86 0.26 19.27 -10.55
CA ASN B 86 -0.02 18.52 -11.75
C ASN B 86 0.78 17.23 -11.88
N ASN B 87 0.30 16.32 -12.72
CA ASN B 87 0.97 15.02 -12.97
C ASN B 87 1.35 14.27 -11.69
N LEU B 88 0.36 14.15 -10.78
CA LEU B 88 0.59 13.61 -9.48
C LEU B 88 0.90 12.12 -9.54
N ARG B 89 1.78 11.71 -8.64
CA ARG B 89 2.12 10.32 -8.46
C ARG B 89 1.73 9.87 -7.07
N THR B 90 1.63 8.56 -6.87
CA THR B 90 1.27 7.99 -5.58
C THR B 90 2.12 8.54 -4.44
N GLU B 91 3.39 8.85 -4.70
CA GLU B 91 4.30 9.38 -3.67
C GLU B 91 4.02 10.83 -3.28
N ASP B 92 3.15 11.51 -4.02
CA ASP B 92 2.71 12.86 -3.69
C ASP B 92 1.57 12.85 -2.67
N THR B 93 1.13 11.66 -2.31
CA THR B 93 0.14 11.43 -1.24
C THR B 93 0.72 11.94 0.08
N GLY B 94 -0.04 12.77 0.79
CA GLY B 94 0.40 13.27 2.05
C GLY B 94 -0.58 14.28 2.61
N ILE B 95 -0.22 14.74 3.80
CA ILE B 95 -0.88 15.91 4.42
C ILE B 95 -0.08 17.12 3.98
N TYR B 96 -0.76 18.08 3.37
CA TYR B 96 -0.14 19.31 2.93
C TYR B 96 -0.51 20.44 3.91
N TYR B 97 0.51 21.01 4.57
CA TYR B 97 0.37 22.20 5.41
C TYR B 97 0.80 23.49 4.71
N CYS B 98 0.08 24.57 5.00
CA CYS B 98 0.62 25.91 4.86
C CYS B 98 1.49 26.19 6.08
N PHE B 99 2.73 26.56 5.76
CA PHE B 99 3.75 26.91 6.73
C PHE B 99 4.24 28.28 6.40
N LEU B 100 4.02 29.21 7.32
CA LEU B 100 4.54 30.54 7.20
C LEU B 100 5.88 30.56 7.91
N PRO B 101 6.99 30.47 7.15
CA PRO B 101 8.28 30.36 7.81
C PRO B 101 8.53 31.56 8.72
N MET B 102 8.95 31.35 9.96
CA MET B 102 9.15 30.02 10.57
C MET B 102 8.12 29.73 11.63
N ASP B 103 7.14 30.62 11.78
CA ASP B 103 6.37 30.62 12.99
C ASP B 103 5.02 29.97 12.99
N TYR B 104 4.35 29.87 11.85
CA TYR B 104 2.97 29.34 11.82
C TYR B 104 2.74 28.17 10.91
N TRP B 105 1.91 27.25 11.38
CA TRP B 105 1.49 26.06 10.63
C TRP B 105 -0.03 26.05 10.55
N GLY B 106 -0.57 25.53 9.45
CA GLY B 106 -2.01 25.34 9.32
C GLY B 106 -2.35 23.98 9.89
N GLN B 107 -3.55 23.46 9.59
CA GLN B 107 -3.93 22.19 10.19
C GLN B 107 -3.82 21.04 9.22
N GLY B 108 -3.42 21.35 8.01
CA GLY B 108 -3.18 20.34 6.98
C GLY B 108 -4.42 20.02 6.16
N THR B 109 -4.18 19.67 4.90
CA THR B 109 -5.22 19.07 4.06
C THR B 109 -4.66 17.83 3.36
N SER B 110 -5.48 16.79 3.32
CA SER B 110 -5.01 15.48 2.90
C SER B 110 -5.23 15.32 1.40
N VAL B 111 -4.21 14.82 0.72
CA VAL B 111 -4.24 14.61 -0.69
C VAL B 111 -3.82 13.17 -0.89
N THR B 112 -4.67 12.40 -1.55
CA THR B 112 -4.41 10.98 -1.82
C THR B 112 -4.35 10.82 -3.32
N VAL B 113 -3.32 10.13 -3.80
CA VAL B 113 -3.16 9.90 -5.24
C VAL B 113 -3.18 8.39 -5.35
N SER B 114 -4.23 7.87 -5.97
CA SER B 114 -4.52 6.45 -5.96
C SER B 114 -5.45 6.16 -7.10
N SER B 115 -5.41 4.94 -7.61
CA SER B 115 -6.37 4.55 -8.61
C SER B 115 -7.62 3.87 -8.01
N ALA B 116 -7.62 3.62 -6.70
CA ALA B 116 -8.79 3.06 -6.03
C ALA B 116 -9.84 4.17 -5.94
N LYS B 117 -11.11 3.79 -5.80
CA LYS B 117 -12.21 4.75 -5.81
C LYS B 117 -12.57 5.19 -4.43
N THR B 118 -13.16 6.36 -4.32
CA THR B 118 -13.70 6.82 -3.06
C THR B 118 -14.90 5.94 -2.67
N THR B 119 -14.93 5.50 -1.41
CA THR B 119 -15.99 4.69 -0.87
C THR B 119 -16.38 5.29 0.49
N PRO B 120 -17.67 5.54 0.72
CA PRO B 120 -18.04 6.05 2.06
C PRO B 120 -18.03 4.97 3.12
N PRO B 121 -17.80 5.35 4.39
CA PRO B 121 -17.80 4.38 5.48
C PRO B 121 -19.22 3.94 5.82
N SER B 122 -19.34 2.71 6.33
CA SER B 122 -20.52 2.28 7.03
C SER B 122 -20.23 2.47 8.51
N VAL B 123 -21.18 3.00 9.27
CA VAL B 123 -20.92 3.29 10.66
C VAL B 123 -21.85 2.48 11.52
N TYR B 124 -21.30 1.73 12.46
CA TYR B 124 -22.11 0.85 13.31
C TYR B 124 -21.82 1.07 14.76
N PRO B 125 -22.88 1.02 15.58
CA PRO B 125 -22.76 1.29 17.00
C PRO B 125 -22.15 0.10 17.70
N LEU B 126 -21.27 0.38 18.65
CA LEU B 126 -20.76 -0.63 19.59
C LEU B 126 -21.38 -0.41 20.97
N ALA B 127 -22.31 -1.30 21.30
CA ALA B 127 -22.98 -1.26 22.58
C ALA B 127 -22.63 -2.54 23.31
N PRO B 128 -22.58 -2.49 24.66
CA PRO B 128 -22.42 -3.70 25.47
C PRO B 128 -23.51 -4.76 25.21
N GLY B 129 -23.15 -6.03 25.26
CA GLY B 129 -24.06 -7.17 25.02
C GLY B 129 -25.06 -7.43 26.14
N SER B 136 -19.16 1.00 37.02
CA SER B 136 -19.28 2.43 37.32
C SER B 136 -19.03 3.35 36.11
N MET B 137 -18.10 2.93 35.26
CA MET B 137 -17.90 3.55 33.95
C MET B 137 -18.49 2.58 32.94
N VAL B 138 -18.93 3.11 31.80
CA VAL B 138 -19.38 2.26 30.69
C VAL B 138 -18.62 2.70 29.45
N THR B 139 -18.15 1.74 28.66
CA THR B 139 -17.42 2.02 27.43
C THR B 139 -18.30 1.65 26.22
N LEU B 140 -18.34 2.57 25.24
CA LEU B 140 -19.15 2.47 24.05
C LEU B 140 -18.20 2.69 22.88
N GLY B 141 -18.67 2.47 21.66
CA GLY B 141 -17.81 2.74 20.52
C GLY B 141 -18.55 2.89 19.22
N CYS B 142 -17.81 3.25 18.18
CA CYS B 142 -18.33 3.26 16.81
C CYS B 142 -17.32 2.58 15.92
N LEU B 143 -17.80 1.66 15.10
CA LEU B 143 -17.01 1.01 14.11
C LEU B 143 -17.26 1.71 12.78
N VAL B 144 -16.18 2.23 12.19
CA VAL B 144 -16.26 2.91 10.91
C VAL B 144 -15.52 2.05 9.87
N LYS B 145 -16.28 1.42 8.99
CA LYS B 145 -15.80 0.32 8.18
C LYS B 145 -15.88 0.56 6.69
N GLY B 146 -14.82 0.19 5.98
CA GLY B 146 -14.93 0.02 4.55
C GLY B 146 -14.84 1.28 3.74
N TYR B 147 -14.04 2.25 4.20
CA TYR B 147 -13.94 3.53 3.47
C TYR B 147 -12.61 3.74 2.75
N PHE B 148 -12.62 4.64 1.78
CA PHE B 148 -11.40 5.08 1.09
C PHE B 148 -11.60 6.45 0.47
N PRO B 149 -10.57 7.32 0.53
CA PRO B 149 -9.30 7.29 1.18
C PRO B 149 -9.51 7.76 2.62
N GLU B 150 -8.45 7.70 3.40
CA GLU B 150 -8.32 8.50 4.61
C GLU B 150 -8.39 10.00 4.27
N PRO B 151 -8.79 10.83 5.24
CA PRO B 151 -9.14 10.49 6.60
C PRO B 151 -10.63 10.43 6.83
N VAL B 152 -11.00 9.93 8.01
CA VAL B 152 -12.31 10.24 8.60
C VAL B 152 -12.06 11.00 9.89
N THR B 153 -13.05 11.76 10.36
CA THR B 153 -12.99 12.33 11.73
C THR B 153 -14.16 11.76 12.50
N VAL B 154 -13.92 11.35 13.75
CA VAL B 154 -14.99 10.94 14.62
C VAL B 154 -15.03 11.86 15.80
N THR B 155 -16.24 12.33 16.11
CA THR B 155 -16.50 13.01 17.36
C THR B 155 -17.65 12.32 18.09
N TRP B 156 -17.84 12.69 19.36
CA TRP B 156 -18.84 12.11 20.18
C TRP B 156 -19.72 13.26 20.68
N ASN B 157 -21.04 13.10 20.61
CA ASN B 157 -22.00 14.19 20.92
C ASN B 157 -21.56 15.53 20.35
N SER B 158 -21.24 15.52 19.04
CA SER B 158 -20.84 16.72 18.29
C SER B 158 -19.64 17.42 18.90
N GLY B 159 -18.79 16.66 19.59
CA GLY B 159 -17.60 17.21 20.24
C GLY B 159 -17.74 17.47 21.74
N SER B 160 -18.94 17.32 22.29
CA SER B 160 -19.19 17.53 23.72
C SER B 160 -18.47 16.57 24.65
N LEU B 161 -18.43 15.30 24.26
CA LEU B 161 -17.63 14.31 24.95
C LEU B 161 -16.26 14.27 24.30
N SER B 162 -15.25 14.73 25.04
CA SER B 162 -13.88 14.85 24.52
C SER B 162 -12.90 14.06 25.37
N SER B 163 -13.11 14.10 26.67
CA SER B 163 -12.29 13.34 27.59
C SER B 163 -12.82 11.91 27.64
N GLY B 164 -11.93 10.95 27.87
CA GLY B 164 -12.33 9.55 27.85
C GLY B 164 -12.57 8.99 26.43
N VAL B 165 -12.08 9.68 25.42
CA VAL B 165 -12.27 9.30 24.01
C VAL B 165 -10.92 8.92 23.38
N HIS B 166 -10.91 7.88 22.58
CA HIS B 166 -9.80 7.78 21.64
C HIS B 166 -10.25 7.05 20.41
N THR B 167 -9.67 7.46 19.30
CA THR B 167 -9.98 6.91 18.01
C THR B 167 -8.67 6.25 17.59
N PHE B 168 -8.79 5.03 17.14
CA PHE B 168 -7.66 4.18 16.83
C PHE B 168 -7.27 4.43 15.38
N PRO B 169 -5.98 4.33 15.08
CA PRO B 169 -5.54 4.46 13.69
C PRO B 169 -6.27 3.49 12.76
N ALA B 170 -6.48 3.92 11.52
CA ALA B 170 -7.19 3.10 10.56
C ALA B 170 -6.25 2.01 10.06
N VAL B 171 -6.82 0.86 9.76
CA VAL B 171 -6.09 -0.27 9.20
C VAL B 171 -6.60 -0.49 7.77
N LEU B 172 -5.68 -0.70 6.84
CA LEU B 172 -6.02 -0.85 5.42
C LEU B 172 -6.10 -2.32 5.07
N GLN B 173 -7.23 -2.71 4.47
CA GLN B 173 -7.31 -4.04 3.85
C GLN B 173 -8.06 -3.95 2.52
N SER B 174 -7.46 -4.51 1.46
CA SER B 174 -8.09 -4.52 0.15
C SER B 174 -8.62 -3.14 -0.23
N ASP B 175 -7.72 -2.17 -0.10
CA ASP B 175 -7.96 -0.75 -0.39
C ASP B 175 -9.17 -0.16 0.27
N LEU B 176 -9.53 -0.67 1.45
CA LEU B 176 -10.50 0.01 2.28
C LEU B 176 -10.00 0.10 3.71
N TYR B 177 -10.38 1.19 4.35
CA TYR B 177 -9.93 1.42 5.71
C TYR B 177 -11.05 1.12 6.65
N THR B 178 -10.69 0.68 7.85
CA THR B 178 -11.61 0.52 8.98
C THR B 178 -10.96 1.10 10.23
N LEU B 179 -11.75 1.80 11.04
CA LEU B 179 -11.27 2.20 12.32
C LEU B 179 -12.41 2.13 13.31
N SER B 180 -12.05 2.22 14.58
CA SER B 180 -13.05 2.37 15.62
C SER B 180 -12.75 3.55 16.52
N SER B 181 -13.75 3.98 17.25
CA SER B 181 -13.56 5.00 18.27
C SER B 181 -14.22 4.48 19.53
N SER B 182 -13.58 4.66 20.67
CA SER B 182 -14.20 4.34 21.97
C SER B 182 -14.39 5.58 22.83
N VAL B 183 -15.49 5.56 23.58
CA VAL B 183 -15.80 6.61 24.54
C VAL B 183 -16.15 5.91 25.85
N THR B 184 -15.62 6.42 26.94
CA THR B 184 -15.97 5.91 28.26
C THR B 184 -16.69 6.99 29.08
N VAL B 185 -17.91 6.70 29.51
CA VAL B 185 -18.74 7.60 30.31
C VAL B 185 -19.21 6.89 31.61
N PRO B 186 -19.65 7.66 32.63
CA PRO B 186 -20.33 7.06 33.79
C PRO B 186 -21.58 6.24 33.48
N SER B 187 -21.76 5.15 34.20
CA SER B 187 -22.81 4.15 33.96
C SER B 187 -24.24 4.67 33.96
N SER B 188 -24.56 5.48 34.95
CA SER B 188 -25.88 6.09 35.07
C SER B 188 -26.23 6.94 33.84
N THR B 189 -25.24 7.62 33.28
CA THR B 189 -25.46 8.63 32.23
C THR B 189 -26.02 8.04 30.94
N TRP B 190 -25.52 6.86 30.56
CA TRP B 190 -26.01 6.20 29.37
C TRP B 190 -26.67 4.91 29.81
N PRO B 191 -27.83 4.57 29.24
CA PRO B 191 -28.66 5.21 28.21
C PRO B 191 -29.54 6.39 28.60
N SER B 192 -29.49 6.85 29.84
CA SER B 192 -30.39 7.93 30.28
C SER B 192 -30.17 9.23 29.48
N GLU B 193 -28.90 9.58 29.31
CA GLU B 193 -28.49 10.66 28.41
C GLU B 193 -27.95 10.05 27.11
N THR B 194 -28.16 10.75 26.00
CA THR B 194 -27.81 10.19 24.68
C THR B 194 -26.31 10.30 24.38
N VAL B 195 -25.75 9.23 23.80
CA VAL B 195 -24.39 9.24 23.29
C VAL B 195 -24.42 8.87 21.80
N THR B 196 -23.78 9.72 21.01
CA THR B 196 -23.85 9.65 19.55
C THR B 196 -22.47 9.87 18.96
N CYS B 197 -22.04 9.02 18.04
CA CYS B 197 -20.79 9.28 17.36
C CYS B 197 -21.08 9.89 16.00
N ASN B 198 -20.30 10.89 15.66
CA ASN B 198 -20.48 11.70 14.47
C ASN B 198 -19.26 11.43 13.61
N VAL B 199 -19.47 10.86 12.45
CA VAL B 199 -18.38 10.50 11.56
C VAL B 199 -18.48 11.35 10.29
N ALA B 200 -17.36 11.96 9.91
CA ALA B 200 -17.27 12.67 8.63
C ALA B 200 -16.20 12.03 7.74
N HIS B 201 -16.53 11.89 6.45
CA HIS B 201 -15.59 11.43 5.43
C HIS B 201 -15.65 12.46 4.32
N PRO B 202 -14.78 13.47 4.39
CA PRO B 202 -14.79 14.56 3.42
C PRO B 202 -14.78 14.11 1.96
N ALA B 203 -14.00 13.08 1.62
CA ALA B 203 -13.87 12.68 0.23
C ALA B 203 -15.18 12.22 -0.44
N SER B 204 -16.14 11.72 0.35
CA SER B 204 -17.40 11.29 -0.21
C SER B 204 -18.53 12.24 0.21
N SER B 205 -18.15 13.27 0.95
CA SER B 205 -19.09 14.24 1.52
C SER B 205 -20.14 13.60 2.44
N THR B 206 -19.71 12.57 3.17
CA THR B 206 -20.54 11.88 4.12
C THR B 206 -20.41 12.51 5.51
N LYS B 207 -21.57 12.75 6.13
CA LYS B 207 -21.67 13.15 7.51
C LYS B 207 -22.76 12.26 8.10
N VAL B 208 -22.39 11.44 9.07
CA VAL B 208 -23.30 10.47 9.65
C VAL B 208 -23.28 10.61 11.16
N ASP B 209 -24.42 10.41 11.77
CA ASP B 209 -24.52 10.34 13.21
C ASP B 209 -25.11 9.01 13.57
N LYS B 210 -24.53 8.37 14.58
CA LYS B 210 -25.03 7.08 15.03
C LYS B 210 -25.24 7.12 16.55
N LYS B 211 -26.51 7.12 16.95
CA LYS B 211 -26.84 6.99 18.36
C LYS B 211 -26.50 5.58 18.81
N ILE B 212 -25.86 5.48 19.96
CA ILE B 212 -25.57 4.20 20.58
C ILE B 212 -26.72 3.86 21.51
N VAL B 213 -27.52 2.87 21.16
CA VAL B 213 -28.58 2.43 22.06
C VAL B 213 -28.27 1.04 22.62
N PRO B 214 -28.70 0.81 23.89
CA PRO B 214 -28.62 -0.51 24.53
C PRO B 214 -29.19 -1.59 23.63
N ARG B 215 -28.63 -2.78 23.70
CA ARG B 215 -29.04 -3.86 22.83
C ARG B 215 -30.25 -4.55 23.42
N ASP C 1 2.61 -12.09 10.14
CA ASP C 1 2.47 -12.22 8.65
C ASP C 1 3.19 -11.08 7.99
N ILE C 2 4.21 -11.40 7.21
CA ILE C 2 4.98 -10.37 6.53
C ILE C 2 4.15 -9.85 5.37
N VAL C 3 4.09 -8.52 5.24
CA VAL C 3 3.43 -7.86 4.12
C VAL C 3 4.50 -7.40 3.12
N MET C 4 4.32 -7.83 1.87
CA MET C 4 5.20 -7.51 0.77
C MET C 4 4.45 -6.53 -0.11
N THR C 5 5.00 -5.32 -0.25
CA THR C 5 4.32 -4.23 -0.89
C THR C 5 5.01 -3.86 -2.18
N GLN C 6 4.24 -3.89 -3.27
CA GLN C 6 4.66 -3.37 -4.56
C GLN C 6 3.52 -2.68 -5.27
N ALA C 7 3.89 -1.82 -6.21
CA ALA C 7 2.92 -1.11 -7.03
C ALA C 7 2.30 -2.05 -8.03
N ALA C 8 1.01 -1.85 -8.30
CA ALA C 8 0.33 -2.65 -9.32
C ALA C 8 0.93 -2.49 -10.71
N PHE C 9 1.42 -1.29 -11.00
CA PHE C 9 1.81 -0.96 -12.37
C PHE C 9 3.17 -0.32 -12.42
N SER C 10 3.98 -0.77 -13.37
CA SER C 10 5.31 -0.25 -13.57
C SER C 10 5.17 1.03 -14.35
N ASN C 11 6.21 1.85 -14.30
CA ASN C 11 6.34 2.92 -15.27
C ASN C 11 6.52 2.29 -16.69
N PRO C 12 5.67 2.66 -17.68
CA PRO C 12 5.76 2.08 -19.05
C PRO C 12 7.13 2.24 -19.70
N VAL C 13 7.64 1.18 -20.30
CA VAL C 13 9.03 1.14 -20.67
C VAL C 13 9.19 0.90 -22.16
N THR C 14 10.00 1.74 -22.78
CA THR C 14 10.26 1.65 -24.19
C THR C 14 11.09 0.40 -24.43
N LEU C 15 10.75 -0.38 -25.45
CA LEU C 15 11.53 -1.55 -25.80
C LEU C 15 12.99 -1.19 -25.87
N GLY C 16 13.85 -2.08 -25.39
CA GLY C 16 15.30 -1.85 -25.43
C GLY C 16 15.85 -0.95 -24.34
N THR C 17 15.00 -0.36 -23.51
CA THR C 17 15.46 0.42 -22.35
C THR C 17 15.19 -0.32 -21.06
N SER C 18 15.61 0.26 -19.93
CA SER C 18 15.56 -0.48 -18.68
C SER C 18 14.27 -0.22 -17.90
N ALA C 19 13.81 -1.25 -17.21
CA ALA C 19 12.72 -1.09 -16.24
C ALA C 19 13.20 -1.37 -14.84
N SER C 20 12.45 -0.85 -13.87
CA SER C 20 12.83 -0.92 -12.46
C SER C 20 11.56 -1.14 -11.68
N ILE C 21 11.52 -2.24 -10.92
CA ILE C 21 10.36 -2.66 -10.15
C ILE C 21 10.75 -2.75 -8.69
N SER C 22 10.00 -2.06 -7.83
CA SER C 22 10.30 -1.94 -6.42
C SER C 22 9.43 -2.85 -5.55
N CYS C 23 9.98 -3.30 -4.43
CA CYS C 23 9.21 -4.05 -3.44
C CYS C 23 9.75 -3.72 -2.05
N ARG C 24 8.85 -3.66 -1.06
CA ARG C 24 9.28 -3.51 0.31
C ARG C 24 8.69 -4.61 1.16
N SER C 25 9.42 -4.98 2.22
CA SER C 25 8.97 -5.93 3.23
C SER C 25 8.71 -5.28 4.58
N SER C 26 7.76 -5.84 5.31
CA SER C 26 7.33 -5.28 6.60
C SER C 26 8.26 -5.71 7.75
N LYS C 27 9.05 -6.74 7.50
CA LYS C 27 10.11 -7.18 8.38
C LYS C 27 11.30 -7.38 7.47
N SER C 28 12.50 -7.32 8.05
CA SER C 28 13.73 -7.59 7.31
C SER C 28 13.82 -9.04 6.91
N LEU C 29 14.26 -9.28 5.66
CA LEU C 29 14.53 -10.64 5.15
C LEU C 29 16.01 -11.03 5.18
N LEU C 30 16.85 -10.15 5.71
CA LEU C 30 18.26 -10.45 5.87
C LEU C 30 18.44 -11.43 7.03
N HIS C 31 19.00 -12.59 6.76
CA HIS C 31 19.13 -13.63 7.78
C HIS C 31 20.54 -13.62 8.38
N SER C 32 20.68 -14.23 9.56
CA SER C 32 21.95 -14.27 10.30
C SER C 32 23.04 -14.94 9.48
N ASP C 33 22.63 -15.81 8.57
CA ASP C 33 23.52 -16.49 7.65
C ASP C 33 24.04 -15.53 6.56
N GLY C 34 23.55 -14.30 6.56
CA GLY C 34 24.03 -13.28 5.66
C GLY C 34 23.14 -13.12 4.46
N ILE C 35 22.30 -14.12 4.20
CA ILE C 35 21.49 -14.19 2.98
C ILE C 35 20.20 -13.40 3.13
N THR C 36 19.82 -12.64 2.10
CA THR C 36 18.54 -11.90 2.09
C THR C 36 17.59 -12.78 1.29
N TYR C 37 16.58 -13.33 1.97
CA TYR C 37 15.67 -14.30 1.39
C TYR C 37 14.51 -13.65 0.67
N LEU C 38 14.86 -12.91 -0.38
CA LEU C 38 13.94 -12.23 -1.27
C LEU C 38 13.93 -12.99 -2.61
N TYR C 39 12.74 -13.24 -3.15
CA TYR C 39 12.64 -13.95 -4.43
C TYR C 39 11.81 -13.13 -5.37
N TRP C 40 12.07 -13.22 -6.65
CA TRP C 40 11.14 -12.62 -7.66
C TRP C 40 10.59 -13.71 -8.59
N TYR C 41 9.29 -13.67 -8.81
CA TYR C 41 8.62 -14.56 -9.78
C TYR C 41 8.01 -13.74 -10.92
N LEU C 42 7.99 -14.37 -12.09
CA LEU C 42 7.30 -13.78 -13.24
C LEU C 42 6.19 -14.68 -13.67
N GLN C 43 5.00 -14.10 -13.75
CA GLN C 43 3.85 -14.76 -14.36
C GLN C 43 3.49 -14.10 -15.67
N LYS C 44 3.90 -14.72 -16.78
CA LYS C 44 3.52 -14.23 -18.12
C LYS C 44 2.07 -14.53 -18.43
N PRO C 45 1.49 -13.77 -19.39
CA PRO C 45 0.04 -13.88 -19.61
C PRO C 45 -0.36 -15.33 -19.94
N GLY C 46 -1.39 -15.82 -19.26
CA GLY C 46 -1.86 -17.19 -19.49
C GLY C 46 -1.00 -18.31 -18.91
N GLN C 47 0.16 -17.99 -18.32
CA GLN C 47 1.05 -18.97 -17.68
C GLN C 47 1.01 -18.96 -16.14
N SER C 48 1.58 -20.02 -15.56
CA SER C 48 1.92 -20.07 -14.14
C SER C 48 3.08 -19.15 -13.79
N PRO C 49 3.21 -18.79 -12.49
CA PRO C 49 4.43 -18.07 -12.13
C PRO C 49 5.69 -18.93 -12.35
N HIS C 50 6.83 -18.30 -12.60
CA HIS C 50 8.07 -18.99 -12.50
C HIS C 50 9.15 -18.18 -11.83
N LEU C 51 10.07 -18.85 -11.15
CA LEU C 51 11.18 -18.18 -10.49
C LEU C 51 12.11 -17.46 -11.45
N LEU C 52 12.38 -16.20 -11.12
CA LEU C 52 13.37 -15.36 -11.80
C LEU C 52 14.63 -15.24 -10.96
N ILE C 53 14.46 -14.73 -9.73
CA ILE C 53 15.58 -14.39 -8.86
C ILE C 53 15.33 -15.01 -7.50
N TYR C 54 16.38 -15.61 -6.93
CA TYR C 54 16.32 -16.13 -5.57
C TYR C 54 17.46 -15.57 -4.72
N HIS C 55 17.24 -15.52 -3.40
CA HIS C 55 18.22 -15.03 -2.46
C HIS C 55 18.69 -13.61 -2.81
N LEU C 56 17.72 -12.81 -3.25
CA LEU C 56 17.89 -11.37 -3.55
C LEU C 56 18.58 -11.13 -4.88
N SER C 57 19.63 -11.88 -5.22
CA SER C 57 20.41 -11.47 -6.39
C SER C 57 20.89 -12.60 -7.29
N ASN C 58 20.50 -13.83 -7.02
CA ASN C 58 20.93 -14.96 -7.85
C ASN C 58 19.86 -15.23 -8.90
N LEU C 59 20.28 -15.31 -10.16
CA LEU C 59 19.36 -15.70 -11.24
C LEU C 59 19.09 -17.21 -11.28
N ALA C 60 17.81 -17.56 -11.45
CA ALA C 60 17.43 -18.94 -11.68
C ALA C 60 18.03 -19.43 -13.00
N SER C 61 18.15 -20.74 -13.17
CA SER C 61 18.68 -21.26 -14.43
C SER C 61 17.83 -20.77 -15.60
N GLY C 62 18.48 -20.32 -16.66
CA GLY C 62 17.81 -19.95 -17.90
C GLY C 62 17.35 -18.52 -17.95
N VAL C 63 17.52 -17.78 -16.85
CA VAL C 63 17.11 -16.42 -16.82
C VAL C 63 18.23 -15.56 -17.44
N PRO C 64 17.88 -14.67 -18.39
CA PRO C 64 18.84 -13.81 -19.06
C PRO C 64 19.51 -12.84 -18.08
N ASP C 65 20.76 -12.48 -18.35
CA ASP C 65 21.50 -11.60 -17.46
C ASP C 65 21.08 -10.14 -17.58
N ARG C 66 20.10 -9.85 -18.44
CA ARG C 66 19.38 -8.57 -18.40
C ARG C 66 18.66 -8.32 -17.09
N PHE C 67 18.32 -9.41 -16.39
CA PHE C 67 17.62 -9.33 -15.08
C PHE C 67 18.62 -9.21 -13.93
N SER C 68 18.36 -8.34 -12.97
CA SER C 68 19.22 -8.25 -11.84
C SER C 68 18.41 -7.69 -10.71
N SER C 69 18.91 -7.88 -9.51
CA SER C 69 18.19 -7.46 -8.31
C SER C 69 19.12 -7.16 -7.16
N SER C 70 18.74 -6.14 -6.38
CA SER C 70 19.52 -5.72 -5.27
C SER C 70 18.55 -5.26 -4.19
N GLY C 71 19.04 -5.14 -2.99
CA GLY C 71 18.21 -4.60 -1.89
C GLY C 71 18.79 -4.75 -0.48
N SER C 72 18.10 -4.14 0.49
CA SER C 72 18.46 -4.31 1.85
C SER C 72 17.73 -5.54 2.37
N GLY C 73 17.54 -5.63 3.68
CA GLY C 73 16.60 -6.60 4.19
C GLY C 73 15.14 -6.22 3.98
N THR C 74 14.84 -4.93 3.71
CA THR C 74 13.47 -4.47 3.60
C THR C 74 13.07 -3.77 2.30
N ASP C 75 14.01 -3.30 1.50
CA ASP C 75 13.69 -2.55 0.29
C ASP C 75 14.47 -3.18 -0.86
N PHE C 76 13.77 -3.51 -1.94
CA PHE C 76 14.37 -4.32 -3.04
C PHE C 76 14.03 -3.71 -4.37
N THR C 77 14.90 -3.95 -5.37
CA THR C 77 14.75 -3.37 -6.70
C THR C 77 15.14 -4.40 -7.76
N LEU C 78 14.17 -4.80 -8.55
CA LEU C 78 14.39 -5.60 -9.75
C LEU C 78 14.69 -4.70 -10.96
N ARG C 79 15.80 -4.94 -11.67
CA ARG C 79 16.08 -4.15 -12.88
C ARG C 79 16.13 -5.08 -14.06
N ILE C 80 15.49 -4.66 -15.16
CA ILE C 80 15.59 -5.34 -16.45
C ILE C 80 16.28 -4.32 -17.37
N SER C 81 17.47 -4.64 -17.90
CA SER C 81 18.29 -3.60 -18.54
C SER C 81 17.83 -3.16 -19.95
N ARG C 82 17.50 -4.12 -20.80
CA ARG C 82 17.10 -3.86 -22.17
C ARG C 82 15.84 -4.68 -22.41
N VAL C 83 14.72 -4.12 -21.97
CA VAL C 83 13.44 -4.79 -22.04
C VAL C 83 13.07 -5.31 -23.45
N GLU C 84 12.64 -6.57 -23.48
CA GLU C 84 12.15 -7.25 -24.67
C GLU C 84 10.64 -7.48 -24.54
N ALA C 85 9.99 -7.63 -25.69
CA ALA C 85 8.54 -7.77 -25.75
C ALA C 85 8.06 -8.88 -24.85
N GLU C 86 8.78 -10.02 -24.88
CA GLU C 86 8.47 -11.21 -24.08
C GLU C 86 8.55 -11.03 -22.55
N ASP C 87 9.13 -9.93 -22.09
CA ASP C 87 9.24 -9.69 -20.65
C ASP C 87 7.94 -9.19 -20.02
N VAL C 88 6.92 -8.86 -20.84
CA VAL C 88 5.60 -8.50 -20.28
C VAL C 88 5.01 -9.57 -19.39
N GLY C 89 4.42 -9.12 -18.30
CA GLY C 89 3.86 -9.99 -17.30
C GLY C 89 3.77 -9.24 -15.97
N ILE C 90 3.42 -10.00 -14.94
CA ILE C 90 3.37 -9.54 -13.59
C ILE C 90 4.53 -10.20 -12.78
N TYR C 91 5.30 -9.33 -12.18
CA TYR C 91 6.47 -9.64 -11.38
C TYR C 91 6.04 -9.58 -9.93
N TYR C 92 6.21 -10.70 -9.24
CA TYR C 92 5.89 -10.84 -7.83
C TYR C 92 7.16 -10.99 -6.99
N CYS C 93 7.17 -10.29 -5.86
CA CYS C 93 8.17 -10.48 -4.82
C CYS C 93 7.57 -11.41 -3.75
N ALA C 94 8.44 -12.18 -3.12
CA ALA C 94 8.11 -13.12 -2.08
C ALA C 94 9.29 -13.20 -1.11
N HIS C 95 9.01 -13.59 0.13
CA HIS C 95 10.05 -13.87 1.12
C HIS C 95 10.15 -15.36 1.38
N ASN C 96 11.24 -15.72 2.02
CA ASN C 96 11.47 -17.07 2.51
C ASN C 96 12.18 -17.02 3.87
N VAL C 97 11.59 -16.33 4.83
CA VAL C 97 12.14 -16.33 6.20
C VAL C 97 11.22 -16.92 7.28
N GLU C 98 9.97 -17.23 6.94
CA GLU C 98 9.03 -17.75 7.89
C GLU C 98 7.81 -18.28 7.17
N LEU C 99 7.00 -19.02 7.90
CA LEU C 99 5.60 -19.23 7.48
C LEU C 99 4.71 -18.22 8.25
N PRO C 100 3.63 -17.73 7.64
CA PRO C 100 3.09 -18.06 6.34
C PRO C 100 3.97 -17.50 5.23
N ARG C 101 4.03 -18.23 4.11
CA ARG C 101 4.71 -17.70 2.95
C ARG C 101 3.79 -16.65 2.37
N THR C 102 4.34 -15.47 2.09
CA THR C 102 3.56 -14.41 1.53
C THR C 102 4.25 -13.78 0.32
N PHE C 103 3.42 -13.22 -0.54
CA PHE C 103 3.77 -12.66 -1.83
C PHE C 103 3.30 -11.21 -1.93
N GLY C 104 4.02 -10.37 -2.66
CA GLY C 104 3.47 -9.09 -3.09
C GLY C 104 2.29 -9.19 -4.04
N GLY C 105 1.62 -8.08 -4.28
CA GLY C 105 0.43 -8.05 -5.15
C GLY C 105 0.71 -8.14 -6.64
N GLY C 106 1.99 -8.00 -7.00
CA GLY C 106 2.47 -8.15 -8.37
C GLY C 106 2.58 -6.81 -9.04
N THR C 107 3.61 -6.60 -9.84
CA THR C 107 3.75 -5.38 -10.63
C THR C 107 3.70 -5.76 -12.08
N LYS C 108 2.80 -5.13 -12.82
CA LYS C 108 2.69 -5.39 -14.25
C LYS C 108 3.64 -4.51 -15.03
N LEU C 109 4.51 -5.17 -15.81
CA LEU C 109 5.40 -4.46 -16.68
C LEU C 109 4.59 -4.09 -17.92
N GLU C 110 4.55 -2.80 -18.24
CA GLU C 110 3.96 -2.33 -19.50
C GLU C 110 5.01 -1.79 -20.46
N ILE C 111 4.98 -2.29 -21.69
CA ILE C 111 5.87 -1.89 -22.76
C ILE C 111 5.27 -0.71 -23.53
N LYS C 112 6.09 0.32 -23.77
CA LYS C 112 5.72 1.42 -24.66
C LYS C 112 6.28 1.11 -26.03
N ARG C 113 5.39 1.15 -27.03
CA ARG C 113 5.77 0.99 -28.42
C ARG C 113 5.12 2.09 -29.25
N ALA C 114 5.43 2.06 -30.53
CA ALA C 114 4.89 2.99 -31.49
C ALA C 114 3.39 2.80 -31.59
N ASP C 115 2.66 3.89 -31.71
CA ASP C 115 1.22 3.82 -31.90
C ASP C 115 0.86 2.93 -33.11
N ALA C 116 -0.28 2.23 -32.99
CA ALA C 116 -0.82 1.41 -34.07
C ALA C 116 -2.33 1.46 -34.01
N ALA C 117 -2.97 1.80 -35.13
CA ALA C 117 -4.43 1.73 -35.25
C ALA C 117 -4.93 0.29 -35.24
N PRO C 118 -6.18 0.08 -34.77
CA PRO C 118 -6.76 -1.25 -34.78
C PRO C 118 -7.12 -1.74 -36.19
N THR C 119 -6.99 -3.06 -36.37
CA THR C 119 -7.58 -3.75 -37.52
C THR C 119 -8.94 -4.27 -37.05
N VAL C 120 -9.99 -3.79 -37.71
CA VAL C 120 -11.35 -4.02 -37.24
C VAL C 120 -12.06 -4.98 -38.15
N SER C 121 -12.63 -6.04 -37.57
CA SER C 121 -13.42 -7.05 -38.22
C SER C 121 -14.80 -7.11 -37.58
N ILE C 122 -15.84 -7.25 -38.43
CA ILE C 122 -17.22 -7.40 -37.96
C ILE C 122 -17.75 -8.76 -38.42
N PHE C 123 -18.53 -9.39 -37.56
CA PHE C 123 -19.00 -10.75 -37.80
C PHE C 123 -20.49 -10.83 -37.53
N PRO C 124 -21.30 -11.22 -38.52
CA PRO C 124 -22.74 -11.38 -38.20
C PRO C 124 -23.03 -12.68 -37.42
N PRO C 125 -24.24 -12.80 -36.83
CA PRO C 125 -24.60 -14.05 -36.16
C PRO C 125 -24.45 -15.32 -37.05
N SER C 126 -24.07 -16.42 -36.42
CA SER C 126 -23.95 -17.69 -37.10
C SER C 126 -25.36 -18.24 -37.27
N SER C 127 -25.58 -19.09 -38.25
CA SER C 127 -26.86 -19.80 -38.37
C SER C 127 -27.16 -20.63 -37.13
N GLU C 128 -26.16 -21.29 -36.54
CA GLU C 128 -26.34 -22.06 -35.32
C GLU C 128 -27.00 -21.19 -34.27
N GLN C 129 -26.38 -20.04 -34.03
CA GLN C 129 -26.94 -19.17 -32.98
C GLN C 129 -28.39 -18.71 -33.28
N LEU C 130 -28.66 -18.34 -34.55
CA LEU C 130 -30.00 -17.89 -34.97
C LEU C 130 -31.00 -19.02 -34.84
N THR C 131 -30.58 -20.25 -35.13
CA THR C 131 -31.48 -21.42 -34.91
C THR C 131 -31.92 -21.57 -33.42
N SER C 132 -31.04 -21.19 -32.50
CA SER C 132 -31.26 -21.23 -31.03
C SER C 132 -32.08 -20.06 -30.53
N GLY C 133 -32.38 -19.10 -31.39
CA GLY C 133 -33.13 -17.89 -30.97
C GLY C 133 -32.32 -16.67 -30.53
N GLY C 134 -31.01 -16.69 -30.74
CA GLY C 134 -30.13 -15.57 -30.35
C GLY C 134 -29.43 -14.93 -31.52
N ALA C 135 -28.89 -13.72 -31.34
CA ALA C 135 -28.15 -13.03 -32.39
C ALA C 135 -27.08 -12.14 -31.78
N SER C 136 -25.84 -12.60 -31.85
CA SER C 136 -24.69 -11.84 -31.41
C SER C 136 -23.92 -11.35 -32.62
N VAL C 137 -23.57 -10.06 -32.60
CA VAL C 137 -22.71 -9.46 -33.62
C VAL C 137 -21.38 -9.16 -32.92
N VAL C 138 -20.28 -9.59 -33.52
CA VAL C 138 -18.98 -9.44 -32.87
C VAL C 138 -18.12 -8.49 -33.68
N CYS C 139 -17.46 -7.57 -32.98
CA CYS C 139 -16.45 -6.69 -33.55
C CYS C 139 -15.08 -6.97 -32.87
N PHE C 140 -14.07 -7.42 -33.62
CA PHE C 140 -12.69 -7.42 -33.09
C PHE C 140 -11.96 -6.11 -33.43
N LEU C 141 -11.25 -5.57 -32.46
CA LEU C 141 -10.39 -4.40 -32.64
C LEU C 141 -9.00 -4.91 -32.29
N ASN C 142 -8.28 -5.39 -33.30
CA ASN C 142 -7.06 -6.16 -33.10
C ASN C 142 -5.76 -5.36 -33.30
N ASN C 143 -4.79 -5.68 -32.46
CA ASN C 143 -3.40 -5.21 -32.57
C ASN C 143 -3.24 -3.69 -32.75
N PHE C 144 -3.70 -2.96 -31.74
CA PHE C 144 -3.53 -1.51 -31.64
C PHE C 144 -2.70 -1.12 -30.40
N TYR C 145 -2.22 0.11 -30.40
CA TYR C 145 -1.50 0.66 -29.27
C TYR C 145 -1.59 2.16 -29.34
N PRO C 146 -1.85 2.85 -28.23
CA PRO C 146 -2.01 2.41 -26.83
C PRO C 146 -3.34 1.72 -26.47
N LYS C 147 -3.45 1.30 -25.21
CA LYS C 147 -4.55 0.46 -24.71
C LYS C 147 -5.94 1.06 -24.84
N ASP C 148 -6.02 2.38 -24.75
CA ASP C 148 -7.33 3.03 -24.65
C ASP C 148 -8.03 3.06 -25.99
N ILE C 149 -9.27 2.58 -26.02
CA ILE C 149 -10.05 2.62 -27.23
C ILE C 149 -11.55 2.64 -26.94
N ASN C 150 -12.32 3.22 -27.86
CA ASN C 150 -13.77 3.25 -27.73
C ASN C 150 -14.44 2.57 -28.90
N VAL C 151 -15.54 1.90 -28.61
CA VAL C 151 -16.35 1.27 -29.66
C VAL C 151 -17.78 1.69 -29.45
N LYS C 152 -18.44 1.99 -30.57
CA LYS C 152 -19.86 2.33 -30.57
C LYS C 152 -20.59 1.47 -31.58
N TRP C 153 -21.68 0.84 -31.13
CA TRP C 153 -22.57 0.05 -31.99
C TRP C 153 -23.74 0.90 -32.51
N LYS C 154 -24.06 0.73 -33.79
CA LYS C 154 -25.26 1.37 -34.35
C LYS C 154 -26.16 0.33 -34.97
N ILE C 155 -27.44 0.43 -34.69
CA ILE C 155 -28.43 -0.44 -35.32
C ILE C 155 -29.33 0.46 -36.15
N ASP C 156 -29.41 0.19 -37.45
CA ASP C 156 -30.13 1.10 -38.39
C ASP C 156 -29.81 2.56 -38.09
N GLY C 157 -28.51 2.84 -37.95
CA GLY C 157 -28.05 4.22 -37.78
C GLY C 157 -28.19 4.82 -36.39
N SER C 158 -28.89 4.16 -35.49
CA SER C 158 -29.07 4.66 -34.11
C SER C 158 -28.18 3.93 -33.08
N GLU C 159 -27.61 4.72 -32.18
CA GLU C 159 -26.64 4.22 -31.21
C GLU C 159 -27.31 3.18 -30.31
N ARG C 160 -26.54 2.16 -29.96
CA ARG C 160 -27.00 1.07 -29.13
C ARG C 160 -26.00 0.81 -28.01
N GLN C 161 -26.44 1.00 -26.77
CA GLN C 161 -25.60 0.81 -25.57
C GLN C 161 -25.83 -0.56 -24.93
N ASN C 162 -27.09 -0.90 -24.73
CA ASN C 162 -27.45 -2.08 -23.95
C ASN C 162 -27.26 -3.36 -24.73
N GLY C 163 -26.80 -4.41 -24.07
CA GLY C 163 -26.49 -5.69 -24.71
C GLY C 163 -25.08 -5.81 -25.24
N VAL C 164 -24.23 -4.85 -24.89
CA VAL C 164 -22.85 -4.78 -25.37
C VAL C 164 -21.91 -5.26 -24.30
N LEU C 165 -21.02 -6.18 -24.66
CA LEU C 165 -19.98 -6.66 -23.76
C LEU C 165 -18.58 -6.57 -24.39
N ASN C 166 -17.70 -5.87 -23.69
CA ASN C 166 -16.36 -5.57 -24.13
C ASN C 166 -15.31 -6.28 -23.28
N SER C 167 -14.26 -6.73 -23.94
CA SER C 167 -13.14 -7.40 -23.30
C SER C 167 -11.81 -7.03 -23.99
N TRP C 168 -10.78 -6.74 -23.18
CA TRP C 168 -9.46 -6.39 -23.66
C TRP C 168 -8.49 -7.47 -23.31
N THR C 169 -7.62 -7.81 -24.24
CA THR C 169 -6.52 -8.69 -23.92
C THR C 169 -5.45 -7.97 -23.10
N ASP C 170 -4.55 -8.78 -22.55
CA ASP C 170 -3.31 -8.28 -21.98
C ASP C 170 -2.37 -7.96 -23.13
N GLN C 171 -1.37 -7.12 -22.84
CA GLN C 171 -0.42 -6.69 -23.84
C GLN C 171 0.23 -7.90 -24.48
N ASP C 172 0.36 -7.86 -25.79
CA ASP C 172 0.85 -9.02 -26.50
C ASP C 172 2.34 -9.25 -26.29
N SER C 173 2.72 -10.51 -26.02
CA SER C 173 4.11 -10.89 -25.70
C SER C 173 5.07 -10.88 -26.90
N LYS C 174 4.54 -10.58 -28.08
CA LYS C 174 5.25 -10.58 -29.35
C LYS C 174 5.37 -9.17 -29.93
N ASP C 175 4.24 -8.49 -30.09
CA ASP C 175 4.24 -7.18 -30.73
C ASP C 175 3.84 -6.04 -29.80
N SER C 176 3.64 -6.34 -28.54
CA SER C 176 3.38 -5.30 -27.54
C SER C 176 2.09 -4.53 -27.76
N THR C 177 1.19 -5.09 -28.59
CA THR C 177 -0.10 -4.48 -28.86
C THR C 177 -1.17 -5.04 -27.92
N TYR C 178 -2.30 -4.34 -27.92
CA TYR C 178 -3.52 -4.81 -27.30
C TYR C 178 -4.59 -5.11 -28.35
N SER C 179 -5.53 -5.98 -27.99
CA SER C 179 -6.72 -6.19 -28.80
C SER C 179 -7.97 -6.09 -27.91
N MET C 180 -9.12 -5.88 -28.53
CA MET C 180 -10.37 -5.78 -27.79
C MET C 180 -11.50 -6.44 -28.60
N SER C 181 -12.45 -7.08 -27.89
CA SER C 181 -13.59 -7.74 -28.50
C SER C 181 -14.81 -7.02 -27.97
N SER C 182 -15.74 -6.69 -28.84
CA SER C 182 -17.01 -6.14 -28.49
C SER C 182 -18.09 -7.00 -29.13
N THR C 183 -19.02 -7.49 -28.31
CA THR C 183 -20.08 -8.38 -28.77
C THR C 183 -21.39 -7.73 -28.38
N LEU C 184 -22.26 -7.52 -29.37
CA LEU C 184 -23.63 -7.01 -29.14
C LEU C 184 -24.59 -8.20 -29.24
N THR C 185 -25.28 -8.51 -28.17
CA THR C 185 -26.19 -9.63 -28.16
C THR C 185 -27.65 -9.23 -28.15
N LEU C 186 -28.36 -9.74 -29.14
CA LEU C 186 -29.78 -9.53 -29.28
C LEU C 186 -30.54 -10.86 -29.33
N THR C 187 -31.85 -10.76 -29.13
CA THR C 187 -32.71 -11.90 -29.41
C THR C 187 -32.85 -11.95 -30.91
N LYS C 188 -33.12 -13.12 -31.45
CA LYS C 188 -33.38 -13.24 -32.88
C LYS C 188 -34.53 -12.34 -33.29
N ASP C 189 -35.56 -12.25 -32.47
CA ASP C 189 -36.70 -11.37 -32.79
C ASP C 189 -36.24 -9.91 -33.05
N GLU C 190 -35.55 -9.32 -32.07
CA GLU C 190 -35.01 -7.97 -32.24
C GLU C 190 -34.02 -7.81 -33.40
N TYR C 191 -33.12 -8.78 -33.56
CA TYR C 191 -32.13 -8.75 -34.63
C TYR C 191 -32.79 -8.66 -35.99
N GLU C 192 -33.88 -9.41 -36.17
CA GLU C 192 -34.59 -9.43 -37.45
C GLU C 192 -35.56 -8.29 -37.67
N ARG C 193 -35.66 -7.36 -36.72
CA ARG C 193 -36.43 -6.15 -36.92
C ARG C 193 -35.60 -5.02 -37.55
N HIS C 194 -34.31 -5.24 -37.72
CA HIS C 194 -33.39 -4.24 -38.28
C HIS C 194 -32.44 -4.88 -39.28
N ASN C 195 -31.87 -4.07 -40.16
CA ASN C 195 -31.01 -4.54 -41.27
C ASN C 195 -29.56 -4.12 -41.12
N SER C 196 -29.33 -2.96 -40.51
CA SER C 196 -27.99 -2.34 -40.55
C SER C 196 -27.28 -2.38 -39.21
N TYR C 197 -26.13 -3.04 -39.19
CA TYR C 197 -25.33 -3.31 -38.00
C TYR C 197 -23.91 -2.80 -38.22
N THR C 198 -23.47 -1.94 -37.32
CA THR C 198 -22.23 -1.20 -37.44
C THR C 198 -21.53 -1.11 -36.10
N CYS C 199 -20.23 -1.40 -36.10
CA CYS C 199 -19.36 -1.02 -34.97
C CYS C 199 -18.32 0.02 -35.44
N GLU C 200 -18.17 1.07 -34.63
CA GLU C 200 -17.26 2.20 -34.92
C GLU C 200 -16.17 2.27 -33.85
N ALA C 201 -14.91 2.07 -34.24
CA ALA C 201 -13.77 2.08 -33.31
C ALA C 201 -13.09 3.44 -33.34
N THR C 202 -12.99 4.10 -32.18
CA THR C 202 -12.25 5.36 -32.07
C THR C 202 -10.99 5.17 -31.24
N HIS C 203 -9.85 5.46 -31.87
CA HIS C 203 -8.53 5.33 -31.29
C HIS C 203 -7.76 6.64 -31.53
N LYS C 204 -6.65 6.83 -30.82
CA LYS C 204 -5.87 8.08 -30.90
C LYS C 204 -5.20 8.21 -32.25
N THR C 205 -4.90 7.07 -32.88
CA THR C 205 -4.23 7.04 -34.16
C THR C 205 -4.96 7.80 -35.26
N SER C 206 -6.27 8.01 -35.09
CA SER C 206 -7.01 8.91 -35.95
C SER C 206 -8.16 9.58 -35.26
N THR C 207 -8.60 10.85 -35.72
CA THR C 207 -9.80 11.55 -35.25
C THR C 207 -11.05 10.87 -35.76
N SER C 208 -10.90 10.29 -36.99
CA SER C 208 -12.08 9.67 -37.58
C SER C 208 -12.10 8.16 -37.35
N PRO C 209 -13.25 7.62 -36.91
CA PRO C 209 -13.36 6.23 -36.48
C PRO C 209 -13.11 5.20 -37.59
N ILE C 210 -12.66 4.01 -37.18
CA ILE C 210 -12.55 2.89 -38.10
C ILE C 210 -13.88 2.16 -37.98
N VAL C 211 -14.56 2.01 -39.11
CA VAL C 211 -15.92 1.51 -39.12
C VAL C 211 -16.05 0.24 -39.96
N LYS C 212 -16.83 -0.70 -39.44
CA LYS C 212 -17.18 -1.93 -40.13
C LYS C 212 -18.67 -2.14 -39.99
N SER C 213 -19.34 -2.53 -41.06
CA SER C 213 -20.79 -2.69 -41.04
C SER C 213 -21.17 -3.86 -41.88
N PHE C 214 -22.40 -4.33 -41.70
CA PHE C 214 -22.99 -5.23 -42.69
C PHE C 214 -24.48 -5.05 -42.68
N ASN C 215 -25.10 -5.52 -43.75
CA ASN C 215 -26.54 -5.53 -43.84
C ASN C 215 -27.07 -6.96 -43.78
N ARG C 216 -28.05 -7.15 -42.90
CA ARG C 216 -28.65 -8.44 -42.62
C ARG C 216 -29.17 -9.14 -43.86
N ASN C 217 -29.70 -8.35 -44.80
CA ASN C 217 -30.30 -8.88 -46.03
C ASN C 217 -29.38 -8.96 -47.24
N GLU C 218 -28.10 -8.67 -47.06
CA GLU C 218 -27.18 -8.66 -48.19
C GLU C 218 -26.46 -9.99 -48.29
N GLU D 1 13.56 -32.90 -16.65
CA GLU D 1 12.83 -31.64 -16.30
C GLU D 1 11.84 -31.90 -15.18
N VAL D 2 11.68 -30.94 -14.29
CA VAL D 2 10.65 -31.05 -13.28
C VAL D 2 9.29 -30.81 -13.97
N LYS D 3 8.34 -31.70 -13.75
CA LYS D 3 6.98 -31.49 -14.20
C LYS D 3 6.03 -31.60 -13.01
N VAL D 4 5.17 -30.60 -12.81
CA VAL D 4 4.22 -30.59 -11.70
C VAL D 4 2.85 -30.43 -12.33
N GLU D 5 1.94 -31.36 -12.02
CA GLU D 5 0.65 -31.43 -12.68
C GLU D 5 -0.53 -31.68 -11.76
N GLU D 6 -1.37 -30.67 -11.63
CA GLU D 6 -2.57 -30.73 -10.78
C GLU D 6 -3.79 -31.25 -11.50
N SER D 7 -4.68 -31.87 -10.73
CA SER D 7 -5.97 -32.34 -11.19
C SER D 7 -7.00 -32.24 -10.04
N GLY D 8 -8.27 -32.42 -10.36
CA GLY D 8 -9.31 -32.49 -9.35
C GLY D 8 -10.22 -31.32 -9.19
N GLY D 9 -10.06 -30.28 -9.99
CA GLY D 9 -10.98 -29.12 -9.82
C GLY D 9 -12.38 -29.31 -10.35
N GLY D 10 -13.20 -28.26 -10.21
CA GLY D 10 -14.56 -28.34 -10.64
C GLY D 10 -15.30 -27.33 -9.79
N LEU D 11 -16.58 -27.57 -9.59
CA LEU D 11 -17.46 -26.69 -8.84
C LEU D 11 -18.11 -27.45 -7.69
N VAL D 12 -18.29 -26.75 -6.57
CA VAL D 12 -19.07 -27.32 -5.53
C VAL D 12 -19.74 -26.14 -4.84
N GLN D 13 -20.76 -26.46 -4.12
CA GLN D 13 -21.55 -25.45 -3.39
C GLN D 13 -20.93 -25.06 -2.06
N PRO D 14 -21.28 -23.87 -1.53
CA PRO D 14 -20.81 -23.54 -0.17
C PRO D 14 -21.21 -24.55 0.88
N GLY D 15 -20.26 -24.95 1.73
CA GLY D 15 -20.46 -25.99 2.75
C GLY D 15 -19.86 -27.33 2.30
N GLY D 16 -19.67 -27.43 1.01
CA GLY D 16 -19.21 -28.66 0.40
C GLY D 16 -17.73 -28.81 0.38
N SER D 17 -17.29 -29.87 -0.31
CA SER D 17 -15.93 -30.36 -0.18
C SER D 17 -15.40 -30.61 -1.58
N MET D 18 -14.08 -30.63 -1.68
CA MET D 18 -13.35 -30.98 -2.91
C MET D 18 -12.02 -31.66 -2.57
N LYS D 19 -11.48 -32.50 -3.46
CA LYS D 19 -10.18 -33.08 -3.21
C LYS D 19 -9.38 -32.90 -4.48
N ILE D 20 -8.29 -32.17 -4.38
CA ILE D 20 -7.42 -31.95 -5.52
C ILE D 20 -6.06 -32.60 -5.28
N SER D 21 -5.26 -32.75 -6.34
CA SER D 21 -3.99 -33.45 -6.15
C SER D 21 -3.02 -33.02 -7.23
N CYS D 22 -1.73 -33.26 -7.01
CA CYS D 22 -0.75 -33.13 -8.09
C CYS D 22 0.29 -34.21 -8.08
N VAL D 23 0.76 -34.51 -9.26
CA VAL D 23 1.85 -35.47 -9.42
C VAL D 23 3.07 -34.71 -9.93
N VAL D 24 4.22 -35.04 -9.37
CA VAL D 24 5.46 -34.39 -9.67
C VAL D 24 6.38 -35.45 -10.27
N SER D 25 7.01 -35.13 -11.40
CA SER D 25 8.06 -36.00 -11.96
C SER D 25 9.36 -35.23 -12.12
N GLY D 26 10.46 -35.95 -12.35
CA GLY D 26 11.74 -35.29 -12.58
C GLY D 26 12.58 -34.90 -11.39
N LEU D 27 12.08 -35.13 -10.17
CA LEU D 27 12.87 -35.03 -8.96
C LEU D 27 12.42 -36.14 -8.03
N THR D 28 13.09 -36.32 -6.90
CA THR D 28 12.70 -37.29 -5.88
C THR D 28 11.68 -36.63 -4.97
N PHE D 29 10.40 -36.94 -5.23
CA PHE D 29 9.26 -36.25 -4.62
C PHE D 29 9.39 -36.24 -3.12
N SER D 30 9.77 -37.37 -2.54
CA SER D 30 9.84 -37.50 -1.08
C SER D 30 10.86 -36.61 -0.39
N ASN D 31 11.81 -36.10 -1.16
CA ASN D 31 12.84 -35.23 -0.63
C ASN D 31 12.54 -33.74 -0.65
N TYR D 32 11.36 -33.36 -1.14
CA TYR D 32 10.95 -31.97 -1.30
C TYR D 32 9.72 -31.56 -0.48
N TRP D 33 9.83 -30.40 0.15
CA TRP D 33 8.68 -29.74 0.74
C TRP D 33 7.64 -29.45 -0.34
N MET D 34 6.37 -29.67 0.00
CA MET D 34 5.27 -29.48 -0.93
C MET D 34 4.27 -28.52 -0.32
N SER D 35 3.73 -27.66 -1.16
CA SER D 35 2.70 -26.70 -0.69
C SER D 35 1.64 -26.42 -1.76
N TRP D 36 0.53 -25.80 -1.30
CA TRP D 36 -0.52 -25.37 -2.20
C TRP D 36 -0.61 -23.86 -2.04
N VAL D 37 -0.57 -23.15 -3.17
CA VAL D 37 -0.81 -21.71 -3.24
C VAL D 37 -1.98 -21.44 -4.19
N ARG D 38 -2.98 -20.67 -3.74
CA ARG D 38 -4.09 -20.30 -4.59
C ARG D 38 -3.97 -18.86 -5.10
N GLN D 39 -4.52 -18.62 -6.28
CA GLN D 39 -4.53 -17.31 -6.90
C GLN D 39 -5.98 -16.86 -7.17
N SER D 40 -6.37 -15.68 -6.70
CA SER D 40 -7.64 -15.10 -7.11
C SER D 40 -7.47 -13.61 -7.40
N PRO D 41 -8.40 -13.04 -8.15
CA PRO D 41 -8.31 -11.61 -8.48
C PRO D 41 -8.22 -10.72 -7.26
N GLU D 42 -8.99 -11.06 -6.23
CA GLU D 42 -9.15 -10.17 -5.09
C GLU D 42 -8.11 -10.36 -4.01
N LYS D 43 -7.48 -11.53 -3.93
CA LYS D 43 -6.48 -11.79 -2.90
C LYS D 43 -5.07 -12.05 -3.43
N GLY D 44 -4.91 -12.18 -4.74
CA GLY D 44 -3.62 -12.46 -5.32
C GLY D 44 -3.14 -13.87 -5.04
N LEU D 45 -1.85 -14.01 -4.88
CA LEU D 45 -1.26 -15.27 -4.52
C LEU D 45 -1.33 -15.53 -3.01
N GLU D 46 -1.99 -16.63 -2.62
CA GLU D 46 -2.16 -17.01 -1.20
C GLU D 46 -1.71 -18.43 -0.91
N TRP D 47 -0.63 -18.56 -0.15
CA TRP D 47 -0.20 -19.80 0.45
C TRP D 47 -1.24 -20.31 1.44
N VAL D 48 -1.64 -21.57 1.29
CA VAL D 48 -2.66 -22.18 2.16
C VAL D 48 -2.22 -23.36 3.02
N ALA D 49 -1.28 -24.19 2.54
CA ALA D 49 -0.91 -25.39 3.26
C ALA D 49 0.45 -25.88 2.80
N GLU D 50 1.17 -26.52 3.69
CA GLU D 50 2.50 -27.10 3.40
C GLU D 50 2.74 -28.36 4.18
N ILE D 51 3.50 -29.28 3.59
CA ILE D 51 3.82 -30.51 4.24
C ILE D 51 5.30 -30.83 4.01
N ARG D 52 5.98 -31.19 5.09
CA ARG D 52 7.42 -31.46 5.07
C ARG D 52 7.64 -32.95 4.86
N LEU D 53 8.83 -33.44 5.22
CA LEU D 53 9.28 -34.77 4.81
C LEU D 53 8.97 -35.86 5.87
N LYS D 54 9.11 -37.11 5.45
CA LYS D 54 9.03 -38.27 6.33
C LYS D 54 9.91 -38.04 7.56
N SER D 55 11.14 -37.59 7.31
CA SER D 55 12.10 -37.33 8.37
C SER D 55 11.68 -36.19 9.29
N ASP D 56 10.65 -35.44 8.92
CA ASP D 56 10.08 -34.40 9.79
C ASP D 56 8.73 -34.85 10.39
N ASN D 57 8.47 -36.15 10.33
CA ASN D 57 7.19 -36.68 10.75
C ASN D 57 6.05 -36.11 9.91
N TYR D 58 6.33 -35.91 8.62
CA TYR D 58 5.34 -35.38 7.70
C TYR D 58 4.60 -34.14 8.21
N ALA D 59 5.34 -33.22 8.82
CA ALA D 59 4.84 -32.03 9.46
C ALA D 59 4.06 -31.12 8.52
N THR D 60 2.91 -30.64 8.99
CA THR D 60 1.98 -29.91 8.15
C THR D 60 1.76 -28.54 8.78
N TYR D 61 1.58 -27.53 7.92
CA TYR D 61 1.33 -26.11 8.32
C TYR D 61 0.26 -25.54 7.41
N TYR D 62 -0.55 -24.62 7.96
CA TYR D 62 -1.69 -24.11 7.24
C TYR D 62 -1.80 -22.63 7.42
N ALA D 63 -2.35 -21.96 6.42
CA ALA D 63 -2.74 -20.57 6.59
C ALA D 63 -3.88 -20.55 7.59
N GLU D 64 -3.89 -19.56 8.44
CA GLU D 64 -4.98 -19.40 9.40
C GLU D 64 -6.38 -19.30 8.78
N SER D 65 -6.47 -18.80 7.55
CA SER D 65 -7.72 -18.74 6.81
C SER D 65 -8.30 -20.11 6.40
N VAL D 66 -7.52 -21.18 6.51
CA VAL D 66 -8.03 -22.49 6.15
C VAL D 66 -7.78 -23.54 7.23
N LYS D 67 -7.27 -23.11 8.37
CA LYS D 67 -7.04 -24.02 9.49
C LYS D 67 -8.37 -24.64 9.87
N GLY D 68 -8.39 -25.96 10.03
CA GLY D 68 -9.58 -26.71 10.39
C GLY D 68 -10.46 -27.14 9.23
N LYS D 69 -10.15 -26.64 8.02
CA LYS D 69 -10.93 -26.87 6.80
C LYS D 69 -10.21 -27.75 5.79
N PHE D 70 -8.94 -27.47 5.60
CA PHE D 70 -8.12 -28.08 4.53
C PHE D 70 -7.19 -29.08 5.23
N THR D 71 -6.86 -30.16 4.55
CA THR D 71 -5.93 -31.11 5.05
C THR D 71 -5.01 -31.46 3.89
N ILE D 72 -3.73 -31.22 4.08
CA ILE D 72 -2.72 -31.56 3.09
C ILE D 72 -2.13 -32.89 3.44
N SER D 73 -1.82 -33.70 2.42
CA SER D 73 -1.19 -34.96 2.68
C SER D 73 -0.35 -35.34 1.48
N ARG D 74 0.53 -36.33 1.63
CA ARG D 74 1.34 -36.79 0.50
C ARG D 74 1.49 -38.32 0.47
N ASP D 75 1.58 -38.88 -0.72
CA ASP D 75 1.85 -40.29 -0.92
C ASP D 75 3.18 -40.35 -1.67
N ASP D 76 4.25 -40.48 -0.92
CA ASP D 76 5.59 -40.49 -1.48
C ASP D 76 5.78 -41.60 -2.49
N SER D 77 5.16 -42.75 -2.26
CA SER D 77 5.22 -43.86 -3.22
C SER D 77 4.62 -43.51 -4.56
N LYS D 78 3.65 -42.60 -4.58
CA LYS D 78 3.00 -42.22 -5.83
C LYS D 78 3.45 -40.88 -6.40
N SER D 79 4.32 -40.19 -5.68
CA SER D 79 4.79 -38.84 -6.01
C SER D 79 3.59 -37.93 -6.17
N ARG D 80 2.65 -38.04 -5.22
CA ARG D 80 1.39 -37.30 -5.30
C ARG D 80 1.16 -36.51 -4.03
N LEU D 81 0.71 -35.27 -4.21
CA LEU D 81 0.33 -34.38 -3.10
C LEU D 81 -1.20 -34.21 -3.16
N TYR D 82 -1.84 -34.09 -2.02
CA TYR D 82 -3.28 -33.97 -1.99
C TYR D 82 -3.69 -32.75 -1.16
N LEU D 83 -4.82 -32.17 -1.50
CA LEU D 83 -5.47 -31.19 -0.63
C LEU D 83 -6.95 -31.56 -0.49
N GLN D 84 -7.35 -31.96 0.71
CA GLN D 84 -8.73 -32.21 1.07
C GLN D 84 -9.29 -30.90 1.58
N MET D 85 -10.35 -30.43 0.94
CA MET D 85 -10.87 -29.11 1.17
C MET D 85 -12.33 -29.30 1.67
N ASN D 86 -12.61 -28.93 2.90
CA ASN D 86 -13.96 -29.07 3.45
C ASN D 86 -14.46 -27.72 3.83
N ASN D 87 -15.80 -27.65 4.00
CA ASN D 87 -16.51 -26.47 4.51
C ASN D 87 -16.16 -25.26 3.65
N LEU D 88 -16.24 -25.47 2.34
CA LEU D 88 -15.80 -24.48 1.39
C LEU D 88 -16.76 -23.31 1.33
N ARG D 89 -16.19 -22.14 1.11
CA ARG D 89 -16.96 -20.93 1.03
C ARG D 89 -16.56 -20.17 -0.23
N THR D 90 -17.30 -19.15 -0.62
CA THR D 90 -17.00 -18.47 -1.89
C THR D 90 -15.56 -17.94 -1.96
N GLU D 91 -15.04 -17.42 -0.83
CA GLU D 91 -13.66 -16.95 -0.66
CA GLU D 91 -13.66 -16.95 -0.70
C GLU D 91 -12.61 -18.01 -1.03
N ASP D 92 -13.02 -19.26 -1.11
CA ASP D 92 -12.08 -20.34 -1.40
C ASP D 92 -11.92 -20.59 -2.91
N THR D 93 -12.71 -19.91 -3.71
CA THR D 93 -12.61 -19.98 -5.18
C THR D 93 -11.27 -19.46 -5.70
N GLY D 94 -10.64 -20.16 -6.63
CA GLY D 94 -9.33 -19.72 -7.09
C GLY D 94 -8.69 -20.82 -7.90
N ILE D 95 -7.55 -20.49 -8.47
CA ILE D 95 -6.68 -21.46 -9.14
C ILE D 95 -5.71 -21.94 -8.09
N TYR D 96 -5.69 -23.26 -7.89
CA TYR D 96 -4.87 -23.92 -6.88
C TYR D 96 -3.64 -24.52 -7.58
N TYR D 97 -2.47 -24.04 -7.17
CA TYR D 97 -1.16 -24.51 -7.67
C TYR D 97 -0.45 -25.29 -6.59
N CYS D 98 0.13 -26.40 -7.02
CA CYS D 98 1.21 -26.96 -6.27
C CYS D 98 2.44 -26.09 -6.45
N PHE D 99 3.06 -25.80 -5.32
CA PHE D 99 4.23 -24.95 -5.22
C PHE D 99 5.22 -25.68 -4.35
N LEU D 100 6.31 -26.15 -4.96
CA LEU D 100 7.43 -26.71 -4.25
C LEU D 100 8.34 -25.56 -3.86
N PRO D 101 8.25 -25.11 -2.62
CA PRO D 101 9.00 -23.93 -2.26
C PRO D 101 10.50 -24.11 -2.46
N MET D 102 11.22 -23.18 -3.09
CA MET D 102 10.74 -21.90 -3.67
C MET D 102 10.79 -21.95 -5.21
N ASP D 103 11.13 -23.10 -5.79
CA ASP D 103 11.58 -23.17 -7.17
C ASP D 103 10.58 -23.58 -8.24
N TYR D 104 9.53 -24.31 -7.89
CA TYR D 104 8.65 -24.88 -8.89
C TYR D 104 7.20 -24.65 -8.59
N TRP D 105 6.47 -24.29 -9.65
CA TRP D 105 5.02 -24.19 -9.71
C TRP D 105 4.41 -25.12 -10.74
N GLY D 106 3.23 -25.63 -10.42
CA GLY D 106 2.47 -26.45 -11.38
C GLY D 106 1.68 -25.62 -12.36
N GLN D 107 0.63 -26.18 -12.97
CA GLN D 107 -0.11 -25.44 -13.97
CA GLN D 107 -0.14 -25.48 -13.99
C GLN D 107 -1.42 -24.88 -13.43
N GLY D 108 -1.77 -25.28 -12.21
CA GLY D 108 -2.99 -24.83 -11.49
C GLY D 108 -4.20 -25.65 -11.90
N THR D 109 -5.10 -25.90 -10.94
CA THR D 109 -6.41 -26.47 -11.26
C THR D 109 -7.44 -25.54 -10.63
N SER D 110 -8.54 -25.29 -11.34
CA SER D 110 -9.52 -24.27 -10.86
C SER D 110 -10.59 -24.86 -9.99
N VAL D 111 -10.93 -24.19 -8.87
CA VAL D 111 -11.94 -24.66 -7.97
C VAL D 111 -12.87 -23.48 -7.80
N THR D 112 -14.13 -23.68 -8.15
CA THR D 112 -15.18 -22.67 -7.97
C THR D 112 -16.11 -23.16 -6.89
N VAL D 113 -16.43 -22.26 -5.93
CA VAL D 113 -17.40 -22.53 -4.91
C VAL D 113 -18.54 -21.52 -5.15
N SER D 114 -19.71 -22.05 -5.49
CA SER D 114 -20.79 -21.27 -6.08
C SER D 114 -22.12 -21.96 -5.91
N SER D 115 -23.17 -21.17 -5.75
CA SER D 115 -24.54 -21.69 -5.71
C SER D 115 -25.14 -21.75 -7.13
N ALA D 116 -24.38 -21.33 -8.15
CA ALA D 116 -24.84 -21.40 -9.51
C ALA D 116 -24.50 -22.76 -10.10
N LYS D 117 -25.18 -23.12 -11.18
CA LYS D 117 -25.00 -24.43 -11.79
C LYS D 117 -23.99 -24.37 -12.92
N THR D 118 -23.25 -25.44 -13.09
CA THR D 118 -22.40 -25.54 -14.27
C THR D 118 -23.24 -25.60 -15.52
N THR D 119 -22.86 -24.79 -16.51
CA THR D 119 -23.47 -24.82 -17.86
C THR D 119 -22.35 -24.89 -18.85
N PRO D 120 -22.42 -25.82 -19.79
CA PRO D 120 -21.29 -25.92 -20.73
C PRO D 120 -21.42 -24.83 -21.81
N PRO D 121 -20.34 -24.50 -22.54
CA PRO D 121 -20.51 -23.43 -23.52
C PRO D 121 -21.22 -23.80 -24.83
N SER D 122 -21.81 -22.78 -25.45
CA SER D 122 -22.24 -22.81 -26.84
C SER D 122 -21.15 -22.17 -27.69
N VAL D 123 -20.68 -22.88 -28.71
CA VAL D 123 -19.58 -22.38 -29.55
C VAL D 123 -20.12 -22.03 -30.95
N TYR D 124 -19.96 -20.77 -31.32
CA TYR D 124 -20.41 -20.27 -32.62
C TYR D 124 -19.24 -19.85 -33.47
N PRO D 125 -19.28 -20.18 -34.77
CA PRO D 125 -18.23 -19.71 -35.65
C PRO D 125 -18.35 -18.22 -35.94
N LEU D 126 -17.21 -17.55 -36.09
CA LEU D 126 -17.19 -16.17 -36.54
C LEU D 126 -16.46 -16.11 -37.88
N ALA D 127 -17.22 -15.92 -38.95
CA ALA D 127 -16.66 -15.96 -40.33
C ALA D 127 -17.08 -14.67 -40.97
N PRO D 128 -16.27 -14.12 -41.87
CA PRO D 128 -16.63 -12.91 -42.64
C PRO D 128 -17.94 -13.02 -43.41
N GLY D 129 -18.79 -11.98 -43.32
CA GLY D 129 -20.01 -11.86 -44.14
C GLY D 129 -19.86 -12.28 -45.61
N SER D 136 -5.37 -10.14 -48.24
CA SER D 136 -4.17 -10.97 -48.02
C SER D 136 -4.19 -11.75 -46.69
N MET D 137 -4.67 -11.10 -45.64
CA MET D 137 -4.95 -11.81 -44.38
C MET D 137 -6.46 -12.01 -44.25
N VAL D 138 -6.86 -13.08 -43.58
CA VAL D 138 -8.27 -13.18 -43.17
C VAL D 138 -8.30 -13.41 -41.66
N THR D 139 -9.24 -12.75 -40.98
CA THR D 139 -9.46 -12.95 -39.54
C THR D 139 -10.78 -13.68 -39.27
N LEU D 140 -10.65 -14.81 -38.58
CA LEU D 140 -11.80 -15.63 -38.18
C LEU D 140 -11.83 -15.66 -36.67
N GLY D 141 -12.84 -16.33 -36.11
CA GLY D 141 -12.88 -16.51 -34.68
C GLY D 141 -13.93 -17.50 -34.21
N CYS D 142 -14.00 -17.65 -32.88
CA CYS D 142 -15.04 -18.45 -32.25
C CYS D 142 -15.59 -17.63 -31.11
N LEU D 143 -16.90 -17.66 -31.01
CA LEU D 143 -17.64 -17.04 -29.90
C LEU D 143 -18.09 -18.17 -28.99
N VAL D 144 -17.73 -18.03 -27.71
CA VAL D 144 -17.95 -19.03 -26.68
C VAL D 144 -18.84 -18.38 -25.64
N LYS D 145 -20.07 -18.87 -25.57
CA LYS D 145 -21.13 -18.17 -24.88
C LYS D 145 -21.94 -19.08 -23.95
N GLY D 146 -22.46 -18.51 -22.86
CA GLY D 146 -23.47 -19.21 -22.12
C GLY D 146 -22.95 -20.23 -21.14
N TYR D 147 -21.70 -20.10 -20.73
CA TYR D 147 -21.10 -21.07 -19.82
C TYR D 147 -20.83 -20.54 -18.43
N PHE D 148 -20.66 -21.49 -17.52
CA PHE D 148 -20.28 -21.24 -16.14
C PHE D 148 -19.80 -22.55 -15.48
N PRO D 149 -18.77 -22.47 -14.58
CA PRO D 149 -17.88 -21.37 -14.28
C PRO D 149 -16.76 -21.28 -15.30
N GLU D 150 -15.92 -20.27 -15.14
CA GLU D 150 -14.59 -20.31 -15.74
C GLU D 150 -13.73 -21.40 -15.15
N PRO D 151 -12.65 -21.82 -15.84
CA PRO D 151 -12.20 -21.43 -17.15
C PRO D 151 -12.70 -22.29 -18.32
N VAL D 152 -12.45 -21.78 -19.50
CA VAL D 152 -12.46 -22.59 -20.71
C VAL D 152 -11.07 -22.41 -21.31
N THR D 153 -10.63 -23.38 -22.11
CA THR D 153 -9.40 -23.20 -22.88
C THR D 153 -9.75 -23.41 -24.34
N VAL D 154 -9.32 -22.45 -25.17
CA VAL D 154 -9.62 -22.42 -26.59
C VAL D 154 -8.32 -22.61 -27.34
N THR D 155 -8.33 -23.54 -28.29
CA THR D 155 -7.21 -23.75 -29.18
C THR D 155 -7.72 -23.73 -30.61
N TRP D 156 -6.79 -23.62 -31.55
CA TRP D 156 -7.12 -23.65 -32.94
C TRP D 156 -6.35 -24.79 -33.60
N ASN D 157 -7.09 -25.58 -34.39
CA ASN D 157 -6.56 -26.79 -35.03
C ASN D 157 -5.80 -27.71 -34.06
N SER D 158 -6.42 -27.94 -32.89
CA SER D 158 -5.88 -28.81 -31.86
C SER D 158 -4.49 -28.36 -31.38
N GLY D 159 -4.25 -27.05 -31.45
CA GLY D 159 -3.03 -26.44 -30.95
C GLY D 159 -1.96 -26.18 -32.00
N SER D 160 -2.12 -26.76 -33.20
CA SER D 160 -1.12 -26.62 -34.25
C SER D 160 -1.18 -25.25 -34.94
N LEU D 161 -2.22 -24.48 -34.66
CA LEU D 161 -2.35 -23.12 -35.15
C LEU D 161 -2.26 -22.20 -33.93
N SER D 162 -1.10 -21.60 -33.71
CA SER D 162 -0.85 -20.77 -32.52
C SER D 162 -0.44 -19.33 -32.87
N SER D 163 0.26 -19.14 -33.99
CA SER D 163 0.61 -17.80 -34.45
C SER D 163 -0.67 -17.06 -34.86
N GLY D 164 -0.78 -15.80 -34.46
CA GLY D 164 -1.85 -14.93 -34.92
C GLY D 164 -3.17 -15.12 -34.20
N VAL D 165 -3.10 -15.65 -32.97
CA VAL D 165 -4.28 -15.94 -32.15
C VAL D 165 -4.37 -15.03 -30.92
N HIS D 166 -5.52 -14.39 -30.73
CA HIS D 166 -5.87 -13.64 -29.50
C HIS D 166 -7.06 -14.34 -28.86
N THR D 167 -7.00 -14.62 -27.56
CA THR D 167 -8.20 -15.05 -26.87
C THR D 167 -8.51 -14.03 -25.82
N PHE D 168 -9.75 -13.54 -25.82
CA PHE D 168 -10.12 -12.41 -24.98
C PHE D 168 -10.60 -12.92 -23.64
N PRO D 169 -10.28 -12.22 -22.56
CA PRO D 169 -10.82 -12.62 -21.25
C PRO D 169 -12.35 -12.70 -21.25
N ALA D 170 -12.88 -13.67 -20.51
CA ALA D 170 -14.33 -13.84 -20.37
C ALA D 170 -14.91 -12.69 -19.58
N VAL D 171 -16.17 -12.36 -19.87
CA VAL D 171 -16.98 -11.43 -19.05
C VAL D 171 -18.23 -12.15 -18.57
N LEU D 172 -18.60 -11.90 -17.32
CA LEU D 172 -19.78 -12.46 -16.72
C LEU D 172 -20.91 -11.50 -16.95
N GLN D 173 -21.99 -12.00 -17.52
CA GLN D 173 -23.22 -11.22 -17.63
C GLN D 173 -24.43 -12.12 -17.42
N SER D 174 -25.28 -11.75 -16.47
CA SER D 174 -26.47 -12.54 -16.18
C SER D 174 -26.12 -13.99 -15.80
N ASP D 175 -25.11 -14.17 -14.93
CA ASP D 175 -24.73 -15.50 -14.36
C ASP D 175 -23.95 -16.42 -15.32
N LEU D 176 -23.62 -15.94 -16.51
CA LEU D 176 -23.00 -16.75 -17.60
C LEU D 176 -21.85 -15.96 -18.22
N TYR D 177 -20.82 -16.65 -18.69
CA TYR D 177 -19.66 -16.02 -19.29
C TYR D 177 -19.75 -16.07 -20.79
N THR D 178 -19.12 -15.08 -21.38
CA THR D 178 -18.89 -14.99 -22.80
C THR D 178 -17.43 -14.68 -23.01
N LEU D 179 -16.82 -15.36 -23.97
CA LEU D 179 -15.56 -14.94 -24.53
C LEU D 179 -15.44 -15.27 -26.02
N SER D 180 -14.39 -14.74 -26.62
CA SER D 180 -14.11 -15.02 -28.02
C SER D 180 -12.61 -15.17 -28.28
N SER D 181 -12.32 -15.85 -29.36
CA SER D 181 -10.97 -16.08 -29.77
C SER D 181 -10.87 -15.63 -31.23
N SER D 182 -9.78 -14.94 -31.56
CA SER D 182 -9.49 -14.49 -32.89
C SER D 182 -8.28 -15.24 -33.45
N VAL D 183 -8.36 -15.61 -34.72
CA VAL D 183 -7.18 -16.10 -35.43
C VAL D 183 -7.13 -15.39 -36.80
N THR D 184 -5.92 -14.96 -37.15
CA THR D 184 -5.68 -14.30 -38.39
C THR D 184 -4.77 -15.23 -39.19
N VAL D 185 -5.23 -15.64 -40.36
CA VAL D 185 -4.47 -16.53 -41.25
C VAL D 185 -4.29 -15.92 -42.64
N PRO D 186 -3.36 -16.45 -43.45
CA PRO D 186 -3.27 -15.94 -44.82
C PRO D 186 -4.50 -16.33 -45.63
N SER D 187 -5.10 -15.36 -46.33
CA SER D 187 -6.33 -15.59 -47.12
C SER D 187 -6.26 -16.79 -48.05
N SER D 188 -5.06 -17.11 -48.51
CA SER D 188 -4.85 -18.23 -49.42
C SER D 188 -4.97 -19.59 -48.74
N THR D 189 -4.87 -19.63 -47.41
CA THR D 189 -4.97 -20.89 -46.65
C THR D 189 -6.41 -21.25 -46.22
N TRP D 190 -7.29 -20.26 -46.21
CA TRP D 190 -8.68 -20.48 -45.85
C TRP D 190 -9.60 -20.01 -46.97
N PRO D 191 -10.66 -20.77 -47.28
CA PRO D 191 -11.12 -22.04 -46.70
C PRO D 191 -10.50 -23.29 -47.30
N SER D 192 -9.39 -23.16 -48.02
CA SER D 192 -8.76 -24.31 -48.67
C SER D 192 -8.18 -25.28 -47.62
N GLU D 193 -7.60 -24.76 -46.56
CA GLU D 193 -7.26 -25.57 -45.38
C GLU D 193 -8.26 -25.27 -44.27
N THR D 194 -8.59 -26.29 -43.49
CA THR D 194 -9.62 -26.15 -42.46
C THR D 194 -9.03 -25.37 -41.29
N VAL D 195 -9.91 -24.62 -40.65
CA VAL D 195 -9.62 -23.90 -39.43
C VAL D 195 -10.76 -24.24 -38.47
N THR D 196 -10.41 -24.89 -37.37
CA THR D 196 -11.36 -25.34 -36.35
C THR D 196 -10.93 -24.83 -34.98
N CYS D 197 -11.86 -24.26 -34.22
CA CYS D 197 -11.58 -23.91 -32.84
C CYS D 197 -12.07 -25.02 -31.90
N ASN D 198 -11.25 -25.32 -30.90
CA ASN D 198 -11.51 -26.41 -29.97
C ASN D 198 -11.71 -25.75 -28.61
N VAL D 199 -12.80 -26.09 -27.94
CA VAL D 199 -13.17 -25.44 -26.68
C VAL D 199 -13.42 -26.49 -25.57
N ALA D 200 -12.55 -26.48 -24.56
CA ALA D 200 -12.63 -27.39 -23.46
C ALA D 200 -13.13 -26.62 -22.24
N HIS D 201 -14.04 -27.23 -21.49
CA HIS D 201 -14.62 -26.62 -20.28
C HIS D 201 -14.43 -27.68 -19.20
N PRO D 202 -13.38 -27.54 -18.41
CA PRO D 202 -13.11 -28.52 -17.35
C PRO D 202 -14.29 -28.82 -16.43
N ALA D 203 -15.03 -27.80 -15.99
CA ALA D 203 -16.14 -28.06 -15.11
C ALA D 203 -17.26 -28.97 -15.61
N SER D 204 -17.45 -29.06 -16.95
CA SER D 204 -18.42 -29.95 -17.59
C SER D 204 -17.74 -31.13 -18.30
N SER D 205 -16.43 -31.19 -18.20
CA SER D 205 -15.66 -32.27 -18.82
C SER D 205 -16.08 -32.37 -20.26
N THR D 206 -16.25 -31.23 -20.93
CA THR D 206 -16.63 -31.18 -22.35
C THR D 206 -15.47 -30.66 -23.20
N LYS D 207 -15.45 -31.09 -24.46
CA LYS D 207 -14.53 -30.56 -25.45
C LYS D 207 -15.30 -30.50 -26.78
N VAL D 208 -15.46 -29.30 -27.32
CA VAL D 208 -16.30 -29.07 -28.48
C VAL D 208 -15.45 -28.45 -29.59
N ASP D 209 -15.66 -28.92 -30.82
CA ASP D 209 -14.98 -28.38 -31.98
C ASP D 209 -15.98 -27.63 -32.84
N LYS D 210 -15.56 -26.51 -33.41
CA LYS D 210 -16.35 -25.79 -34.39
C LYS D 210 -15.46 -25.41 -35.58
N LYS D 211 -15.78 -25.99 -36.73
CA LYS D 211 -15.11 -25.64 -37.96
C LYS D 211 -15.67 -24.33 -38.48
N ILE D 212 -14.80 -23.41 -38.85
CA ILE D 212 -15.21 -22.15 -39.44
C ILE D 212 -15.31 -22.37 -40.93
N VAL D 213 -16.51 -22.24 -41.48
CA VAL D 213 -16.73 -22.44 -42.90
C VAL D 213 -17.26 -21.14 -43.51
N PRO D 214 -16.90 -20.85 -44.77
CA PRO D 214 -17.39 -19.60 -45.38
C PRO D 214 -18.92 -19.50 -45.47
N ARG D 215 -19.42 -18.28 -45.44
CA ARG D 215 -20.84 -18.06 -45.42
C ARG D 215 -21.41 -18.03 -46.84
N ASP E 1 24.61 17.89 0.71
CA ASP E 1 25.16 17.10 1.83
C ASP E 1 24.43 15.80 1.92
N ILE E 2 25.18 14.75 2.25
CA ILE E 2 24.64 13.45 2.59
C ILE E 2 25.43 13.02 3.84
N VAL E 3 24.71 12.47 4.81
CA VAL E 3 25.26 11.87 5.96
C VAL E 3 25.19 10.37 5.83
N MET E 4 26.34 9.76 6.04
CA MET E 4 26.55 8.31 6.02
C MET E 4 26.75 7.83 7.43
N THR E 5 25.87 6.94 7.90
CA THR E 5 25.84 6.55 9.32
C THR E 5 26.24 5.10 9.56
N GLN E 6 27.30 4.91 10.34
CA GLN E 6 27.62 3.59 10.79
C GLN E 6 28.06 3.60 12.26
N ALA E 7 27.94 2.44 12.89
CA ALA E 7 28.35 2.33 14.27
C ALA E 7 29.86 2.27 14.36
N ALA E 8 30.42 2.82 15.44
CA ALA E 8 31.87 2.88 15.62
C ALA E 8 32.46 1.48 15.82
N PHE E 9 31.67 0.59 16.39
CA PHE E 9 32.12 -0.74 16.74
C PHE E 9 31.07 -1.76 16.38
N SER E 10 31.53 -2.97 16.09
CA SER E 10 30.66 -4.11 15.94
C SER E 10 31.00 -5.09 17.07
N ASN E 11 30.18 -6.13 17.25
CA ASN E 11 30.47 -7.12 18.29
C ASN E 11 31.61 -8.01 17.82
N PRO E 12 32.48 -8.42 18.75
CA PRO E 12 33.66 -9.18 18.36
C PRO E 12 33.32 -10.46 17.65
N VAL E 13 34.19 -10.89 16.75
CA VAL E 13 33.89 -12.01 15.90
C VAL E 13 35.00 -13.02 16.03
N THR E 14 34.58 -14.25 16.28
CA THR E 14 35.48 -15.35 16.44
C THR E 14 36.10 -15.59 15.10
N LEU E 15 37.41 -15.83 15.08
CA LEU E 15 38.09 -16.12 13.82
C LEU E 15 37.38 -17.22 13.10
N GLY E 16 37.39 -17.14 11.78
CA GLY E 16 36.73 -18.14 10.95
C GLY E 16 35.21 -18.05 10.96
N THR E 17 34.64 -17.11 11.70
CA THR E 17 33.21 -16.89 11.65
C THR E 17 32.92 -15.57 10.91
N SER E 18 31.65 -15.28 10.72
CA SER E 18 31.26 -14.21 9.82
C SER E 18 31.05 -12.87 10.54
N ALA E 19 31.44 -11.80 9.86
CA ALA E 19 31.22 -10.46 10.38
C ALA E 19 30.23 -9.70 9.50
N SER E 20 29.43 -8.84 10.11
CA SER E 20 28.43 -8.03 9.40
C SER E 20 28.51 -6.58 9.80
N ILE E 21 28.83 -5.72 8.82
CA ILE E 21 28.89 -4.27 9.09
C ILE E 21 27.82 -3.51 8.31
N SER E 22 27.11 -2.62 9.01
CA SER E 22 25.98 -1.91 8.43
C SER E 22 26.34 -0.50 8.13
N CYS E 23 25.62 0.10 7.19
CA CYS E 23 25.70 1.53 6.94
C CYS E 23 24.37 2.03 6.44
N ARG E 24 24.12 3.31 6.61
CA ARG E 24 22.95 3.86 6.00
C ARG E 24 23.18 5.28 5.60
N SER E 25 22.43 5.68 4.57
CA SER E 25 22.55 7.02 3.99
C SER E 25 21.29 7.87 4.22
N SER E 26 21.48 9.18 4.22
CA SER E 26 20.40 10.15 4.39
C SER E 26 19.64 10.41 3.08
N LYS E 27 20.16 9.90 1.95
CA LYS E 27 19.52 10.08 0.68
C LYS E 27 19.80 8.78 -0.08
N SER E 28 18.88 8.35 -0.95
CA SER E 28 19.12 7.16 -1.77
C SER E 28 20.35 7.33 -2.67
N LEU E 29 21.16 6.28 -2.78
CA LEU E 29 22.35 6.29 -3.64
C LEU E 29 22.13 5.44 -4.89
N LEU E 30 20.89 4.97 -5.03
CA LEU E 30 20.40 4.30 -6.23
C LEU E 30 20.08 5.30 -7.32
N HIS E 31 20.86 5.20 -8.38
CA HIS E 31 20.81 6.12 -9.51
C HIS E 31 19.85 5.59 -10.56
N SER E 32 19.33 6.51 -11.38
CA SER E 32 18.51 6.14 -12.54
C SER E 32 19.17 5.13 -13.48
N ASP E 33 20.50 5.06 -13.46
CA ASP E 33 21.25 4.11 -14.33
C ASP E 33 21.27 2.69 -13.74
N GLY E 34 20.66 2.53 -12.57
CA GLY E 34 20.47 1.26 -11.91
C GLY E 34 21.59 0.85 -10.99
N ILE E 35 22.62 1.71 -10.90
CA ILE E 35 23.78 1.47 -10.05
C ILE E 35 23.53 2.11 -8.68
N THR E 36 23.86 1.38 -7.62
CA THR E 36 23.84 1.97 -6.26
C THR E 36 25.25 2.38 -5.94
N TYR E 37 25.48 3.69 -5.90
CA TYR E 37 26.83 4.21 -5.77
C TYR E 37 27.32 4.28 -4.32
N LEU E 38 27.43 3.10 -3.72
CA LEU E 38 27.87 2.88 -2.35
C LEU E 38 29.22 2.16 -2.43
N TYR E 39 30.17 2.65 -1.66
CA TYR E 39 31.54 2.14 -1.67
C TYR E 39 31.96 1.78 -0.27
N TRP E 40 32.84 0.79 -0.15
CA TRP E 40 33.41 0.43 1.14
C TRP E 40 34.93 0.48 1.03
N TYR E 41 35.55 1.08 2.03
CA TYR E 41 37.00 1.20 2.20
C TYR E 41 37.46 0.49 3.51
N LEU E 42 38.64 -0.16 3.50
CA LEU E 42 39.25 -0.65 4.73
C LEU E 42 40.47 0.21 5.06
N GLN E 43 40.61 0.63 6.32
CA GLN E 43 41.84 1.27 6.77
C GLN E 43 42.43 0.42 7.91
N LYS E 44 43.45 -0.35 7.53
CA LYS E 44 44.16 -1.22 8.46
C LYS E 44 45.08 -0.39 9.35
N PRO E 45 45.48 -0.97 10.51
CA PRO E 45 46.24 -0.14 11.45
C PRO E 45 47.49 0.49 10.84
N GLY E 46 47.63 1.79 11.02
CA GLY E 46 48.78 2.52 10.50
C GLY E 46 48.87 2.66 8.99
N GLN E 47 47.83 2.27 8.24
CA GLN E 47 47.85 2.37 6.78
C GLN E 47 46.85 3.41 6.27
N SER E 48 46.89 3.64 4.95
CA SER E 48 45.92 4.46 4.28
C SER E 48 44.69 3.63 4.07
N PRO E 49 43.55 4.29 3.80
CA PRO E 49 42.41 3.47 3.38
C PRO E 49 42.69 2.78 2.05
N HIS E 50 41.99 1.68 1.79
CA HIS E 50 41.97 1.11 0.47
C HIS E 50 40.57 0.63 0.09
N LEU E 51 40.25 0.70 -1.20
CA LEU E 51 38.94 0.34 -1.68
C LEU E 51 38.74 -1.15 -1.59
N LEU E 52 37.61 -1.55 -1.05
CA LEU E 52 37.21 -2.95 -0.97
C LEU E 52 36.10 -3.26 -1.96
N ILE E 53 35.06 -2.44 -1.94
CA ILE E 53 33.85 -2.72 -2.68
C ILE E 53 33.41 -1.41 -3.34
N TYR E 54 32.97 -1.49 -4.58
CA TYR E 54 32.45 -0.31 -5.33
C TYR E 54 31.08 -0.62 -5.95
N HIS E 55 30.25 0.41 -6.17
CA HIS E 55 28.92 0.21 -6.76
C HIS E 55 28.16 -0.90 -6.01
N LEU E 56 28.15 -0.75 -4.69
CA LEU E 56 27.38 -1.60 -3.77
C LEU E 56 27.90 -3.02 -3.61
N SER E 57 28.18 -3.68 -4.72
CA SER E 57 28.40 -5.11 -4.67
C SER E 57 29.61 -5.64 -5.40
N ASN E 58 30.34 -4.78 -6.08
CA ASN E 58 31.51 -5.26 -6.84
C ASN E 58 32.81 -5.21 -6.05
N LEU E 59 33.53 -6.31 -6.00
CA LEU E 59 34.83 -6.36 -5.30
C LEU E 59 36.00 -5.70 -6.07
N ALA E 60 36.77 -4.85 -5.40
CA ALA E 60 37.98 -4.31 -6.02
C ALA E 60 38.98 -5.44 -6.31
N SER E 61 39.91 -5.20 -7.22
CA SER E 61 40.89 -6.24 -7.60
C SER E 61 41.72 -6.66 -6.42
N GLY E 62 41.90 -7.97 -6.24
CA GLY E 62 42.70 -8.47 -5.12
C GLY E 62 41.99 -8.61 -3.80
N VAL E 63 40.70 -8.28 -3.75
CA VAL E 63 39.90 -8.42 -2.53
C VAL E 63 39.36 -9.84 -2.54
N PRO E 64 39.55 -10.60 -1.44
CA PRO E 64 39.14 -12.00 -1.55
C PRO E 64 37.62 -12.15 -1.48
N ASP E 65 37.07 -13.22 -2.03
CA ASP E 65 35.61 -13.31 -2.14
C ASP E 65 34.88 -13.64 -0.81
N ARG E 66 35.63 -13.64 0.29
CA ARG E 66 35.05 -13.67 1.64
C ARG E 66 34.28 -12.38 1.92
N PHE E 67 34.62 -11.32 1.19
CA PHE E 67 33.92 -10.04 1.28
C PHE E 67 32.77 -9.94 0.27
N SER E 68 31.59 -9.54 0.76
CA SER E 68 30.45 -9.25 -0.09
C SER E 68 29.69 -8.12 0.48
N SER E 69 28.82 -7.53 -0.33
CA SER E 69 28.00 -6.40 0.11
C SER E 69 26.71 -6.37 -0.68
N SER E 70 25.67 -5.85 -0.03
CA SER E 70 24.36 -5.75 -0.60
C SER E 70 23.71 -4.55 0.05
N GLY E 71 22.58 -4.11 -0.51
CA GLY E 71 21.77 -3.04 0.09
C GLY E 71 20.78 -2.39 -0.86
N SER E 72 19.94 -1.48 -0.33
CA SER E 72 19.04 -0.74 -1.15
C SER E 72 19.78 0.54 -1.53
N GLY E 73 19.04 1.61 -1.82
CA GLY E 73 19.63 2.91 -2.00
C GLY E 73 20.02 3.56 -0.68
N THR E 74 19.52 3.04 0.43
CA THR E 74 19.69 3.75 1.72
C THR E 74 20.25 2.93 2.89
N ASP E 75 20.21 1.60 2.78
CA ASP E 75 20.59 0.75 3.91
C ASP E 75 21.48 -0.35 3.33
N PHE E 76 22.68 -0.50 3.89
CA PHE E 76 23.69 -1.37 3.27
C PHE E 76 24.35 -2.28 4.30
N THR E 77 24.95 -3.37 3.81
CA THR E 77 25.52 -4.38 4.68
C THR E 77 26.77 -4.99 4.09
N LEU E 78 27.91 -4.79 4.74
CA LEU E 78 29.13 -5.51 4.34
C LEU E 78 29.19 -6.85 5.07
N ARG E 79 29.45 -7.94 4.35
CA ARG E 79 29.64 -9.22 5.00
C ARG E 79 31.08 -9.73 4.77
N ILE E 80 31.69 -10.22 5.85
CA ILE E 80 32.99 -10.92 5.75
C ILE E 80 32.69 -12.35 6.24
N SER E 81 32.84 -13.34 5.37
CA SER E 81 32.19 -14.64 5.61
C SER E 81 32.88 -15.51 6.66
N ARG E 82 34.21 -15.55 6.59
CA ARG E 82 35.02 -16.30 7.55
C ARG E 82 36.24 -15.46 7.86
N VAL E 83 36.09 -14.69 8.92
CA VAL E 83 37.06 -13.68 9.27
C VAL E 83 38.46 -14.27 9.49
N GLU E 84 39.47 -13.55 8.99
CA GLU E 84 40.88 -13.85 9.24
C GLU E 84 41.47 -12.68 10.03
N ALA E 85 42.59 -12.91 10.70
CA ALA E 85 43.15 -11.92 11.62
C ALA E 85 43.58 -10.64 10.90
N GLU E 86 43.99 -10.77 9.65
CA GLU E 86 44.37 -9.59 8.81
C GLU E 86 43.22 -8.65 8.47
N ASP E 87 41.99 -9.07 8.74
CA ASP E 87 40.82 -8.24 8.44
C ASP E 87 40.56 -7.11 9.42
N VAL E 88 41.23 -7.11 10.56
CA VAL E 88 41.03 -6.04 11.53
C VAL E 88 41.42 -4.69 10.96
N GLY E 89 40.65 -3.68 11.34
CA GLY E 89 40.85 -2.35 10.82
C GLY E 89 39.49 -1.71 10.88
N ILE E 90 39.40 -0.49 10.36
CA ILE E 90 38.20 0.30 10.35
C ILE E 90 37.63 0.30 8.94
N TYR E 91 36.36 -0.10 8.84
CA TYR E 91 35.62 -0.16 7.59
C TYR E 91 34.79 1.10 7.44
N TYR E 92 34.99 1.81 6.32
CA TYR E 92 34.29 3.03 6.05
C TYR E 92 33.33 2.88 4.87
N CYS E 93 32.13 3.46 5.00
CA CYS E 93 31.21 3.55 3.86
C CYS E 93 31.34 4.90 3.24
N ALA E 94 31.12 4.96 1.93
CA ALA E 94 31.04 6.26 1.28
C ALA E 94 30.08 6.23 0.11
N HIS E 95 29.65 7.42 -0.33
CA HIS E 95 28.80 7.55 -1.50
C HIS E 95 29.57 8.24 -2.62
N ASN E 96 29.04 8.11 -3.84
CA ASN E 96 29.57 8.74 -5.03
C ASN E 96 28.37 9.19 -5.84
N VAL E 97 27.55 10.04 -5.26
CA VAL E 97 26.40 10.60 -5.96
C VAL E 97 26.40 12.11 -6.09
N GLU E 98 27.21 12.79 -5.28
CA GLU E 98 27.34 14.23 -5.29
C GLU E 98 28.61 14.69 -4.63
N LEU E 99 28.92 15.97 -4.78
CA LEU E 99 29.87 16.67 -3.94
C LEU E 99 29.03 17.43 -2.90
N PRO E 100 29.48 17.50 -1.63
CA PRO E 100 30.76 16.97 -1.15
C PRO E 100 30.78 15.47 -1.01
N ARG E 101 31.95 14.90 -1.19
CA ARG E 101 32.12 13.51 -0.97
C ARG E 101 32.18 13.25 0.52
N THR E 102 31.35 12.33 0.99
CA THR E 102 31.25 12.06 2.42
C THR E 102 31.39 10.59 2.76
N PHE E 103 31.96 10.37 3.94
CA PHE E 103 32.28 9.06 4.45
C PHE E 103 31.56 8.83 5.78
N GLY E 104 31.25 7.57 6.05
CA GLY E 104 30.89 7.15 7.38
C GLY E 104 32.01 7.34 8.37
N GLY E 105 31.68 7.22 9.65
CA GLY E 105 32.63 7.40 10.70
C GLY E 105 33.56 6.22 10.91
N GLY E 106 33.21 5.11 10.28
CA GLY E 106 34.02 3.91 10.27
C GLY E 106 33.52 3.02 11.37
N THR E 107 33.54 1.73 11.09
CA THR E 107 33.23 0.69 12.04
C THR E 107 34.49 -0.14 12.26
N LYS E 108 34.95 -0.25 13.50
CA LYS E 108 36.07 -1.14 13.81
C LYS E 108 35.65 -2.61 13.90
N LEU E 109 36.33 -3.48 13.16
CA LEU E 109 36.16 -4.92 13.32
C LEU E 109 37.07 -5.37 14.48
N GLU E 110 36.47 -6.00 15.51
CA GLU E 110 37.23 -6.72 16.56
C GLU E 110 37.15 -8.25 16.40
N ILE E 111 38.26 -8.93 16.65
CA ILE E 111 38.31 -10.38 16.64
C ILE E 111 38.27 -10.87 18.08
N LYS E 112 37.51 -11.92 18.33
CA LYS E 112 37.52 -12.65 19.59
C LYS E 112 38.38 -13.89 19.38
N ARG E 113 39.28 -14.13 20.31
CA ARG E 113 40.20 -15.25 20.25
C ARG E 113 40.42 -15.78 21.65
N ALA E 114 41.25 -16.80 21.77
CA ALA E 114 41.52 -17.43 23.05
C ALA E 114 42.25 -16.43 23.95
N ASP E 115 42.02 -16.51 25.25
CA ASP E 115 42.78 -15.73 26.23
C ASP E 115 44.26 -16.02 26.17
N ALA E 116 45.04 -14.99 26.48
CA ALA E 116 46.49 -15.07 26.43
C ALA E 116 47.05 -14.12 27.48
N ALA E 117 47.92 -14.64 28.34
CA ALA E 117 48.53 -13.84 29.38
C ALA E 117 49.57 -12.96 28.74
N PRO E 118 49.77 -11.75 29.29
CA PRO E 118 50.85 -10.92 28.75
C PRO E 118 52.24 -11.44 29.05
N THR E 119 53.15 -11.22 28.12
CA THR E 119 54.56 -11.33 28.35
C THR E 119 55.14 -9.99 28.71
N VAL E 120 55.65 -9.90 29.94
CA VAL E 120 56.09 -8.65 30.52
C VAL E 120 57.60 -8.55 30.57
N SER E 121 58.10 -7.40 30.15
CA SER E 121 59.49 -7.07 30.07
C SER E 121 59.66 -5.70 30.68
N ILE E 122 60.65 -5.55 31.55
CA ILE E 122 61.01 -4.26 32.12
C ILE E 122 62.42 -3.85 31.72
N PHE E 123 62.61 -2.55 31.56
CA PHE E 123 63.85 -1.97 31.03
C PHE E 123 64.23 -0.77 31.84
N PRO E 124 65.44 -0.78 32.41
CA PRO E 124 65.97 0.36 33.15
C PRO E 124 66.44 1.46 32.18
N PRO E 125 66.71 2.66 32.72
CA PRO E 125 67.14 3.78 31.89
C PRO E 125 68.43 3.51 31.19
N SER E 126 68.52 4.04 29.97
CA SER E 126 69.74 3.96 29.19
C SER E 126 70.81 4.89 29.76
N SER E 127 72.07 4.55 29.52
CA SER E 127 73.18 5.43 29.86
C SER E 127 73.09 6.79 29.17
N GLU E 128 72.53 6.80 27.94
CA GLU E 128 72.33 8.04 27.19
C GLU E 128 71.32 8.92 27.93
N GLN E 129 70.22 8.33 28.37
CA GLN E 129 69.20 9.13 29.10
C GLN E 129 69.75 9.61 30.42
N LEU E 130 70.48 8.76 31.12
CA LEU E 130 71.05 9.17 32.41
C LEU E 130 72.03 10.32 32.24
N THR E 131 72.89 10.27 31.22
CA THR E 131 73.75 11.40 30.93
C THR E 131 73.05 12.74 30.71
N SER E 132 71.84 12.69 30.15
CA SER E 132 71.07 13.86 29.82
C SER E 132 70.33 14.38 31.05
N GLY E 133 70.35 13.62 32.14
CA GLY E 133 69.63 13.96 33.39
C GLY E 133 68.22 13.44 33.56
N GLY E 134 67.84 12.45 32.75
CA GLY E 134 66.52 11.85 32.88
C GLY E 134 66.59 10.38 33.21
N ALA E 135 65.46 9.79 33.59
CA ALA E 135 65.43 8.39 33.85
C ALA E 135 64.04 7.83 33.65
N SER E 136 63.89 7.01 32.60
CA SER E 136 62.63 6.42 32.25
C SER E 136 62.81 4.92 32.40
N VAL E 137 61.88 4.29 33.11
CA VAL E 137 61.76 2.86 33.22
C VAL E 137 60.53 2.45 32.42
N VAL E 138 60.70 1.48 31.52
CA VAL E 138 59.66 1.08 30.61
C VAL E 138 59.30 -0.39 30.89
N CYS E 139 58.01 -0.65 30.88
CA CYS E 139 57.44 -1.97 30.98
C CYS E 139 56.55 -2.21 29.75
N PHE E 140 56.88 -3.23 28.95
CA PHE E 140 56.00 -3.75 27.94
C PHE E 140 55.14 -4.91 28.47
N LEU E 141 53.85 -4.87 28.18
CA LEU E 141 52.92 -5.95 28.47
C LEU E 141 52.44 -6.41 27.13
N ASN E 142 53.07 -7.45 26.58
CA ASN E 142 52.84 -7.81 25.18
C ASN E 142 52.00 -9.04 24.92
N ASN E 143 51.24 -8.95 23.84
CA ASN E 143 50.51 -10.03 23.22
C ASN E 143 49.52 -10.75 24.14
N PHE E 144 48.65 -9.99 24.77
CA PHE E 144 47.64 -10.58 25.61
C PHE E 144 46.22 -10.46 25.03
N TYR E 145 45.29 -11.15 25.66
CA TYR E 145 43.90 -11.14 25.24
C TYR E 145 43.05 -11.63 26.41
N PRO E 146 41.94 -10.94 26.70
CA PRO E 146 41.27 -9.79 26.09
C PRO E 146 42.01 -8.48 26.32
N LYS E 147 41.48 -7.36 25.81
CA LYS E 147 42.22 -6.08 25.82
C LYS E 147 42.40 -5.46 27.20
N ASP E 148 41.52 -5.77 28.13
CA ASP E 148 41.54 -5.09 29.44
C ASP E 148 42.75 -5.55 30.24
N ILE E 149 43.50 -4.59 30.74
CA ILE E 149 44.69 -4.87 31.53
C ILE E 149 44.96 -3.71 32.44
N ASN E 150 45.58 -3.99 33.58
CA ASN E 150 46.02 -2.94 34.50
C ASN E 150 47.48 -3.10 34.83
N VAL E 151 48.16 -1.97 34.97
CA VAL E 151 49.56 -1.95 35.35
C VAL E 151 49.73 -1.13 36.61
N LYS E 152 50.55 -1.62 37.52
CA LYS E 152 50.89 -0.90 38.74
C LYS E 152 52.41 -0.77 38.85
N TRP E 153 52.87 0.45 39.16
CA TRP E 153 54.29 0.73 39.43
C TRP E 153 54.56 0.86 40.90
N LYS E 154 55.67 0.33 41.35
CA LYS E 154 56.12 0.56 42.71
C LYS E 154 57.56 1.03 42.67
N ILE E 155 57.86 2.00 43.53
CA ILE E 155 59.23 2.40 43.74
C ILE E 155 59.58 2.06 45.20
N ASP E 156 60.56 1.20 45.40
CA ASP E 156 60.91 0.75 46.75
C ASP E 156 59.67 0.21 47.46
N GLY E 157 58.86 -0.55 46.72
CA GLY E 157 57.64 -1.18 47.25
C GLY E 157 56.44 -0.26 47.43
N SER E 158 56.62 1.05 47.24
CA SER E 158 55.51 2.00 47.36
C SER E 158 54.82 2.23 46.02
N GLU E 159 53.50 2.10 45.98
CA GLU E 159 52.77 2.35 44.75
C GLU E 159 53.11 3.74 44.22
N ARG E 160 53.35 3.84 42.91
CA ARG E 160 53.68 5.10 42.26
C ARG E 160 52.68 5.35 41.13
N GLN E 161 52.08 6.52 41.11
CA GLN E 161 51.13 6.85 40.03
C GLN E 161 51.54 8.05 39.19
N ASN E 162 52.22 9.02 39.80
CA ASN E 162 52.72 10.20 39.10
C ASN E 162 53.92 9.85 38.18
N GLY E 163 53.94 10.42 36.99
CA GLY E 163 55.03 10.22 36.04
C GLY E 163 54.87 9.00 35.16
N VAL E 164 53.68 8.38 35.15
CA VAL E 164 53.44 7.15 34.38
C VAL E 164 52.70 7.48 33.12
N LEU E 165 53.20 7.02 31.98
CA LEU E 165 52.48 7.21 30.73
C LEU E 165 52.21 5.86 30.09
N ASN E 166 50.95 5.61 29.73
CA ASN E 166 50.49 4.34 29.18
C ASN E 166 50.07 4.48 27.72
N SER E 167 50.30 3.44 26.93
CA SER E 167 49.80 3.38 25.58
C SER E 167 49.48 1.96 25.15
N TRP E 168 48.42 1.81 24.36
CA TRP E 168 47.85 0.51 23.96
C TRP E 168 47.84 0.36 22.44
N THR E 169 48.32 -0.77 21.93
CA THR E 169 48.24 -1.01 20.48
C THR E 169 46.80 -1.32 20.07
N ASP E 170 46.53 -1.17 18.78
CA ASP E 170 45.32 -1.70 18.20
C ASP E 170 45.51 -3.20 18.13
N GLN E 171 44.43 -3.94 17.89
CA GLN E 171 44.52 -5.38 17.81
C GLN E 171 45.50 -5.77 16.71
N ASP E 172 46.37 -6.74 17.00
CA ASP E 172 47.42 -7.22 16.09
C ASP E 172 46.83 -7.95 14.88
N SER E 173 47.33 -7.63 13.67
CA SER E 173 46.84 -8.21 12.41
C SER E 173 47.22 -9.67 12.18
N LYS E 174 48.12 -10.20 13.02
CA LYS E 174 48.66 -11.54 12.84
C LYS E 174 48.14 -12.51 13.88
N ASP E 175 48.19 -12.12 15.17
CA ASP E 175 47.76 -13.02 16.22
C ASP E 175 46.56 -12.50 17.00
N SER E 176 46.03 -11.36 16.61
CA SER E 176 44.75 -10.88 17.18
C SER E 176 44.85 -10.51 18.65
N THR E 177 46.07 -10.27 19.12
CA THR E 177 46.31 -9.88 20.52
C THR E 177 46.49 -8.38 20.68
N TYR E 178 46.63 -7.97 21.94
CA TYR E 178 46.79 -6.56 22.31
C TYR E 178 48.10 -6.43 23.06
N SER E 179 48.66 -5.22 23.14
CA SER E 179 49.84 -4.97 23.93
C SER E 179 49.70 -3.59 24.55
N MET E 180 50.46 -3.37 25.61
CA MET E 180 50.47 -2.09 26.31
C MET E 180 51.89 -1.76 26.69
N SER E 181 52.21 -0.45 26.64
CA SER E 181 53.49 0.04 27.09
C SER E 181 53.18 1.00 28.22
N SER E 182 53.97 0.91 29.31
CA SER E 182 53.88 1.84 30.46
C SER E 182 55.30 2.36 30.74
N THR E 183 55.43 3.69 30.79
CA THR E 183 56.70 4.36 31.03
C THR E 183 56.60 5.23 32.27
N LEU E 184 57.48 4.98 33.24
CA LEU E 184 57.59 5.82 34.44
C LEU E 184 58.79 6.73 34.25
N THR E 185 58.60 8.03 34.13
CA THR E 185 59.71 8.97 33.90
C THR E 185 60.00 9.81 35.14
N LEU E 186 61.26 9.76 35.55
CA LEU E 186 61.74 10.50 36.71
C LEU E 186 62.91 11.34 36.23
N THR E 187 63.29 12.30 37.06
CA THR E 187 64.57 12.96 36.94
C THR E 187 65.64 11.96 37.38
N LYS E 188 66.84 12.10 36.81
CA LYS E 188 67.99 11.40 37.36
C LYS E 188 68.11 11.55 38.87
N ASP E 189 67.94 12.76 39.37
CA ASP E 189 68.05 12.97 40.79
C ASP E 189 67.12 12.00 41.54
N GLU E 190 65.84 12.02 41.23
CA GLU E 190 64.92 11.19 41.99
C GLU E 190 65.14 9.69 41.73
N TYR E 191 65.42 9.32 40.49
CA TYR E 191 65.72 7.93 40.18
C TYR E 191 66.79 7.39 41.11
N GLU E 192 67.81 8.20 41.39
CA GLU E 192 69.00 7.72 42.07
C GLU E 192 68.84 7.72 43.58
N ARG E 193 67.72 8.30 44.05
CA ARG E 193 67.32 8.24 45.46
C ARG E 193 66.55 6.97 45.85
N HIS E 194 66.30 6.07 44.90
CA HIS E 194 65.60 4.80 45.16
C HIS E 194 66.34 3.68 44.49
N ASN E 195 65.93 2.46 44.75
CA ASN E 195 66.69 1.30 44.29
C ASN E 195 65.90 0.35 43.43
N SER E 196 64.69 0.06 43.83
CA SER E 196 63.93 -1.04 43.25
C SER E 196 62.76 -0.49 42.43
N TYR E 197 62.66 -0.93 41.19
CA TYR E 197 61.62 -0.45 40.29
C TYR E 197 60.78 -1.62 39.79
N THR E 198 59.47 -1.52 40.03
CA THR E 198 58.57 -2.65 39.84
C THR E 198 57.35 -2.33 38.98
N CYS E 199 57.17 -3.17 37.97
CA CYS E 199 56.01 -3.20 37.10
C CYS E 199 55.16 -4.45 37.41
N GLU E 200 53.90 -4.24 37.79
CA GLU E 200 52.94 -5.35 38.02
C GLU E 200 51.74 -5.29 37.06
N ALA E 201 51.51 -6.39 36.32
CA ALA E 201 50.45 -6.47 35.32
C ALA E 201 49.31 -7.36 35.82
N THR E 202 48.10 -6.81 35.93
CA THR E 202 46.93 -7.63 36.29
C THR E 202 46.04 -7.84 35.07
N HIS E 203 45.71 -9.10 34.81
CA HIS E 203 45.01 -9.50 33.61
C HIS E 203 44.15 -10.68 34.03
N LYS E 204 43.07 -10.88 33.32
CA LYS E 204 42.09 -11.88 33.74
C LYS E 204 42.63 -13.31 33.69
N THR E 205 43.74 -13.50 32.99
CA THR E 205 44.38 -14.81 32.87
C THR E 205 45.08 -15.34 34.15
N SER E 206 45.16 -14.50 35.19
CA SER E 206 45.72 -14.95 36.43
C SER E 206 45.22 -14.10 37.56
N THR E 207 45.06 -14.76 38.74
CA THR E 207 44.60 -14.12 39.95
C THR E 207 45.74 -13.37 40.59
N SER E 208 46.96 -13.77 40.21
CA SER E 208 48.16 -13.11 40.67
C SER E 208 48.70 -12.19 39.57
N PRO E 209 49.28 -11.04 39.97
CA PRO E 209 50.08 -10.19 39.10
C PRO E 209 51.24 -10.89 38.44
N ILE E 210 51.51 -10.51 37.20
CA ILE E 210 52.77 -10.86 36.57
C ILE E 210 53.71 -9.68 36.78
N VAL E 211 54.82 -9.95 37.46
CA VAL E 211 55.70 -8.88 37.93
C VAL E 211 57.09 -8.95 37.34
N LYS E 212 57.64 -7.78 37.00
CA LYS E 212 59.03 -7.66 36.66
C LYS E 212 59.62 -6.47 37.43
N SER E 213 60.83 -6.67 37.92
CA SER E 213 61.55 -5.65 38.71
C SER E 213 62.98 -5.53 38.21
N PHE E 214 63.61 -4.42 38.57
CA PHE E 214 65.06 -4.38 38.68
C PHE E 214 65.47 -3.46 39.83
N ASN E 215 66.65 -3.75 40.38
CA ASN E 215 67.32 -2.94 41.36
C ASN E 215 68.38 -2.11 40.66
N ARG E 216 68.35 -0.81 40.93
CA ARG E 216 69.36 0.10 40.47
C ARG E 216 70.65 -0.22 41.21
N GLU F 1 52.13 -0.91 -11.01
CA GLU F 1 51.14 -0.50 -9.96
C GLU F 1 51.04 1.01 -9.84
N VAL F 2 49.86 1.46 -9.40
CA VAL F 2 49.63 2.88 -9.20
C VAL F 2 50.35 3.26 -7.91
N LYS F 3 51.11 4.36 -7.95
CA LYS F 3 51.77 4.93 -6.79
C LYS F 3 51.35 6.38 -6.63
N VAL F 4 50.80 6.69 -5.48
CA VAL F 4 50.40 8.05 -5.17
C VAL F 4 51.21 8.50 -3.93
N GLU F 5 51.98 9.60 -4.04
CA GLU F 5 53.04 9.91 -3.08
C GLU F 5 52.98 11.39 -2.68
N GLU F 6 52.49 11.66 -1.45
CA GLU F 6 52.36 13.05 -0.97
C GLU F 6 53.63 13.55 -0.35
N SER F 7 53.79 14.87 -0.36
CA SER F 7 54.90 15.51 0.33
C SER F 7 54.55 16.93 0.68
N GLY F 8 55.40 17.56 1.48
CA GLY F 8 55.30 18.98 1.77
C GLY F 8 54.65 19.32 3.10
N GLY F 9 54.31 18.32 3.90
CA GLY F 9 53.74 18.59 5.24
C GLY F 9 54.78 19.14 6.20
N GLY F 10 54.34 19.50 7.40
CA GLY F 10 55.24 19.96 8.42
C GLY F 10 54.39 20.74 9.38
N LEU F 11 54.95 21.78 9.96
CA LEU F 11 54.23 22.59 10.97
C LEU F 11 54.18 24.04 10.51
N VAL F 12 53.07 24.73 10.82
CA VAL F 12 53.09 26.15 10.67
C VAL F 12 52.16 26.63 11.79
N GLN F 13 52.29 27.90 12.08
CA GLN F 13 51.50 28.61 13.09
C GLN F 13 50.12 29.00 12.59
N PRO F 14 49.13 29.07 13.50
CA PRO F 14 47.83 29.55 13.07
C PRO F 14 47.93 30.88 12.33
N GLY F 15 47.16 31.00 11.26
CA GLY F 15 47.14 32.15 10.40
C GLY F 15 48.15 32.06 9.27
N GLY F 16 48.95 30.99 9.26
CA GLY F 16 50.04 30.82 8.34
C GLY F 16 49.63 29.91 7.21
N SER F 17 50.60 29.50 6.38
CA SER F 17 50.29 28.84 5.13
C SER F 17 51.15 27.64 4.92
N MET F 18 50.68 26.76 4.02
CA MET F 18 51.38 25.54 3.66
C MET F 18 51.12 25.24 2.19
N LYS F 19 51.98 24.49 1.52
CA LYS F 19 51.66 24.01 0.18
C LYS F 19 52.14 22.57 0.10
N ILE F 20 51.19 21.64 -0.06
CA ILE F 20 51.49 20.21 -0.16
C ILE F 20 51.25 19.75 -1.58
N SER F 21 51.91 18.66 -1.98
CA SER F 21 51.74 18.17 -3.31
C SER F 21 51.70 16.64 -3.26
N CYS F 22 51.30 16.04 -4.38
CA CYS F 22 51.54 14.62 -4.57
C CYS F 22 51.79 14.33 -6.01
N VAL F 23 52.56 13.29 -6.24
CA VAL F 23 52.90 12.87 -7.57
C VAL F 23 52.33 11.48 -7.75
N VAL F 24 51.79 11.22 -8.94
CA VAL F 24 51.24 9.93 -9.30
C VAL F 24 51.99 9.25 -10.45
N SER F 25 52.30 7.98 -10.27
CA SER F 25 52.82 7.12 -11.35
C SER F 25 51.99 5.85 -11.48
N GLY F 26 52.19 5.13 -12.58
CA GLY F 26 51.43 3.91 -12.83
C GLY F 26 50.20 4.17 -13.66
N LEU F 27 49.87 5.44 -13.88
CA LEU F 27 48.74 5.78 -14.72
C LEU F 27 48.93 7.17 -15.32
N THR F 28 48.11 7.49 -16.31
CA THR F 28 48.21 8.76 -17.00
C THR F 28 47.42 9.78 -16.17
N PHE F 29 48.18 10.51 -15.38
CA PHE F 29 47.65 11.48 -14.39
C PHE F 29 46.58 12.42 -14.93
N SER F 30 46.77 12.89 -16.17
CA SER F 30 45.82 13.84 -16.77
C SER F 30 44.43 13.25 -17.05
N ASN F 31 44.32 11.92 -17.02
CA ASN F 31 43.06 11.29 -17.33
C ASN F 31 42.11 11.19 -16.11
N TYR F 32 42.62 11.50 -14.91
CA TYR F 32 41.89 11.20 -13.67
C TYR F 32 41.56 12.43 -12.84
N TRP F 33 40.36 12.45 -12.29
CA TRP F 33 40.00 13.44 -11.31
C TRP F 33 40.88 13.28 -10.08
N MET F 34 41.21 14.41 -9.46
CA MET F 34 42.11 14.44 -8.32
C MET F 34 41.43 15.19 -7.13
N SER F 35 41.60 14.66 -5.93
CA SER F 35 41.02 15.32 -4.71
C SER F 35 41.99 15.25 -3.54
N TRP F 36 41.71 16.06 -2.51
CA TRP F 36 42.41 15.95 -1.24
C TRP F 36 41.39 15.61 -0.17
N VAL F 37 41.67 14.62 0.66
CA VAL F 37 40.82 14.23 1.78
C VAL F 37 41.71 14.23 3.00
N ARG F 38 41.30 14.94 4.05
CA ARG F 38 42.09 14.94 5.27
C ARG F 38 41.46 14.08 6.38
N GLN F 39 42.26 13.68 7.34
CA GLN F 39 41.82 12.77 8.37
C GLN F 39 42.36 13.26 9.70
N SER F 40 41.47 13.42 10.67
CA SER F 40 41.89 13.67 12.04
C SER F 40 41.06 12.80 12.97
N PRO F 41 41.57 12.54 14.18
CA PRO F 41 40.82 11.72 15.14
C PRO F 41 39.48 12.33 15.48
N GLU F 42 39.46 13.65 15.45
CA GLU F 42 38.31 14.43 15.86
C GLU F 42 37.21 14.30 14.81
N LYS F 43 37.51 14.60 13.54
CA LYS F 43 36.49 14.73 12.52
C LYS F 43 36.39 13.59 11.48
N GLY F 44 37.30 12.62 11.54
CA GLY F 44 37.28 11.49 10.63
C GLY F 44 37.86 11.83 9.27
N LEU F 45 37.38 11.13 8.23
CA LEU F 45 37.72 11.47 6.83
C LEU F 45 36.89 12.64 6.31
N GLU F 46 37.57 13.68 5.83
CA GLU F 46 36.93 14.88 5.31
C GLU F 46 37.47 15.30 3.94
N TRP F 47 36.65 15.14 2.91
CA TRP F 47 36.90 15.69 1.58
C TRP F 47 36.96 17.19 1.63
N VAL F 48 38.03 17.76 1.09
CA VAL F 48 38.26 19.19 1.14
C VAL F 48 38.27 19.90 -0.22
N ALA F 49 38.77 19.25 -1.30
CA ALA F 49 38.91 19.94 -2.56
C ALA F 49 39.06 18.91 -3.65
N GLU F 50 38.64 19.30 -4.84
CA GLU F 50 38.74 18.41 -6.02
C GLU F 50 38.93 19.22 -7.29
N ILE F 51 39.66 18.64 -8.24
CA ILE F 51 39.92 19.31 -9.51
C ILE F 51 39.68 18.27 -10.61
N ARG F 52 39.01 18.70 -11.68
CA ARG F 52 38.69 17.79 -12.80
C ARG F 52 39.74 17.89 -13.91
N LEU F 53 39.38 17.50 -15.13
CA LEU F 53 40.33 17.39 -16.23
C LEU F 53 40.47 18.66 -17.07
N LYS F 54 41.44 18.64 -17.98
CA LYS F 54 41.61 19.72 -18.95
C LYS F 54 40.31 19.91 -19.73
N SER F 55 39.65 18.81 -20.09
CA SER F 55 38.43 18.89 -20.89
C SER F 55 37.23 19.51 -20.13
N ASP F 56 37.34 19.61 -18.81
CA ASP F 56 36.37 20.29 -17.96
C ASP F 56 36.86 21.70 -17.59
N ASN F 57 37.90 22.18 -18.28
CA ASN F 57 38.51 23.46 -17.95
C ASN F 57 39.11 23.45 -16.53
N TYR F 58 39.57 22.29 -16.07
CA TYR F 58 40.17 22.15 -14.75
C TYR F 58 39.23 22.67 -13.66
N ALA F 59 37.96 22.32 -13.77
CA ALA F 59 36.95 22.78 -12.77
C ALA F 59 37.40 22.35 -11.39
N THR F 60 37.17 23.21 -10.41
CA THR F 60 37.60 22.93 -9.04
C THR F 60 36.40 23.09 -8.12
N TYR F 61 36.42 22.32 -7.03
CA TYR F 61 35.32 22.23 -6.07
C TYR F 61 35.93 22.10 -4.68
N TYR F 62 35.27 22.70 -3.69
CA TYR F 62 35.78 22.80 -2.33
C TYR F 62 34.69 22.48 -1.32
N ALA F 63 35.11 21.89 -0.21
CA ALA F 63 34.24 21.71 0.92
C ALA F 63 33.94 23.11 1.45
N GLU F 64 32.72 23.30 1.93
CA GLU F 64 32.28 24.59 2.46
C GLU F 64 33.24 25.18 3.49
N SER F 65 33.80 24.32 4.33
CA SER F 65 34.62 24.74 5.47
C SER F 65 36.00 25.27 5.12
N VAL F 66 36.45 25.06 3.87
CA VAL F 66 37.78 25.49 3.46
C VAL F 66 37.74 26.46 2.31
N LYS F 67 36.54 26.75 1.78
CA LYS F 67 36.42 27.61 0.61
C LYS F 67 37.05 28.95 0.94
N GLY F 68 37.89 29.46 0.04
CA GLY F 68 38.57 30.73 0.27
C GLY F 68 39.90 30.61 0.99
N LYS F 69 40.11 29.52 1.72
CA LYS F 69 41.42 29.26 2.33
C LYS F 69 42.29 28.33 1.48
N PHE F 70 41.66 27.36 0.81
CA PHE F 70 42.42 26.33 0.04
C PHE F 70 42.28 26.56 -1.47
N THR F 71 43.37 26.30 -2.21
CA THR F 71 43.33 26.27 -3.66
C THR F 71 44.00 25.00 -4.16
N ILE F 72 43.24 24.21 -4.92
CA ILE F 72 43.74 22.97 -5.51
C ILE F 72 44.13 23.26 -6.94
N SER F 73 45.19 22.64 -7.42
CA SER F 73 45.63 22.90 -8.77
C SER F 73 46.41 21.68 -9.16
N ARG F 74 46.66 21.55 -10.46
CA ARG F 74 47.36 20.38 -11.01
C ARG F 74 48.32 20.77 -12.14
N ASP F 75 49.37 19.96 -12.29
CA ASP F 75 50.37 20.12 -13.37
C ASP F 75 50.45 18.77 -14.10
N ASP F 76 49.69 18.67 -15.16
CA ASP F 76 49.56 17.40 -15.83
C ASP F 76 50.93 16.96 -16.37
N SER F 77 51.77 17.91 -16.79
CA SER F 77 53.11 17.57 -17.34
C SER F 77 54.08 16.96 -16.30
N LYS F 78 53.79 17.24 -15.03
CA LYS F 78 54.62 16.79 -13.91
C LYS F 78 53.95 15.66 -13.13
N SER F 79 52.73 15.30 -13.53
CA SER F 79 51.89 14.32 -12.83
C SER F 79 51.75 14.72 -11.37
N ARG F 80 51.47 16.00 -11.14
CA ARG F 80 51.52 16.52 -9.78
C ARG F 80 50.28 17.34 -9.42
N LEU F 81 49.80 17.11 -8.21
CA LEU F 81 48.62 17.78 -7.68
C LEU F 81 49.09 18.62 -6.51
N TYR F 82 48.55 19.83 -6.36
CA TYR F 82 48.95 20.73 -5.31
C TYR F 82 47.74 21.14 -4.48
N LEU F 83 47.95 21.43 -3.20
CA LEU F 83 46.97 22.20 -2.40
C LEU F 83 47.69 23.35 -1.69
N GLN F 84 47.24 24.58 -1.97
CA GLN F 84 47.76 25.73 -1.29
C GLN F 84 46.79 26.04 -0.15
N MET F 85 47.33 26.22 1.04
CA MET F 85 46.52 26.31 2.24
C MET F 85 46.90 27.59 2.91
N ASN F 86 45.95 28.53 3.01
CA ASN F 86 46.21 29.81 3.61
C ASN F 86 45.32 30.04 4.85
N ASN F 87 45.74 30.96 5.70
CA ASN F 87 45.03 31.25 6.95
C ASN F 87 44.62 29.99 7.64
N LEU F 88 45.60 29.13 7.86
CA LEU F 88 45.35 27.86 8.52
C LEU F 88 45.03 28.06 10.00
N ARG F 89 44.11 27.25 10.53
CA ARG F 89 43.78 27.25 11.95
C ARG F 89 44.13 25.89 12.53
N THR F 90 44.17 25.80 13.84
CA THR F 90 44.55 24.55 14.49
C THR F 90 43.64 23.40 14.07
N GLU F 91 42.38 23.72 13.72
CA GLU F 91 41.39 22.71 13.33
CA GLU F 91 41.37 22.74 13.31
C GLU F 91 41.73 22.08 11.97
N ASP F 92 42.64 22.72 11.24
CA ASP F 92 43.05 22.18 9.93
C ASP F 92 44.19 21.18 10.02
N THR F 93 44.74 20.95 11.22
CA THR F 93 45.72 19.88 11.48
C THR F 93 45.18 18.54 11.02
N GLY F 94 45.96 17.72 10.31
CA GLY F 94 45.39 16.46 9.90
C GLY F 94 46.42 15.77 9.03
N ILE F 95 46.07 14.55 8.69
CA ILE F 95 46.79 13.80 7.60
C ILE F 95 46.02 14.14 6.35
N TYR F 96 46.73 14.64 5.34
CA TYR F 96 46.15 15.08 4.08
C TYR F 96 46.52 14.04 3.05
N TYR F 97 45.50 13.42 2.46
CA TYR F 97 45.66 12.39 1.41
C TYR F 97 45.26 12.96 0.07
N CYS F 98 46.03 12.61 -0.95
CA CYS F 98 45.52 12.59 -2.31
C CYS F 98 44.65 11.37 -2.47
N PHE F 99 43.49 11.61 -3.01
CA PHE F 99 42.47 10.62 -3.25
C PHE F 99 42.00 10.85 -4.68
N LEU F 100 42.33 9.88 -5.53
CA LEU F 100 41.81 9.77 -6.87
C LEU F 100 40.48 9.02 -6.80
N PRO F 101 39.39 9.77 -6.89
CA PRO F 101 38.10 9.17 -6.64
C PRO F 101 37.75 8.22 -7.77
N MET F 102 37.29 7.00 -7.45
CA MET F 102 37.07 6.50 -6.09
C MET F 102 38.07 5.46 -5.66
N ASP F 103 39.08 5.19 -6.49
CA ASP F 103 39.87 3.97 -6.41
C ASP F 103 41.20 4.02 -5.64
N TYR F 104 41.86 5.18 -5.59
CA TYR F 104 43.22 5.29 -5.06
C TYR F 104 43.45 6.35 -3.97
N TRP F 105 44.20 5.96 -2.96
CA TRP F 105 44.62 6.84 -1.88
C TRP F 105 46.13 6.87 -1.82
N GLY F 106 46.66 8.02 -1.47
CA GLY F 106 48.08 8.15 -1.21
C GLY F 106 48.47 7.68 0.17
N GLN F 107 49.69 8.00 0.58
CA GLN F 107 50.16 7.58 1.87
C GLN F 107 49.87 8.64 2.95
N GLY F 108 49.48 9.83 2.54
CA GLY F 108 49.21 10.93 3.47
C GLY F 108 50.44 11.78 3.76
N THR F 109 50.25 13.08 3.98
CA THR F 109 51.31 13.92 4.53
C THR F 109 50.66 14.70 5.66
N SER F 110 51.37 14.80 6.75
CA SER F 110 50.80 15.37 7.99
C SER F 110 51.08 16.84 7.99
N VAL F 111 50.06 17.61 8.41
CA VAL F 111 50.18 19.03 8.45
C VAL F 111 49.72 19.32 9.87
N THR F 112 50.61 19.93 10.63
CA THR F 112 50.29 20.45 11.97
C THR F 112 50.22 21.97 11.99
N VAL F 113 49.10 22.51 12.52
CA VAL F 113 48.94 23.94 12.73
C VAL F 113 48.92 24.18 14.25
N SER F 114 49.95 24.83 14.75
CA SER F 114 50.19 24.96 16.19
C SER F 114 51.12 26.12 16.47
N SER F 115 50.97 26.68 17.67
CA SER F 115 51.87 27.69 18.16
C SER F 115 52.99 27.04 19.00
N ALA F 116 52.98 25.72 19.11
CA ALA F 116 54.10 25.00 19.71
C ALA F 116 55.25 24.87 18.73
N LYS F 117 56.42 24.58 19.27
CA LYS F 117 57.60 24.51 18.40
C LYS F 117 57.96 23.07 18.14
N THR F 118 58.46 22.84 16.92
CA THR F 118 59.00 21.55 16.57
C THR F 118 60.25 21.22 17.42
N THR F 119 60.28 19.98 17.92
CA THR F 119 61.42 19.46 18.69
C THR F 119 61.69 18.07 18.17
N PRO F 120 62.94 17.76 17.88
CA PRO F 120 63.16 16.41 17.35
C PRO F 120 63.22 15.35 18.51
N PRO F 121 62.96 14.04 18.22
CA PRO F 121 63.05 13.02 19.25
C PRO F 121 64.44 12.73 19.78
N SER F 122 64.47 12.30 21.04
CA SER F 122 65.60 11.67 21.65
C SER F 122 65.29 10.22 21.64
N VAL F 123 66.19 9.41 21.13
CA VAL F 123 65.91 8.00 21.05
C VAL F 123 66.81 7.26 22.04
N TYR F 124 66.24 6.40 22.86
CA TYR F 124 66.98 5.68 23.89
C TYR F 124 66.84 4.18 23.69
N PRO F 125 67.95 3.46 23.86
CA PRO F 125 67.82 2.01 23.68
C PRO F 125 67.19 1.33 24.90
N LEU F 126 66.35 0.34 24.64
CA LEU F 126 65.75 -0.48 25.69
C LEU F 126 66.33 -1.89 25.60
N ALA F 127 67.32 -2.14 26.44
CA ALA F 127 68.05 -3.41 26.49
C ALA F 127 67.79 -4.08 27.84
N PRO F 128 67.75 -5.42 27.84
CA PRO F 128 67.44 -6.14 29.07
C PRO F 128 68.47 -5.88 30.17
N GLY F 129 68.01 -5.61 31.39
CA GLY F 129 68.89 -5.55 32.56
C GLY F 129 69.45 -6.93 32.94
N SER F 136 63.47 -18.30 25.46
CA SER F 136 63.37 -18.63 24.04
C SER F 136 63.39 -17.40 23.13
N MET F 137 62.74 -16.31 23.59
CA MET F 137 62.70 -15.04 22.85
C MET F 137 63.38 -14.00 23.70
N VAL F 138 63.87 -12.94 23.08
CA VAL F 138 64.30 -11.75 23.84
C VAL F 138 63.53 -10.55 23.28
N THR F 139 63.04 -9.69 24.18
CA THR F 139 62.37 -8.48 23.75
C THR F 139 63.31 -7.30 23.98
N LEU F 140 63.50 -6.51 22.91
CA LEU F 140 64.26 -5.25 22.95
C LEU F 140 63.28 -4.11 22.61
N GLY F 141 63.75 -2.88 22.68
CA GLY F 141 62.94 -1.74 22.21
C GLY F 141 63.68 -0.42 22.08
N CYS F 142 62.96 0.59 21.59
CA CYS F 142 63.44 1.95 21.59
C CYS F 142 62.42 2.82 22.25
N LEU F 143 62.86 3.67 23.16
CA LEU F 143 62.00 4.74 23.70
C LEU F 143 62.26 6.04 22.94
N VAL F 144 61.20 6.66 22.45
CA VAL F 144 61.28 7.80 21.57
C VAL F 144 60.58 8.94 22.28
N LYS F 145 61.37 9.90 22.72
CA LYS F 145 60.91 10.85 23.73
C LYS F 145 61.16 12.32 23.35
N GLY F 146 60.31 13.23 23.86
CA GLY F 146 60.65 14.65 23.79
C GLY F 146 60.41 15.37 22.46
N TYR F 147 59.55 14.80 21.61
CA TYR F 147 59.31 15.37 20.29
C TYR F 147 57.94 16.02 20.09
N PHE F 148 57.93 16.93 19.12
CA PHE F 148 56.73 17.59 18.64
C PHE F 148 56.93 18.06 17.20
N PRO F 149 55.90 17.94 16.35
CA PRO F 149 54.65 17.24 16.46
C PRO F 149 54.75 15.80 16.05
N GLU F 150 53.64 15.09 16.18
CA GLU F 150 53.46 13.80 15.52
C GLU F 150 53.41 14.09 14.03
N PRO F 151 53.71 13.09 13.19
CA PRO F 151 54.16 11.72 13.45
C PRO F 151 55.68 11.45 13.50
N VAL F 152 56.04 10.32 14.11
CA VAL F 152 57.34 9.66 13.81
C VAL F 152 57.06 8.32 13.16
N THR F 153 58.01 7.84 12.36
CA THR F 153 57.93 6.45 11.88
C THR F 153 59.12 5.68 12.43
N VAL F 154 58.84 4.52 13.02
CA VAL F 154 59.89 3.71 13.56
C VAL F 154 59.97 2.43 12.78
N THR F 155 61.19 2.02 12.47
CA THR F 155 61.44 0.73 11.84
C THR F 155 62.58 0.06 12.60
N TRP F 156 62.81 -1.21 12.27
CA TRP F 156 63.84 -2.00 12.91
C TRP F 156 64.70 -2.56 11.80
N ASN F 157 66.00 -2.36 11.93
CA ASN F 157 66.96 -2.75 10.89
C ASN F 157 66.50 -2.29 9.52
N SER F 158 66.21 -1.00 9.43
CA SER F 158 65.82 -0.38 8.18
C SER F 158 64.65 -1.08 7.47
N GLY F 159 63.78 -1.75 8.23
CA GLY F 159 62.61 -2.43 7.67
C GLY F 159 62.78 -3.94 7.48
N SER F 160 63.99 -4.45 7.70
CA SER F 160 64.24 -5.89 7.64
C SER F 160 63.66 -6.66 8.81
N LEU F 161 63.52 -5.99 9.95
CA LEU F 161 62.90 -6.58 11.11
C LEU F 161 61.49 -6.06 11.13
N SER F 162 60.56 -6.86 10.63
CA SER F 162 59.18 -6.47 10.57
C SER F 162 58.32 -7.34 11.46
N SER F 163 58.72 -8.59 11.67
CA SER F 163 57.92 -9.51 12.48
C SER F 163 58.17 -9.29 13.97
N GLY F 164 57.16 -9.53 14.79
CA GLY F 164 57.32 -9.45 16.24
C GLY F 164 57.58 -8.03 16.76
N VAL F 165 57.12 -7.03 16.00
CA VAL F 165 57.32 -5.60 16.30
C VAL F 165 55.97 -4.99 16.71
N HIS F 166 55.99 -4.22 17.80
CA HIS F 166 54.82 -3.44 18.23
C HIS F 166 55.28 -2.02 18.37
N THR F 167 54.62 -1.06 17.72
CA THR F 167 54.90 0.36 17.97
C THR F 167 53.66 0.98 18.58
N PHE F 168 53.80 1.51 19.79
CA PHE F 168 52.68 2.01 20.58
C PHE F 168 52.34 3.43 20.10
N PRO F 169 51.05 3.81 20.12
CA PRO F 169 50.65 5.17 19.82
C PRO F 169 51.35 6.15 20.74
N ALA F 170 51.61 7.36 20.22
CA ALA F 170 52.29 8.35 21.00
C ALA F 170 51.30 8.95 21.96
N VAL F 171 51.85 9.40 23.06
CA VAL F 171 51.10 10.07 24.11
C VAL F 171 51.74 11.43 24.31
N LEU F 172 50.89 12.45 24.36
CA LEU F 172 51.34 13.81 24.48
C LEU F 172 51.31 14.11 25.95
N GLN F 173 52.43 14.60 26.48
CA GLN F 173 52.45 15.17 27.83
C GLN F 173 53.36 16.36 27.89
N SER F 174 52.81 17.49 28.34
CA SER F 174 53.55 18.74 28.52
C SER F 174 54.15 19.29 27.24
N ASP F 175 53.36 19.27 26.17
CA ASP F 175 53.78 19.78 24.86
C ASP F 175 54.69 18.84 24.08
N LEU F 176 55.02 17.69 24.63
CA LEU F 176 55.92 16.79 23.93
C LEU F 176 55.35 15.41 23.96
N TYR F 177 55.69 14.64 22.94
CA TYR F 177 55.24 13.29 22.75
C TYR F 177 56.29 12.27 23.17
N THR F 178 55.78 11.12 23.60
CA THR F 178 56.58 9.93 23.92
C THR F 178 55.94 8.75 23.23
N LEU F 179 56.75 7.93 22.55
CA LEU F 179 56.30 6.62 22.13
C LEU F 179 57.43 5.62 22.30
N SER F 180 57.05 4.35 22.24
CA SER F 180 58.00 3.27 22.31
C SER F 180 57.68 2.27 21.22
N SER F 181 58.69 1.50 20.85
CA SER F 181 58.52 0.37 19.94
C SER F 181 59.24 -0.83 20.56
N SER F 182 58.65 -2.00 20.46
CA SER F 182 59.30 -3.24 20.96
C SER F 182 59.46 -4.23 19.81
N VAL F 183 60.57 -4.95 19.81
CA VAL F 183 60.80 -6.00 18.85
C VAL F 183 61.24 -7.22 19.64
N THR F 184 60.71 -8.37 19.26
CA THR F 184 61.04 -9.62 19.91
C THR F 184 61.72 -10.51 18.86
N VAL F 185 62.86 -11.07 19.24
CA VAL F 185 63.64 -11.89 18.31
C VAL F 185 64.03 -13.17 19.04
N PRO F 186 64.41 -14.21 18.28
CA PRO F 186 64.97 -15.40 18.95
C PRO F 186 66.25 -15.06 19.72
N SER F 187 66.35 -15.55 20.94
CA SER F 187 67.46 -15.21 21.82
C SER F 187 68.83 -15.55 21.23
N SER F 188 68.83 -16.51 20.31
CA SER F 188 70.07 -16.91 19.63
C SER F 188 70.56 -15.86 18.66
N THR F 189 69.71 -14.88 18.32
CA THR F 189 70.09 -13.88 17.31
C THR F 189 70.54 -12.54 17.88
N TRP F 190 70.49 -12.34 19.20
CA TRP F 190 70.95 -11.10 19.81
C TRP F 190 71.72 -11.44 21.06
N PRO F 191 72.88 -10.79 21.28
CA PRO F 191 73.56 -9.77 20.47
C PRO F 191 74.30 -10.17 19.20
N SER F 192 74.39 -11.47 18.89
CA SER F 192 75.16 -11.91 17.71
C SER F 192 74.77 -11.16 16.44
N GLU F 193 73.47 -11.06 16.18
CA GLU F 193 72.93 -10.23 15.09
C GLU F 193 72.47 -8.87 15.65
N THR F 194 72.89 -7.79 15.01
CA THR F 194 72.60 -6.45 15.50
C THR F 194 71.14 -6.13 15.30
N VAL F 195 70.60 -5.34 16.24
CA VAL F 195 69.24 -4.84 16.22
C VAL F 195 69.31 -3.34 16.44
N THR F 196 68.77 -2.60 15.47
CA THR F 196 68.92 -1.13 15.40
C THR F 196 67.57 -0.54 15.06
N CYS F 197 67.07 0.33 15.93
CA CYS F 197 65.84 1.04 15.59
C CYS F 197 66.16 2.34 14.84
N ASN F 198 65.34 2.60 13.83
CA ASN F 198 65.46 3.77 12.96
C ASN F 198 64.23 4.61 13.17
N VAL F 199 64.46 5.85 13.49
CA VAL F 199 63.37 6.74 13.88
C VAL F 199 63.40 7.98 12.99
N ALA F 200 62.32 8.20 12.25
CA ALA F 200 62.18 9.35 11.37
C ALA F 200 61.10 10.34 11.85
N HIS F 201 61.46 11.62 11.79
CA HIS F 201 60.53 12.69 12.23
C HIS F 201 60.37 13.71 11.14
N PRO F 202 59.34 13.55 10.31
CA PRO F 202 59.12 14.51 9.22
C PRO F 202 59.25 15.99 9.55
N ALA F 203 58.65 16.45 10.64
CA ALA F 203 58.66 17.88 10.93
C ALA F 203 60.04 18.46 11.18
N SER F 204 60.99 17.62 11.62
CA SER F 204 62.37 18.05 11.80
C SER F 204 63.31 17.54 10.72
N SER F 205 62.78 16.80 9.75
CA SER F 205 63.62 16.22 8.69
C SER F 205 64.81 15.46 9.24
N THR F 206 64.58 14.70 10.31
CA THR F 206 65.62 13.93 10.94
C THR F 206 65.29 12.48 10.81
N LYS F 207 66.37 11.70 10.83
CA LYS F 207 66.29 10.26 10.91
C LYS F 207 67.48 9.79 11.74
N VAL F 208 67.17 9.06 12.81
CA VAL F 208 68.16 8.70 13.81
C VAL F 208 68.19 7.17 13.94
N ASP F 209 69.39 6.62 14.08
CA ASP F 209 69.55 5.18 14.34
C ASP F 209 70.08 4.94 15.74
N LYS F 210 69.49 3.95 16.42
CA LYS F 210 69.98 3.56 17.71
C LYS F 210 70.13 2.06 17.70
N LYS F 211 71.38 1.60 17.74
CA LYS F 211 71.68 0.19 17.92
C LYS F 211 71.46 -0.20 19.37
N ILE F 212 70.81 -1.34 19.58
CA ILE F 212 70.57 -1.88 20.90
C ILE F 212 71.72 -2.81 21.27
N VAL F 213 72.51 -2.41 22.26
CA VAL F 213 73.66 -3.20 22.69
C VAL F 213 73.46 -3.69 24.11
N PRO F 214 74.01 -4.88 24.42
CA PRO F 214 73.83 -5.40 25.78
C PRO F 214 74.47 -4.54 26.84
N ARG F 215 73.84 -4.47 28.00
CA ARG F 215 74.32 -3.65 29.09
C ARG F 215 75.54 -4.30 29.77
N ASP G 1 -47.36 -29.22 -11.80
CA ASP G 1 -47.56 -27.77 -11.58
C ASP G 1 -48.27 -27.10 -12.76
N ILE G 2 -49.21 -26.22 -12.44
CA ILE G 2 -49.98 -25.55 -13.45
C ILE G 2 -49.13 -24.44 -14.05
N VAL G 3 -48.99 -24.45 -15.38
CA VAL G 3 -48.40 -23.33 -16.13
C VAL G 3 -49.47 -22.33 -16.60
N MET G 4 -49.29 -21.09 -16.17
CA MET G 4 -50.17 -19.96 -16.54
C MET G 4 -49.43 -19.09 -17.56
N THR G 5 -49.98 -18.96 -18.78
CA THR G 5 -49.34 -18.28 -19.87
C THR G 5 -50.09 -17.02 -20.28
N GLN G 6 -49.36 -15.91 -20.29
CA GLN G 6 -49.88 -14.70 -20.78
C GLN G 6 -48.75 -13.91 -21.45
N ALA G 7 -49.10 -13.07 -22.41
CA ALA G 7 -48.09 -12.28 -23.11
C ALA G 7 -47.48 -11.20 -22.19
N ALA G 8 -46.23 -10.87 -22.46
CA ALA G 8 -45.51 -9.89 -21.63
C ALA G 8 -46.05 -8.49 -21.82
N PHE G 9 -46.48 -8.19 -23.03
CA PHE G 9 -46.94 -6.86 -23.36
C PHE G 9 -48.23 -6.97 -24.15
N SER G 10 -49.10 -5.98 -23.94
CA SER G 10 -50.26 -5.73 -24.81
C SER G 10 -49.93 -4.53 -25.70
N ASN G 11 -50.61 -4.43 -26.84
CA ASN G 11 -50.43 -3.28 -27.72
C ASN G 11 -50.98 -2.05 -27.00
N PRO G 12 -50.26 -0.91 -27.02
CA PRO G 12 -50.69 0.27 -26.26
C PRO G 12 -52.12 0.66 -26.58
N VAL G 13 -52.77 1.27 -25.61
CA VAL G 13 -54.20 1.48 -25.67
C VAL G 13 -54.45 2.95 -25.38
N THR G 14 -55.18 3.59 -26.28
CA THR G 14 -55.48 5.00 -26.13
C THR G 14 -56.35 5.24 -24.93
N LEU G 15 -56.05 6.28 -24.18
CA LEU G 15 -56.92 6.67 -23.08
C LEU G 15 -58.37 6.65 -23.52
N GLY G 16 -59.24 6.10 -22.67
CA GLY G 16 -60.68 6.06 -22.91
C GLY G 16 -61.17 4.99 -23.88
N THR G 17 -60.27 4.17 -24.41
CA THR G 17 -60.64 3.03 -25.23
C THR G 17 -60.37 1.73 -24.44
N SER G 18 -60.73 0.59 -25.04
CA SER G 18 -60.80 -0.65 -24.32
C SER G 18 -59.52 -1.50 -24.48
N ALA G 19 -59.13 -2.16 -23.40
CA ALA G 19 -57.96 -3.03 -23.39
C ALA G 19 -58.42 -4.49 -23.17
N SER G 20 -57.68 -5.42 -23.77
CA SER G 20 -57.94 -6.85 -23.69
C SER G 20 -56.65 -7.59 -23.34
N ILE G 21 -56.71 -8.42 -22.31
CA ILE G 21 -55.55 -9.17 -21.80
C ILE G 21 -55.93 -10.65 -21.63
N SER G 22 -55.21 -11.52 -22.32
CA SER G 22 -55.47 -12.92 -22.33
C SER G 22 -54.59 -13.69 -21.37
N CYS G 23 -55.06 -14.85 -20.95
CA CYS G 23 -54.28 -15.78 -20.14
C CYS G 23 -54.78 -17.19 -20.47
N ARG G 24 -53.91 -18.19 -20.37
CA ARG G 24 -54.38 -19.58 -20.36
C ARG G 24 -53.66 -20.42 -19.35
N SER G 25 -54.29 -21.55 -19.04
CA SER G 25 -53.84 -22.49 -18.06
C SER G 25 -53.57 -23.84 -18.71
N SER G 26 -52.58 -24.53 -18.15
CA SER G 26 -52.24 -25.90 -18.59
C SER G 26 -53.17 -26.98 -18.08
N LYS G 27 -53.98 -26.67 -17.07
CA LYS G 27 -54.98 -27.60 -16.54
C LYS G 27 -56.24 -26.76 -16.36
N SER G 28 -57.41 -27.38 -16.43
CA SER G 28 -58.64 -26.66 -16.23
C SER G 28 -58.74 -26.24 -14.77
N LEU G 29 -59.20 -25.01 -14.57
CA LEU G 29 -59.44 -24.39 -13.27
C LEU G 29 -60.93 -24.34 -12.89
N LEU G 30 -61.79 -24.95 -13.72
CA LEU G 30 -63.23 -25.03 -13.40
C LEU G 30 -63.37 -26.25 -12.52
N HIS G 31 -63.91 -26.02 -11.32
CA HIS G 31 -63.99 -26.99 -10.26
C HIS G 31 -65.36 -27.67 -10.34
N SER G 32 -65.52 -28.81 -9.71
CA SER G 32 -66.83 -29.46 -9.65
C SER G 32 -67.94 -28.60 -9.02
N ASP G 33 -67.56 -27.59 -8.24
CA ASP G 33 -68.51 -26.76 -7.51
C ASP G 33 -69.05 -25.61 -8.37
N GLY G 34 -68.61 -25.54 -9.62
CA GLY G 34 -69.15 -24.55 -10.54
C GLY G 34 -68.25 -23.35 -10.74
N ILE G 35 -67.31 -23.15 -9.81
CA ILE G 35 -66.50 -21.96 -9.78
C ILE G 35 -65.25 -22.24 -10.62
N THR G 36 -64.85 -21.24 -11.41
CA THR G 36 -63.58 -21.21 -12.14
C THR G 36 -62.64 -20.36 -11.30
N TYR G 37 -61.63 -21.04 -10.75
CA TYR G 37 -60.69 -20.46 -9.80
C TYR G 37 -59.54 -19.75 -10.47
N LEU G 38 -59.91 -18.74 -11.24
CA LEU G 38 -59.03 -17.86 -11.96
C LEU G 38 -59.04 -16.51 -11.27
N TYR G 39 -57.85 -15.96 -11.02
CA TYR G 39 -57.71 -14.70 -10.33
C TYR G 39 -56.86 -13.79 -11.17
N TRP G 40 -57.15 -12.50 -11.12
CA TRP G 40 -56.28 -11.50 -11.71
C TRP G 40 -55.75 -10.56 -10.61
N TYR G 41 -54.47 -10.19 -10.71
CA TYR G 41 -53.86 -9.23 -9.81
C TYR G 41 -53.30 -8.10 -10.65
N LEU G 42 -53.37 -6.88 -10.11
CA LEU G 42 -52.71 -5.75 -10.72
C LEU G 42 -51.57 -5.27 -9.82
N GLN G 43 -50.38 -5.19 -10.39
CA GLN G 43 -49.28 -4.49 -9.74
C GLN G 43 -48.99 -3.12 -10.40
N LYS G 44 -49.40 -2.03 -9.75
CA LYS G 44 -49.14 -0.68 -10.23
C LYS G 44 -47.68 -0.33 -10.01
N PRO G 45 -47.13 0.57 -10.85
CA PRO G 45 -45.70 0.89 -10.76
C PRO G 45 -45.32 1.29 -9.34
N GLY G 46 -44.28 0.63 -8.83
CA GLY G 46 -43.81 0.82 -7.47
C GLY G 46 -44.71 0.37 -6.36
N GLN G 47 -45.71 -0.45 -6.63
CA GLN G 47 -46.59 -0.99 -5.62
C GLN G 47 -46.46 -2.49 -5.57
N SER G 48 -47.10 -3.09 -4.57
CA SER G 48 -47.29 -4.54 -4.49
C SER G 48 -48.44 -4.94 -5.41
N PRO G 49 -48.58 -6.24 -5.71
CA PRO G 49 -49.80 -6.67 -6.37
C PRO G 49 -51.00 -6.41 -5.45
N HIS G 50 -52.16 -6.19 -6.04
CA HIS G 50 -53.41 -6.33 -5.33
C HIS G 50 -54.44 -7.10 -6.15
N LEU G 51 -55.35 -7.76 -5.45
CA LEU G 51 -56.47 -8.47 -6.11
C LEU G 51 -57.39 -7.55 -6.89
N LEU G 52 -57.64 -7.95 -8.14
CA LEU G 52 -58.52 -7.23 -9.07
C LEU G 52 -59.82 -8.03 -9.34
N ILE G 53 -59.65 -9.31 -9.68
CA ILE G 53 -60.74 -10.25 -9.97
C ILE G 53 -60.50 -11.57 -9.29
N TYR G 54 -61.55 -12.16 -8.72
CA TYR G 54 -61.50 -13.51 -8.20
C TYR G 54 -62.60 -14.38 -8.80
N HIS G 55 -62.39 -15.70 -8.81
CA HIS G 55 -63.41 -16.63 -9.24
C HIS G 55 -63.82 -16.32 -10.69
N LEU G 56 -62.83 -15.91 -11.49
CA LEU G 56 -62.91 -15.72 -12.95
C LEU G 56 -63.53 -14.41 -13.34
N SER G 57 -64.63 -14.05 -12.67
CA SER G 57 -65.38 -12.94 -13.14
C SER G 57 -65.91 -11.99 -12.05
N ASN G 58 -65.56 -12.20 -10.78
CA ASN G 58 -66.02 -11.30 -9.66
C ASN G 58 -65.05 -10.17 -9.35
N LEU G 59 -65.53 -8.93 -9.36
CA LEU G 59 -64.66 -7.78 -9.14
C LEU G 59 -64.32 -7.69 -7.66
N ALA G 60 -63.08 -7.32 -7.37
CA ALA G 60 -62.70 -7.06 -5.99
C ALA G 60 -63.26 -5.68 -5.61
N SER G 61 -63.49 -5.46 -4.33
CA SER G 61 -63.93 -4.15 -3.83
C SER G 61 -63.02 -3.03 -4.34
N GLY G 62 -63.63 -1.92 -4.77
CA GLY G 62 -62.87 -0.74 -5.14
C GLY G 62 -62.46 -0.78 -6.59
N VAL G 63 -62.61 -1.94 -7.23
CA VAL G 63 -62.32 -2.07 -8.64
C VAL G 63 -63.48 -1.45 -9.45
N PRO G 64 -63.16 -0.54 -10.39
CA PRO G 64 -64.17 0.06 -11.26
C PRO G 64 -64.80 -0.97 -12.20
N ASP G 65 -66.08 -0.76 -12.52
CA ASP G 65 -66.85 -1.68 -13.35
C ASP G 65 -66.40 -1.70 -14.80
N ARG G 66 -65.41 -0.87 -15.12
CA ARG G 66 -64.77 -0.88 -16.42
C ARG G 66 -64.03 -2.20 -16.62
N PHE G 67 -63.71 -2.86 -15.50
CA PHE G 67 -63.02 -4.15 -15.54
C PHE G 67 -64.00 -5.32 -15.54
N SER G 68 -63.72 -6.32 -16.38
CA SER G 68 -64.47 -7.58 -16.37
C SER G 68 -63.58 -8.68 -16.90
N SER G 69 -63.98 -9.90 -16.62
CA SER G 69 -63.23 -11.07 -17.06
C SER G 69 -64.16 -12.22 -17.35
N SER G 70 -63.76 -13.10 -18.25
CA SER G 70 -64.58 -14.17 -18.70
C SER G 70 -63.60 -15.24 -19.10
N GLY G 71 -64.09 -16.44 -19.11
CA GLY G 71 -63.31 -17.55 -19.67
C GLY G 71 -63.87 -18.93 -19.44
N SER G 72 -63.17 -19.95 -19.97
CA SER G 72 -63.51 -21.29 -19.74
C SER G 72 -62.73 -21.76 -18.52
N GLY G 73 -62.51 -23.06 -18.41
CA GLY G 73 -61.57 -23.57 -17.42
C GLY G 73 -60.09 -23.34 -17.79
N THR G 74 -59.79 -23.14 -19.09
CA THR G 74 -58.41 -23.07 -19.57
C THR G 74 -57.98 -21.79 -20.32
N ASP G 75 -58.94 -20.98 -20.75
CA ASP G 75 -58.65 -19.77 -21.53
C ASP G 75 -59.46 -18.60 -20.95
N PHE G 76 -58.81 -17.47 -20.70
CA PHE G 76 -59.42 -16.36 -19.93
C PHE G 76 -59.13 -15.00 -20.58
N THR G 77 -60.00 -14.02 -20.35
CA THR G 77 -59.80 -12.71 -20.94
C THR G 77 -60.22 -11.63 -19.95
N LEU G 78 -59.30 -10.73 -19.62
CA LEU G 78 -59.57 -9.55 -18.81
C LEU G 78 -59.85 -8.41 -19.78
N ARG G 79 -60.97 -7.73 -19.57
CA ARG G 79 -61.30 -6.58 -20.37
C ARG G 79 -61.38 -5.34 -19.50
N ILE G 80 -60.76 -4.27 -20.01
CA ILE G 80 -60.89 -2.92 -19.43
C ILE G 80 -61.60 -2.07 -20.47
N SER G 81 -62.84 -1.70 -20.18
CA SER G 81 -63.71 -1.05 -21.17
C SER G 81 -63.18 0.29 -21.66
N ARG G 82 -62.86 1.18 -20.73
CA ARG G 82 -62.36 2.51 -21.06
C ARG G 82 -61.18 2.82 -20.16
N VAL G 83 -59.96 2.68 -20.69
CA VAL G 83 -58.78 2.77 -19.85
C VAL G 83 -58.55 4.21 -19.31
N GLU G 84 -58.23 4.26 -18.01
CA GLU G 84 -57.84 5.47 -17.30
C GLU G 84 -56.37 5.36 -16.93
N ALA G 85 -55.72 6.51 -16.76
CA ALA G 85 -54.29 6.58 -16.40
C ALA G 85 -53.89 5.67 -15.23
N GLU G 86 -54.71 5.61 -14.20
CA GLU G 86 -54.43 4.84 -13.00
C GLU G 86 -54.40 3.31 -13.24
N ASP G 87 -54.78 2.85 -14.43
CA ASP G 87 -54.80 1.42 -14.79
C ASP G 87 -53.47 0.86 -15.29
N VAL G 88 -52.46 1.71 -15.47
CA VAL G 88 -51.17 1.21 -15.91
C VAL G 88 -50.55 0.33 -14.82
N GLY G 89 -49.84 -0.69 -15.26
CA GLY G 89 -49.24 -1.61 -14.34
C GLY G 89 -49.08 -2.94 -15.03
N ILE G 90 -48.73 -3.94 -14.25
CA ILE G 90 -48.61 -5.31 -14.70
C ILE G 90 -49.76 -6.14 -14.12
N TYR G 91 -50.50 -6.77 -15.02
CA TYR G 91 -51.63 -7.65 -14.72
C TYR G 91 -51.18 -9.12 -14.74
N TYR G 92 -51.36 -9.80 -13.62
CA TYR G 92 -51.07 -11.23 -13.47
C TYR G 92 -52.33 -12.11 -13.28
N CYS G 93 -52.36 -13.22 -13.98
CA CYS G 93 -53.36 -14.25 -13.80
C CYS G 93 -52.75 -15.26 -12.81
N ALA G 94 -53.60 -15.92 -12.04
CA ALA G 94 -53.21 -16.95 -11.09
C ALA G 94 -54.36 -17.91 -10.87
N HIS G 95 -54.04 -19.11 -10.42
CA HIS G 95 -55.06 -20.12 -10.13
C HIS G 95 -55.15 -20.34 -8.63
N ASN G 96 -56.22 -21.01 -8.25
CA ASN G 96 -56.41 -21.46 -6.90
C ASN G 96 -57.15 -22.80 -6.89
N VAL G 97 -56.57 -23.80 -7.56
CA VAL G 97 -57.14 -25.12 -7.61
C VAL G 97 -56.23 -26.17 -6.95
N GLU G 98 -54.96 -25.83 -6.73
CA GLU G 98 -53.98 -26.75 -6.14
C GLU G 98 -52.74 -25.99 -5.70
N LEU G 99 -51.86 -26.67 -4.99
CA LEU G 99 -50.51 -26.18 -4.76
C LEU G 99 -49.64 -27.00 -5.72
N PRO G 100 -48.51 -26.44 -6.15
CA PRO G 100 -48.05 -25.09 -5.87
C PRO G 100 -48.95 -24.02 -6.47
N ARG G 101 -49.01 -22.88 -5.81
CA ARG G 101 -49.70 -21.75 -6.38
C ARG G 101 -48.80 -21.14 -7.47
N THR G 102 -49.34 -20.94 -8.65
CA THR G 102 -48.60 -20.34 -9.73
C THR G 102 -49.29 -19.15 -10.33
N PHE G 103 -48.47 -18.28 -10.91
CA PHE G 103 -48.84 -17.03 -11.52
C PHE G 103 -48.36 -17.00 -12.97
N GLY G 104 -49.10 -16.28 -13.82
CA GLY G 104 -48.60 -15.92 -15.15
C GLY G 104 -47.39 -15.00 -15.04
N GLY G 105 -46.68 -14.79 -16.16
CA GLY G 105 -45.53 -13.89 -16.17
C GLY G 105 -45.83 -12.41 -16.11
N GLY G 106 -47.10 -12.05 -16.17
CA GLY G 106 -47.51 -10.64 -16.09
C GLY G 106 -47.63 -10.09 -17.49
N THR G 107 -48.65 -9.27 -17.70
CA THR G 107 -48.80 -8.52 -18.95
C THR G 107 -48.81 -7.04 -18.59
N LYS G 108 -47.87 -6.25 -19.11
CA LYS G 108 -47.83 -4.82 -18.84
C LYS G 108 -48.84 -4.05 -19.69
N LEU G 109 -49.69 -3.24 -19.05
CA LEU G 109 -50.56 -2.32 -19.75
C LEU G 109 -49.87 -0.96 -19.89
N GLU G 110 -49.91 -0.44 -21.09
CA GLU G 110 -49.33 0.86 -21.38
C GLU G 110 -50.39 1.65 -22.13
N ILE G 111 -50.40 2.96 -21.88
CA ILE G 111 -51.49 3.82 -22.28
C ILE G 111 -50.94 4.83 -23.26
N LYS G 112 -51.74 5.17 -24.27
CA LYS G 112 -51.42 6.21 -25.23
C LYS G 112 -52.20 7.46 -24.84
N ARG G 113 -51.47 8.55 -24.69
CA ARG G 113 -52.06 9.85 -24.44
C ARG G 113 -51.58 10.81 -25.50
N ALA G 114 -51.98 12.08 -25.39
CA ALA G 114 -51.49 13.11 -26.34
C ALA G 114 -49.95 13.27 -26.27
N ASP G 115 -49.32 13.47 -27.40
CA ASP G 115 -47.87 13.70 -27.38
C ASP G 115 -47.53 14.91 -26.49
N ALA G 116 -46.42 14.81 -25.75
CA ALA G 116 -46.02 15.85 -24.81
C ALA G 116 -44.50 15.95 -24.81
N ALA G 117 -44.00 17.16 -24.94
CA ALA G 117 -42.57 17.42 -25.02
C ALA G 117 -41.94 17.32 -23.64
N PRO G 118 -40.66 16.92 -23.57
CA PRO G 118 -40.01 16.94 -22.25
C PRO G 118 -39.62 18.33 -21.76
N THR G 119 -39.58 18.46 -20.44
CA THR G 119 -38.93 19.53 -19.74
C THR G 119 -37.49 19.05 -19.46
N VAL G 120 -36.51 19.79 -19.93
CA VAL G 120 -35.12 19.40 -19.82
C VAL G 120 -34.38 20.29 -18.84
N SER G 121 -33.68 19.64 -17.91
CA SER G 121 -32.85 20.31 -16.94
C SER G 121 -31.48 19.70 -16.93
N ILE G 122 -30.43 20.50 -17.02
CA ILE G 122 -29.04 20.02 -16.92
C ILE G 122 -28.40 20.46 -15.60
N PHE G 123 -27.58 19.59 -15.02
CA PHE G 123 -26.96 19.84 -13.72
C PHE G 123 -25.45 19.59 -13.76
N PRO G 124 -24.64 20.59 -13.38
CA PRO G 124 -23.23 20.28 -13.30
C PRO G 124 -22.90 19.44 -12.07
N PRO G 125 -21.69 18.90 -12.02
CA PRO G 125 -21.28 18.21 -10.78
C PRO G 125 -21.38 19.11 -9.53
N SER G 126 -21.70 18.52 -8.40
CA SER G 126 -21.68 19.24 -7.13
C SER G 126 -20.21 19.55 -6.79
N SER G 127 -19.97 20.69 -6.16
CA SER G 127 -18.64 20.94 -5.61
C SER G 127 -18.27 19.81 -4.60
N GLU G 128 -19.27 19.18 -3.99
CA GLU G 128 -19.03 18.05 -3.10
C GLU G 128 -18.33 16.89 -3.78
N GLN G 129 -18.75 16.59 -4.99
CA GLN G 129 -18.30 15.36 -5.66
C GLN G 129 -16.87 15.44 -6.14
N LEU G 130 -16.41 16.64 -6.48
CA LEU G 130 -15.12 16.73 -7.15
C LEU G 130 -14.00 16.31 -6.23
N THR G 131 -14.21 16.48 -4.94
CA THR G 131 -13.29 16.00 -3.91
C THR G 131 -13.06 14.49 -4.00
N SER G 132 -14.09 13.76 -4.41
CA SER G 132 -13.98 12.31 -4.63
C SER G 132 -13.08 11.87 -5.79
N GLY G 133 -12.75 12.77 -6.71
CA GLY G 133 -11.96 12.45 -7.91
C GLY G 133 -12.75 12.14 -9.17
N GLY G 134 -14.07 12.14 -9.05
CA GLY G 134 -14.99 11.91 -10.18
C GLY G 134 -15.97 13.05 -10.35
N ALA G 135 -16.65 13.09 -11.48
CA ALA G 135 -17.56 14.19 -11.82
C ALA G 135 -18.72 13.63 -12.62
N SER G 136 -19.94 13.83 -12.13
CA SER G 136 -21.13 13.33 -12.78
C SER G 136 -21.95 14.50 -13.28
N VAL G 137 -22.21 14.52 -14.60
CA VAL G 137 -23.09 15.57 -15.19
C VAL G 137 -24.44 14.94 -15.52
N VAL G 138 -25.53 15.55 -15.06
CA VAL G 138 -26.83 14.88 -15.12
C VAL G 138 -27.85 15.67 -15.89
N CYS G 139 -28.63 15.00 -16.72
CA CYS G 139 -29.68 15.67 -17.45
C CYS G 139 -31.04 14.99 -17.22
N PHE G 140 -32.07 15.73 -16.80
CA PHE G 140 -33.41 15.16 -16.68
C PHE G 140 -34.27 15.58 -17.87
N LEU G 141 -35.00 14.62 -18.40
CA LEU G 141 -35.98 14.84 -19.49
C LEU G 141 -37.29 14.44 -18.87
N ASN G 142 -38.03 15.39 -18.34
CA ASN G 142 -39.20 15.07 -17.55
C ASN G 142 -40.55 15.20 -18.25
N ASN G 143 -41.43 14.25 -17.91
CA ASN G 143 -42.85 14.21 -18.28
C ASN G 143 -43.18 14.40 -19.75
N PHE G 144 -42.74 13.42 -20.53
CA PHE G 144 -42.96 13.43 -21.96
C PHE G 144 -43.74 12.20 -22.40
N TYR G 145 -44.28 12.29 -23.61
CA TYR G 145 -44.98 11.18 -24.24
C TYR G 145 -44.90 11.40 -25.75
N PRO G 146 -44.51 10.37 -26.52
CA PRO G 146 -44.28 8.98 -26.16
C PRO G 146 -42.91 8.67 -25.54
N LYS G 147 -42.73 7.41 -25.16
CA LYS G 147 -41.52 6.98 -24.45
C LYS G 147 -40.23 7.17 -25.23
N ASP G 148 -40.27 6.99 -26.55
CA ASP G 148 -39.05 7.07 -27.35
C ASP G 148 -38.49 8.47 -27.31
N ILE G 149 -37.23 8.59 -26.92
CA ILE G 149 -36.56 9.88 -26.83
C ILE G 149 -35.07 9.69 -26.98
N ASN G 150 -34.40 10.71 -27.52
CA ASN G 150 -32.96 10.68 -27.75
C ASN G 150 -32.27 11.78 -26.99
N VAL G 151 -31.13 11.45 -26.38
CA VAL G 151 -30.29 12.44 -25.74
C VAL G 151 -28.86 12.40 -26.31
N LYS G 152 -28.33 13.56 -26.65
CA LYS G 152 -26.96 13.70 -27.16
C LYS G 152 -26.21 14.59 -26.18
N TRP G 153 -25.06 14.11 -25.71
CA TRP G 153 -24.15 14.90 -24.87
C TRP G 153 -23.11 15.55 -25.74
N LYS G 154 -22.89 16.85 -25.52
CA LYS G 154 -21.84 17.58 -26.23
C LYS G 154 -20.96 18.28 -25.22
N ILE G 155 -19.65 18.18 -25.43
CA ILE G 155 -18.65 18.83 -24.58
C ILE G 155 -17.72 19.66 -25.47
N ASP G 156 -17.63 20.95 -25.20
CA ASP G 156 -16.90 21.86 -26.10
C ASP G 156 -17.33 21.63 -27.57
N GLY G 157 -18.64 21.60 -27.78
CA GLY G 157 -19.21 21.48 -29.13
C GLY G 157 -19.21 20.10 -29.75
N SER G 158 -18.34 19.21 -29.28
CA SER G 158 -18.26 17.86 -29.80
C SER G 158 -19.11 16.89 -28.99
N GLU G 159 -19.81 16.02 -29.70
CA GLU G 159 -20.60 14.96 -29.13
C GLU G 159 -19.73 14.02 -28.32
N ARG G 160 -20.32 13.46 -27.27
CA ARG G 160 -19.60 12.62 -26.32
C ARG G 160 -20.44 11.38 -26.02
N GLN G 161 -19.90 10.20 -26.36
CA GLN G 161 -20.64 8.95 -26.14
C GLN G 161 -20.14 8.11 -24.96
N ASN G 162 -18.86 8.24 -24.58
CA ASN G 162 -18.31 7.42 -23.47
C ASN G 162 -18.88 7.90 -22.13
N GLY G 163 -19.17 6.94 -21.27
CA GLY G 163 -19.53 7.22 -19.89
C GLY G 163 -20.93 7.78 -19.69
N VAL G 164 -21.87 7.47 -20.58
CA VAL G 164 -23.26 7.95 -20.50
C VAL G 164 -24.15 6.78 -20.14
N LEU G 165 -24.99 6.94 -19.12
CA LEU G 165 -26.00 5.95 -18.81
C LEU G 165 -27.39 6.58 -18.64
N ASN G 166 -28.38 5.99 -19.32
CA ASN G 166 -29.78 6.51 -19.28
C ASN G 166 -30.75 5.57 -18.55
N SER G 167 -31.79 6.13 -17.93
CA SER G 167 -32.76 5.38 -17.17
C SER G 167 -34.13 5.99 -17.30
N TRP G 168 -35.12 5.19 -17.71
CA TRP G 168 -36.50 5.64 -17.91
C TRP G 168 -37.38 5.27 -16.74
N THR G 169 -38.25 6.16 -16.32
CA THR G 169 -39.23 5.78 -15.32
C THR G 169 -40.29 4.87 -15.96
N ASP G 170 -41.12 4.25 -15.15
CA ASP G 170 -42.35 3.61 -15.66
C ASP G 170 -43.36 4.69 -15.95
N GLN G 171 -44.41 4.36 -16.71
CA GLN G 171 -45.45 5.33 -17.06
C GLN G 171 -46.14 5.78 -15.78
N ASP G 172 -46.32 7.09 -15.67
CA ASP G 172 -46.90 7.69 -14.46
C ASP G 172 -48.36 7.30 -14.34
N SER G 173 -48.80 6.93 -13.13
CA SER G 173 -50.19 6.55 -12.89
C SER G 173 -51.18 7.71 -13.00
N LYS G 174 -50.64 8.93 -13.02
CA LYS G 174 -51.47 10.12 -12.96
C LYS G 174 -51.61 10.80 -14.29
N ASP G 175 -50.49 11.19 -14.90
CA ASP G 175 -50.49 11.96 -16.15
C ASP G 175 -50.02 11.14 -17.38
N SER G 176 -49.70 9.88 -17.16
CA SER G 176 -49.40 8.91 -18.22
C SER G 176 -48.14 9.23 -19.03
N THR G 177 -47.25 10.02 -18.46
CA THR G 177 -46.00 10.37 -19.10
C THR G 177 -44.83 9.48 -18.60
N TYR G 178 -43.70 9.65 -19.27
CA TYR G 178 -42.42 9.04 -18.90
C TYR G 178 -41.47 10.16 -18.60
N SER G 179 -40.43 9.85 -17.86
CA SER G 179 -39.29 10.72 -17.70
C SER G 179 -38.07 9.88 -17.82
N MET G 180 -36.94 10.52 -18.10
CA MET G 180 -35.70 9.83 -18.34
C MET G 180 -34.55 10.66 -17.76
N SER G 181 -33.57 10.00 -17.14
CA SER G 181 -32.37 10.68 -16.71
C SER G 181 -31.23 10.17 -17.60
N SER G 182 -30.28 11.07 -17.89
CA SER G 182 -29.01 10.75 -18.60
C SER G 182 -27.89 11.31 -17.72
N THR G 183 -26.93 10.46 -17.38
CA THR G 183 -25.84 10.81 -16.48
C THR G 183 -24.53 10.48 -17.20
N LEU G 184 -23.69 11.50 -17.36
CA LEU G 184 -22.37 11.38 -17.96
C LEU G 184 -21.34 11.43 -16.82
N THR G 185 -20.55 10.35 -16.70
CA THR G 185 -19.62 10.22 -15.59
C THR G 185 -18.19 10.36 -16.08
N LEU G 186 -17.45 11.24 -15.43
CA LEU G 186 -16.11 11.64 -15.84
C LEU G 186 -15.23 11.68 -14.61
N THR G 187 -13.93 11.77 -14.85
CA THR G 187 -12.98 12.09 -13.79
C THR G 187 -13.02 13.59 -13.56
N LYS G 188 -12.54 14.00 -12.40
CA LYS G 188 -12.41 15.42 -12.12
C LYS G 188 -11.57 16.11 -13.19
N ASP G 189 -10.53 15.41 -13.68
CA ASP G 189 -9.53 16.01 -14.59
C ASP G 189 -10.07 16.17 -16.02
N GLU G 190 -10.76 15.14 -16.51
CA GLU G 190 -11.48 15.25 -17.78
C GLU G 190 -12.58 16.33 -17.70
N TYR G 191 -13.33 16.38 -16.62
CA TYR G 191 -14.33 17.42 -16.48
C TYR G 191 -13.72 18.83 -16.44
N GLU G 192 -12.66 19.01 -15.66
CA GLU G 192 -12.05 20.34 -15.52
C GLU G 192 -11.24 20.81 -16.75
N ARG G 193 -11.04 19.92 -17.70
CA ARG G 193 -10.32 20.22 -18.94
C ARG G 193 -11.17 20.99 -19.95
N HIS G 194 -12.48 20.81 -19.88
CA HIS G 194 -13.41 21.39 -20.83
C HIS G 194 -14.28 22.42 -20.16
N ASN G 195 -15.11 23.12 -20.93
CA ASN G 195 -15.92 24.21 -20.38
C ASN G 195 -17.40 24.15 -20.64
N SER G 196 -17.76 23.87 -21.88
CA SER G 196 -19.16 23.92 -22.28
C SER G 196 -19.71 22.51 -22.19
N TYR G 197 -20.83 22.35 -21.49
CA TYR G 197 -21.50 21.08 -21.39
C TYR G 197 -22.94 21.23 -21.79
N THR G 198 -23.37 20.36 -22.71
CA THR G 198 -24.68 20.44 -23.33
C THR G 198 -25.36 19.08 -23.40
N CYS G 199 -26.63 19.09 -23.02
CA CYS G 199 -27.54 17.98 -23.15
C CYS G 199 -28.58 18.38 -24.22
N GLU G 200 -28.71 17.60 -25.29
CA GLU G 200 -29.70 17.86 -26.33
C GLU G 200 -30.73 16.75 -26.44
N ALA G 201 -32.01 17.11 -26.25
CA ALA G 201 -33.08 16.13 -26.27
C ALA G 201 -33.93 16.20 -27.55
N THR G 202 -34.04 15.08 -28.23
CA THR G 202 -34.81 15.01 -29.46
C THR G 202 -35.97 14.03 -29.29
N HIS G 203 -37.18 14.53 -29.57
CA HIS G 203 -38.40 13.82 -29.30
C HIS G 203 -39.38 14.19 -30.40
N LYS G 204 -40.39 13.37 -30.61
CA LYS G 204 -41.20 13.52 -31.81
C LYS G 204 -42.03 14.79 -31.81
N THR G 205 -42.17 15.41 -30.64
CA THR G 205 -42.90 16.66 -30.50
C THR G 205 -42.21 17.89 -31.16
N SER G 206 -40.97 17.75 -31.59
CA SER G 206 -40.34 18.79 -32.45
C SER G 206 -39.30 18.14 -33.33
N THR G 207 -39.08 18.71 -34.51
CA THR G 207 -37.95 18.32 -35.33
C THR G 207 -36.68 19.06 -34.86
N SER G 208 -36.79 20.03 -33.95
CA SER G 208 -35.59 20.66 -33.39
C SER G 208 -35.31 20.07 -32.00
N PRO G 209 -34.04 19.81 -31.65
CA PRO G 209 -33.80 19.35 -30.27
C PRO G 209 -34.00 20.43 -29.21
N ILE G 210 -34.29 19.99 -28.00
CA ILE G 210 -34.27 20.88 -26.83
C ILE G 210 -32.83 20.83 -26.34
N VAL G 211 -32.18 22.00 -26.30
CA VAL G 211 -30.77 22.13 -25.92
C VAL G 211 -30.64 22.83 -24.57
N LYS G 212 -29.98 22.17 -23.61
CA LYS G 212 -29.68 22.80 -22.32
C LYS G 212 -28.20 22.70 -22.09
N SER G 213 -27.60 23.80 -21.63
CA SER G 213 -26.16 23.91 -21.46
C SER G 213 -25.76 24.66 -20.22
N PHE G 214 -24.54 24.37 -19.77
CA PHE G 214 -23.85 25.24 -18.80
C PHE G 214 -22.38 25.32 -19.16
N ASN G 215 -21.72 26.34 -18.61
CA ASN G 215 -20.27 26.48 -18.71
C ASN G 215 -19.67 26.22 -17.35
N ARG G 216 -18.65 25.38 -17.29
CA ARG G 216 -18.06 24.95 -16.01
C ARG G 216 -17.51 26.10 -15.13
N GLU H 1 -58.85 -1.96 8.70
CA GLU H 1 -58.14 -2.24 7.41
C GLU H 1 -57.10 -3.31 7.67
N VAL H 2 -56.98 -4.26 6.76
CA VAL H 2 -55.92 -5.26 6.84
C VAL H 2 -54.61 -4.57 6.47
N LYS H 3 -53.69 -4.63 7.34
CA LYS H 3 -52.33 -4.24 7.00
C LYS H 3 -51.44 -5.44 7.17
N VAL H 4 -50.52 -5.61 6.23
CA VAL H 4 -49.56 -6.71 6.21
C VAL H 4 -48.19 -6.03 6.05
N GLU H 5 -47.29 -6.21 7.00
CA GLU H 5 -46.03 -5.46 7.02
C GLU H 5 -44.80 -6.33 7.33
N GLU H 6 -43.96 -6.50 6.31
CA GLU H 6 -42.82 -7.37 6.42
C GLU H 6 -41.64 -6.64 7.02
N SER H 7 -40.69 -7.42 7.49
CA SER H 7 -39.41 -6.89 7.92
C SER H 7 -38.34 -7.97 7.88
N GLY H 8 -37.09 -7.53 8.03
CA GLY H 8 -35.95 -8.45 8.17
C GLY H 8 -35.08 -8.73 6.95
N GLY H 9 -35.35 -8.08 5.84
CA GLY H 9 -34.46 -8.18 4.69
C GLY H 9 -33.03 -7.69 4.98
N GLY H 10 -32.25 -7.73 3.93
CA GLY H 10 -30.90 -7.28 3.94
C GLY H 10 -30.10 -8.22 3.05
N LEU H 11 -28.82 -8.33 3.33
CA LEU H 11 -27.89 -9.15 2.53
C LEU H 11 -27.25 -10.29 3.34
N VAL H 12 -27.01 -11.41 2.68
CA VAL H 12 -26.24 -12.46 3.32
C VAL H 12 -25.47 -13.15 2.18
N GLN H 13 -24.46 -13.90 2.57
CA GLN H 13 -23.63 -14.61 1.60
C GLN H 13 -24.27 -15.91 1.20
N PRO H 14 -23.93 -16.40 0.00
CA PRO H 14 -24.38 -17.73 -0.42
C PRO H 14 -23.94 -18.75 0.60
N GLY H 15 -24.86 -19.66 0.99
CA GLY H 15 -24.61 -20.60 2.06
C GLY H 15 -25.08 -20.12 3.43
N GLY H 16 -25.38 -18.84 3.51
CA GLY H 16 -25.81 -18.17 4.74
C GLY H 16 -27.31 -18.23 4.90
N SER H 17 -27.80 -17.60 5.98
CA SER H 17 -29.22 -17.72 6.37
C SER H 17 -29.80 -16.37 6.59
N MET H 18 -31.13 -16.32 6.57
CA MET H 18 -31.86 -15.09 6.75
C MET H 18 -33.17 -15.46 7.40
N LYS H 19 -33.65 -14.61 8.31
CA LYS H 19 -34.98 -14.82 8.87
C LYS H 19 -35.77 -13.54 8.63
N ILE H 20 -36.88 -13.68 7.92
CA ILE H 20 -37.74 -12.54 7.64
C ILE H 20 -39.07 -12.82 8.32
N SER H 21 -39.87 -11.77 8.51
CA SER H 21 -41.15 -11.90 9.17
C SER H 21 -42.15 -10.89 8.68
N CYS H 22 -43.41 -11.11 9.05
CA CYS H 22 -44.42 -10.07 8.89
C CYS H 22 -45.48 -10.10 9.97
N VAL H 23 -46.08 -8.94 10.16
CA VAL H 23 -47.12 -8.78 11.14
C VAL H 23 -48.38 -8.28 10.44
N VAL H 24 -49.48 -8.95 10.74
CA VAL H 24 -50.74 -8.65 10.15
C VAL H 24 -51.64 -8.06 11.23
N SER H 25 -52.30 -6.96 10.89
CA SER H 25 -53.36 -6.37 11.70
C SER H 25 -54.65 -6.22 10.88
N GLY H 26 -55.76 -6.07 11.59
CA GLY H 26 -57.05 -5.80 10.97
C GLY H 26 -57.84 -7.02 10.56
N LEU H 27 -57.40 -8.17 11.04
CA LEU H 27 -58.15 -9.42 10.88
C LEU H 27 -57.64 -10.35 11.95
N THR H 28 -58.28 -11.50 12.11
CA THR H 28 -57.83 -12.50 13.09
C THR H 28 -56.79 -13.42 12.45
N PHE H 29 -55.52 -13.08 12.69
CA PHE H 29 -54.37 -13.75 12.10
C PHE H 29 -54.51 -15.25 12.18
N SER H 30 -54.92 -15.75 13.34
CA SER H 30 -55.00 -17.19 13.57
C SER H 30 -56.00 -17.94 12.68
N ASN H 31 -56.89 -17.21 12.00
CA ASN H 31 -57.91 -17.85 11.20
C ASN H 31 -57.53 -17.93 9.72
N TYR H 32 -56.40 -17.37 9.33
CA TYR H 32 -56.06 -17.28 7.91
C TYR H 32 -54.86 -18.08 7.55
N TRP H 33 -54.89 -18.64 6.33
CA TRP H 33 -53.70 -19.25 5.77
C TRP H 33 -52.67 -18.15 5.43
N MET H 34 -51.39 -18.51 5.50
CA MET H 34 -50.34 -17.58 5.30
C MET H 34 -49.33 -18.18 4.30
N SER H 35 -48.80 -17.33 3.46
CA SER H 35 -47.77 -17.79 2.49
C SER H 35 -46.73 -16.71 2.27
N TRP H 36 -45.64 -17.13 1.63
CA TRP H 36 -44.59 -16.26 1.13
C TRP H 36 -44.50 -16.42 -0.39
N VAL H 37 -44.51 -15.28 -1.06
CA VAL H 37 -44.35 -15.16 -2.49
C VAL H 37 -43.22 -14.20 -2.77
N ARG H 38 -42.23 -14.66 -3.54
CA ARG H 38 -41.13 -13.79 -3.87
C ARG H 38 -41.19 -13.34 -5.35
N GLN H 39 -40.58 -12.19 -5.62
CA GLN H 39 -40.55 -11.61 -6.93
C GLN H 39 -39.13 -11.27 -7.32
N SER H 40 -38.75 -11.70 -8.52
CA SER H 40 -37.50 -11.31 -9.11
C SER H 40 -37.77 -11.02 -10.58
N PRO H 41 -36.87 -10.27 -11.21
CA PRO H 41 -36.94 -10.13 -12.67
C PRO H 41 -36.85 -11.44 -13.44
N GLU H 42 -36.10 -12.42 -12.96
CA GLU H 42 -35.89 -13.67 -13.75
C GLU H 42 -37.03 -14.70 -13.63
N LYS H 43 -37.67 -14.79 -12.47
CA LYS H 43 -38.72 -15.81 -12.26
C LYS H 43 -40.10 -15.20 -11.96
N GLY H 44 -40.24 -13.88 -12.05
CA GLY H 44 -41.51 -13.22 -11.77
C GLY H 44 -41.97 -13.56 -10.37
N LEU H 45 -43.29 -13.76 -10.20
CA LEU H 45 -43.88 -14.08 -8.91
C LEU H 45 -43.80 -15.58 -8.67
N GLU H 46 -43.20 -15.95 -7.56
CA GLU H 46 -42.99 -17.34 -7.17
C GLU H 46 -43.40 -17.60 -5.72
N TRP H 47 -44.50 -18.34 -5.55
CA TRP H 47 -44.93 -18.88 -4.28
C TRP H 47 -43.87 -19.84 -3.73
N VAL H 48 -43.46 -19.67 -2.49
CA VAL H 48 -42.41 -20.53 -1.93
C VAL H 48 -42.77 -21.32 -0.69
N ALA H 49 -43.67 -20.80 0.14
CA ALA H 49 -43.98 -21.51 1.36
C ALA H 49 -45.36 -21.10 1.81
N GLU H 50 -46.06 -22.07 2.35
CA GLU H 50 -47.39 -21.85 2.96
C GLU H 50 -47.63 -22.64 4.25
N ILE H 51 -48.45 -22.07 5.13
CA ILE H 51 -48.72 -22.67 6.42
C ILE H 51 -50.21 -22.53 6.74
N ARG H 52 -50.78 -23.61 7.26
CA ARG H 52 -52.20 -23.65 7.51
C ARG H 52 -52.44 -23.37 9.01
N LEU H 53 -53.56 -23.83 9.58
CA LEU H 53 -53.98 -23.35 10.90
C LEU H 53 -53.58 -24.34 11.99
N LYS H 54 -53.77 -23.95 13.23
CA LYS H 54 -53.49 -24.82 14.35
C LYS H 54 -54.27 -26.12 14.22
N SER H 55 -55.54 -25.97 13.83
CA SER H 55 -56.46 -27.06 13.54
C SER H 55 -55.87 -28.06 12.57
N ASP H 56 -54.92 -27.59 11.75
CA ASP H 56 -54.30 -28.44 10.75
C ASP H 56 -52.96 -28.92 11.23
N ASN H 57 -52.70 -28.86 12.55
CA ASN H 57 -51.38 -29.13 13.07
C ASN H 57 -50.33 -28.30 12.32
N TYR H 58 -50.72 -27.07 11.98
CA TYR H 58 -49.86 -26.12 11.27
C TYR H 58 -49.19 -26.72 10.02
N ALA H 59 -49.98 -27.41 9.20
CA ALA H 59 -49.43 -28.08 8.03
C ALA H 59 -48.70 -27.05 7.17
N THR H 60 -47.58 -27.47 6.60
CA THR H 60 -46.79 -26.59 5.74
C THR H 60 -46.61 -27.18 4.35
N TYR H 61 -46.47 -26.29 3.37
CA TYR H 61 -46.19 -26.67 1.97
C TYR H 61 -45.10 -25.77 1.41
N TYR H 62 -44.27 -26.32 0.50
CA TYR H 62 -43.14 -25.60 -0.01
C TYR H 62 -43.00 -25.84 -1.48
N ALA H 63 -42.48 -24.83 -2.18
CA ALA H 63 -42.07 -24.97 -3.56
C ALA H 63 -40.93 -25.96 -3.58
N GLU H 64 -40.87 -26.72 -4.67
CA GLU H 64 -39.92 -27.81 -4.85
C GLU H 64 -38.52 -27.30 -4.64
N SER H 65 -38.26 -26.11 -5.17
CA SER H 65 -36.90 -25.54 -5.14
C SER H 65 -36.41 -25.03 -3.81
N VAL H 66 -37.29 -24.82 -2.83
CA VAL H 66 -36.85 -24.41 -1.51
C VAL H 66 -37.04 -25.46 -0.40
N LYS H 67 -37.72 -26.56 -0.71
CA LYS H 67 -37.90 -27.64 0.24
C LYS H 67 -36.57 -28.08 0.86
N GLY H 68 -36.52 -28.15 2.18
CA GLY H 68 -35.28 -28.45 2.88
C GLY H 68 -34.45 -27.23 3.20
N LYS H 69 -34.72 -26.12 2.52
CA LYS H 69 -33.99 -24.88 2.80
C LYS H 69 -34.80 -23.92 3.67
N PHE H 70 -36.09 -23.78 3.37
CA PHE H 70 -36.93 -22.80 4.04
C PHE H 70 -37.84 -23.46 5.08
N THR H 71 -38.13 -22.71 6.13
CA THR H 71 -39.07 -23.15 7.13
C THR H 71 -40.00 -21.98 7.44
N ILE H 72 -41.28 -22.17 7.23
CA ILE H 72 -42.32 -21.18 7.56
C ILE H 72 -42.91 -21.51 8.91
N SER H 73 -43.29 -20.49 9.69
CA SER H 73 -43.80 -20.76 11.01
C SER H 73 -44.65 -19.57 11.34
N ARG H 74 -45.46 -19.71 12.35
CA ARG H 74 -46.31 -18.59 12.71
C ARG H 74 -46.46 -18.52 14.23
N ASP H 75 -46.59 -17.31 14.75
CA ASP H 75 -46.91 -17.09 16.15
C ASP H 75 -48.27 -16.43 16.22
N ASP H 76 -49.33 -17.21 16.40
CA ASP H 76 -50.69 -16.68 16.33
C ASP H 76 -50.92 -15.60 17.38
N SER H 77 -50.29 -15.80 18.53
CA SER H 77 -50.38 -14.85 19.65
C SER H 77 -49.83 -13.46 19.36
N LYS H 78 -48.89 -13.36 18.42
CA LYS H 78 -48.30 -12.06 18.06
C LYS H 78 -48.72 -11.64 16.67
N SER H 79 -49.58 -12.44 16.03
CA SER H 79 -50.03 -12.18 14.69
C SER H 79 -48.85 -12.02 13.77
N ARG H 80 -47.85 -12.90 13.95
CA ARG H 80 -46.57 -12.82 13.24
C ARG H 80 -46.25 -14.10 12.46
N LEU H 81 -45.87 -13.90 11.20
CA LEU H 81 -45.43 -14.97 10.31
C LEU H 81 -43.93 -14.85 10.06
N TYR H 82 -43.24 -15.99 9.96
CA TYR H 82 -41.80 -16.00 9.82
C TYR H 82 -41.43 -16.84 8.62
N LEU H 83 -40.31 -16.51 8.03
CA LEU H 83 -39.67 -17.42 7.11
C LEU H 83 -38.20 -17.49 7.46
N GLN H 84 -37.75 -18.69 7.85
CA GLN H 84 -36.37 -18.96 8.13
C GLN H 84 -35.78 -19.55 6.86
N MET H 85 -34.71 -18.94 6.37
CA MET H 85 -34.18 -19.24 5.06
C MET H 85 -32.73 -19.69 5.23
N ASN H 86 -32.43 -20.97 4.98
CA ASN H 86 -31.10 -21.50 5.27
C ASN H 86 -30.36 -21.98 4.04
N ASN H 87 -29.03 -21.90 4.13
CA ASN H 87 -28.13 -22.39 3.07
C ASN H 87 -28.50 -21.77 1.72
N LEU H 88 -28.61 -20.44 1.72
CA LEU H 88 -29.16 -19.72 0.58
C LEU H 88 -28.26 -19.69 -0.64
N ARG H 89 -28.90 -19.40 -1.77
CA ARG H 89 -28.31 -19.44 -3.09
C ARG H 89 -28.52 -18.07 -3.73
N THR H 90 -27.69 -17.74 -4.69
CA THR H 90 -27.91 -16.47 -5.41
C THR H 90 -29.33 -16.35 -6.03
N GLU H 91 -29.89 -17.48 -6.44
CA GLU H 91 -31.22 -17.55 -7.06
C GLU H 91 -32.33 -17.22 -6.07
N ASP H 92 -32.00 -17.16 -4.79
CA ASP H 92 -33.01 -16.86 -3.78
C ASP H 92 -33.17 -15.36 -3.54
N THR H 93 -32.34 -14.57 -4.22
CA THR H 93 -32.42 -13.13 -4.15
C THR H 93 -33.81 -12.67 -4.66
N GLY H 94 -34.51 -11.77 -3.97
CA GLY H 94 -35.74 -11.39 -4.50
C GLY H 94 -36.41 -10.48 -3.48
N ILE H 95 -37.56 -9.97 -3.86
CA ILE H 95 -38.46 -9.26 -2.92
C ILE H 95 -39.41 -10.33 -2.39
N TYR H 96 -39.49 -10.46 -1.05
CA TYR H 96 -40.32 -11.46 -0.40
C TYR H 96 -41.57 -10.82 0.17
N TYR H 97 -42.74 -11.27 -0.28
CA TYR H 97 -44.03 -10.75 0.14
C TYR H 97 -44.73 -11.71 1.05
N CYS H 98 -45.38 -11.21 2.13
CA CYS H 98 -46.37 -12.03 2.78
C CYS H 98 -47.60 -11.95 1.91
N PHE H 99 -48.22 -13.11 1.68
CA PHE H 99 -49.44 -13.22 0.86
C PHE H 99 -50.44 -14.10 1.61
N LEU H 100 -51.57 -13.50 2.01
CA LEU H 100 -52.68 -14.25 2.62
C LEU H 100 -53.54 -14.73 1.48
N PRO H 101 -53.38 -16.00 1.05
CA PRO H 101 -54.10 -16.40 -0.14
C PRO H 101 -55.59 -16.25 0.10
N MET H 102 -56.35 -15.69 -0.84
CA MET H 102 -55.85 -15.11 -2.12
C MET H 102 -55.92 -13.57 -2.22
N ASP H 103 -56.25 -12.94 -1.10
CA ASP H 103 -56.80 -11.59 -1.11
C ASP H 103 -55.86 -10.44 -0.70
N TYR H 104 -54.81 -10.73 0.05
CA TYR H 104 -53.98 -9.70 0.70
C TYR H 104 -52.49 -9.93 0.48
N TRP H 105 -51.81 -8.86 0.11
CA TRP H 105 -50.37 -8.81 -0.06
C TRP H 105 -49.78 -7.72 0.83
N GLY H 106 -48.61 -8.01 1.38
CA GLY H 106 -47.79 -7.01 2.03
C GLY H 106 -47.02 -6.09 1.09
N GLN H 107 -46.03 -5.42 1.67
CA GLN H 107 -45.25 -4.39 1.02
C GLN H 107 -43.99 -4.96 0.39
N GLY H 108 -43.58 -6.13 0.82
CA GLY H 108 -42.34 -6.76 0.36
C GLY H 108 -41.10 -6.38 1.15
N THR H 109 -40.15 -7.32 1.31
CA THR H 109 -38.86 -7.01 1.93
C THR H 109 -37.80 -7.61 1.05
N SER H 110 -36.74 -6.85 0.75
CA SER H 110 -35.68 -7.32 -0.17
C SER H 110 -34.66 -8.20 0.53
N VAL H 111 -34.30 -9.31 -0.13
CA VAL H 111 -33.37 -10.24 0.39
C VAL H 111 -32.34 -10.36 -0.76
N THR H 112 -31.09 -10.05 -0.49
CA THR H 112 -29.98 -10.25 -1.45
C THR H 112 -29.04 -11.34 -0.92
N VAL H 113 -28.77 -12.31 -1.79
CA VAL H 113 -27.79 -13.35 -1.52
C VAL H 113 -26.64 -13.11 -2.49
N SER H 114 -25.50 -12.69 -1.94
CA SER H 114 -24.39 -12.16 -2.71
C SER H 114 -23.10 -12.25 -1.92
N SER H 115 -21.99 -12.52 -2.63
CA SER H 115 -20.65 -12.44 -2.02
C SER H 115 -20.05 -11.03 -2.04
N ALA H 116 -20.74 -10.07 -2.65
CA ALA H 116 -20.26 -8.71 -2.75
C ALA H 116 -20.64 -7.98 -1.48
N LYS H 117 -20.00 -6.86 -1.23
CA LYS H 117 -20.15 -6.17 0.05
C LYS H 117 -21.20 -5.10 -0.08
N THR H 118 -21.92 -4.87 1.01
CA THR H 118 -22.86 -3.78 1.12
C THR H 118 -22.05 -2.51 1.08
N THR H 119 -22.45 -1.56 0.25
CA THR H 119 -21.75 -0.28 0.10
C THR H 119 -22.83 0.80 0.15
N PRO H 120 -22.69 1.77 1.06
CA PRO H 120 -23.69 2.82 1.06
C PRO H 120 -23.45 3.82 -0.05
N PRO H 121 -24.48 4.60 -0.39
CA PRO H 121 -24.39 5.56 -1.46
C PRO H 121 -23.67 6.83 -1.04
N SER H 122 -23.11 7.52 -2.02
CA SER H 122 -22.67 8.87 -1.84
C SER H 122 -23.81 9.73 -2.37
N VAL H 123 -24.18 10.79 -1.67
CA VAL H 123 -25.36 11.53 -2.08
C VAL H 123 -24.98 12.98 -2.38
N TYR H 124 -25.43 13.46 -3.52
CA TYR H 124 -25.03 14.77 -4.02
C TYR H 124 -26.22 15.57 -4.51
N PRO H 125 -26.18 16.88 -4.26
CA PRO H 125 -27.25 17.75 -4.71
C PRO H 125 -27.10 18.06 -6.19
N LEU H 126 -28.24 18.23 -6.85
CA LEU H 126 -28.27 18.69 -8.24
C LEU H 126 -29.06 19.99 -8.20
N ALA H 127 -28.34 21.10 -8.27
CA ALA H 127 -28.97 22.40 -8.27
C ALA H 127 -28.69 23.00 -9.65
N PRO H 128 -29.61 23.85 -10.14
CA PRO H 128 -29.35 24.41 -11.46
C PRO H 128 -28.05 25.22 -11.48
N GLY H 129 -27.43 25.30 -12.65
CA GLY H 129 -26.24 26.13 -12.84
C GLY H 129 -26.56 27.59 -13.15
N SER H 136 -40.73 30.20 -13.76
CA SER H 136 -41.91 29.97 -12.95
C SER H 136 -41.74 28.79 -11.98
N MET H 137 -41.19 27.69 -12.49
CA MET H 137 -40.86 26.50 -11.70
C MET H 137 -39.38 26.23 -11.78
N VAL H 138 -38.84 25.56 -10.76
CA VAL H 138 -37.43 25.13 -10.74
C VAL H 138 -37.39 23.61 -10.45
N THR H 139 -36.52 22.89 -11.17
CA THR H 139 -36.35 21.44 -10.99
C THR H 139 -35.01 21.25 -10.31
N LEU H 140 -35.01 20.48 -9.22
CA LEU H 140 -33.82 20.16 -8.49
C LEU H 140 -33.72 18.66 -8.44
N GLY H 141 -32.58 18.17 -7.98
CA GLY H 141 -32.40 16.75 -7.83
C GLY H 141 -31.37 16.30 -6.82
N CYS H 142 -31.35 14.97 -6.61
CA CYS H 142 -30.35 14.32 -5.76
C CYS H 142 -29.79 13.14 -6.54
N LEU H 143 -28.46 13.07 -6.60
CA LEU H 143 -27.73 11.94 -7.23
C LEU H 143 -27.28 10.97 -6.13
N VAL H 144 -27.65 9.70 -6.26
CA VAL H 144 -27.39 8.68 -5.26
C VAL H 144 -26.50 7.62 -5.92
N LYS H 145 -25.21 7.65 -5.61
CA LYS H 145 -24.19 7.01 -6.43
C LYS H 145 -23.39 5.94 -5.71
N GLY H 146 -23.21 4.81 -6.37
CA GLY H 146 -22.22 3.82 -5.94
C GLY H 146 -22.64 2.98 -4.73
N TYR H 147 -23.90 2.56 -4.70
CA TYR H 147 -24.40 1.74 -3.57
C TYR H 147 -24.64 0.28 -4.03
N PHE H 148 -24.64 -0.64 -3.06
CA PHE H 148 -25.00 -2.04 -3.31
C PHE H 148 -25.48 -2.62 -1.99
N PRO H 149 -26.53 -3.47 -2.00
CA PRO H 149 -27.44 -3.80 -3.07
C PRO H 149 -28.59 -2.78 -3.11
N GLU H 150 -29.46 -2.87 -4.10
CA GLU H 150 -30.77 -2.24 -4.01
C GLU H 150 -31.57 -2.76 -2.82
N PRO H 151 -32.60 -1.99 -2.37
CA PRO H 151 -33.07 -0.73 -2.89
C PRO H 151 -32.53 0.46 -2.11
N VAL H 152 -32.82 1.66 -2.65
CA VAL H 152 -32.83 2.90 -1.86
C VAL H 152 -34.19 3.60 -1.95
N THR H 153 -34.50 4.47 -0.99
CA THR H 153 -35.70 5.30 -1.10
C THR H 153 -35.26 6.75 -0.97
N VAL H 154 -35.82 7.63 -1.81
CA VAL H 154 -35.52 9.03 -1.74
C VAL H 154 -36.82 9.77 -1.47
N THR H 155 -36.80 10.67 -0.49
CA THR H 155 -37.95 11.55 -0.26
C THR H 155 -37.47 13.00 -0.26
N TRP H 156 -38.42 13.93 -0.19
CA TRP H 156 -38.09 15.37 -0.19
C TRP H 156 -38.81 16.03 0.96
N ASN H 157 -38.05 16.82 1.72
CA ASN H 157 -38.53 17.38 3.00
C ASN H 157 -39.25 16.31 3.83
N SER H 158 -38.53 15.21 4.05
CA SER H 158 -39.04 14.07 4.81
C SER H 158 -40.41 13.61 4.36
N GLY H 159 -40.66 13.67 3.06
CA GLY H 159 -41.94 13.22 2.47
C GLY H 159 -43.02 14.29 2.38
N SER H 160 -42.83 15.41 3.08
CA SER H 160 -43.82 16.48 3.10
C SER H 160 -43.96 17.14 1.73
N LEU H 161 -42.87 17.17 0.98
CA LEU H 161 -42.86 17.69 -0.36
C LEU H 161 -43.07 16.47 -1.31
N SER H 162 -44.32 16.23 -1.70
CA SER H 162 -44.68 15.04 -2.47
C SER H 162 -45.09 15.25 -3.93
N SER H 163 -45.57 16.44 -4.27
CA SER H 163 -45.94 16.75 -5.64
C SER H 163 -44.72 17.00 -6.50
N GLY H 164 -44.82 16.57 -7.74
CA GLY H 164 -43.77 16.82 -8.73
C GLY H 164 -42.47 16.13 -8.43
N VAL H 165 -42.57 14.95 -7.81
CA VAL H 165 -41.41 14.13 -7.44
C VAL H 165 -41.42 12.85 -8.22
N HIS H 166 -40.25 12.42 -8.68
CA HIS H 166 -40.13 11.07 -9.17
C HIS H 166 -38.70 10.62 -9.06
N THR H 167 -38.51 9.33 -8.87
CA THR H 167 -37.17 8.76 -8.78
C THR H 167 -36.95 7.81 -9.95
N PHE H 168 -35.79 7.92 -10.58
CA PHE H 168 -35.43 7.10 -11.73
C PHE H 168 -34.94 5.74 -11.24
N PRO H 169 -35.19 4.67 -12.01
CA PRO H 169 -34.62 3.36 -11.69
C PRO H 169 -33.11 3.39 -11.69
N ALA H 170 -32.50 2.60 -10.81
CA ALA H 170 -31.05 2.53 -10.75
C ALA H 170 -30.46 1.83 -11.94
N VAL H 171 -29.25 2.22 -12.27
CA VAL H 171 -28.42 1.54 -13.24
C VAL H 171 -27.23 0.97 -12.51
N LEU H 172 -26.78 -0.18 -12.97
CA LEU H 172 -25.72 -0.93 -12.34
C LEU H 172 -24.50 -0.73 -13.18
N GLN H 173 -23.45 -0.13 -12.61
CA GLN H 173 -22.18 0.04 -13.31
C GLN H 173 -21.01 -0.37 -12.41
N SER H 174 -20.13 -1.21 -12.96
CA SER H 174 -19.04 -1.81 -12.18
C SER H 174 -19.53 -2.30 -10.82
N ASP H 175 -20.58 -3.11 -10.86
CA ASP H 175 -21.07 -3.77 -9.64
C ASP H 175 -21.65 -2.81 -8.56
N LEU H 176 -21.85 -1.55 -8.88
CA LEU H 176 -22.55 -0.66 -7.94
C LEU H 176 -23.69 0.01 -8.66
N TYR H 177 -24.71 0.39 -7.92
CA TYR H 177 -25.87 1.05 -8.48
C TYR H 177 -25.77 2.57 -8.35
N THR H 178 -26.36 3.27 -9.32
CA THR H 178 -26.56 4.72 -9.25
C THR H 178 -27.99 5.10 -9.70
N LEU H 179 -28.68 5.94 -8.93
CA LEU H 179 -29.92 6.59 -9.39
C LEU H 179 -29.96 8.08 -9.08
N SER H 180 -30.95 8.76 -9.64
CA SER H 180 -31.22 10.15 -9.32
C SER H 180 -32.69 10.34 -9.00
N SER H 181 -33.00 11.32 -8.14
CA SER H 181 -34.38 11.71 -7.92
C SER H 181 -34.58 13.18 -8.32
N SER H 182 -35.78 13.50 -8.80
CA SER H 182 -36.15 14.82 -9.36
C SER H 182 -37.33 15.38 -8.56
N VAL H 183 -37.29 16.65 -8.20
CA VAL H 183 -38.44 17.36 -7.64
C VAL H 183 -38.57 18.68 -8.37
N THR H 184 -39.82 19.09 -8.63
CA THR H 184 -40.09 20.35 -9.33
C THR H 184 -40.99 21.17 -8.44
N VAL H 185 -40.52 22.37 -8.11
CA VAL H 185 -41.25 23.25 -7.18
C VAL H 185 -41.37 24.66 -7.79
N PRO H 186 -42.34 25.44 -7.31
CA PRO H 186 -42.40 26.84 -7.70
C PRO H 186 -41.08 27.60 -7.44
N SER H 187 -40.73 28.51 -8.34
CA SER H 187 -39.54 29.36 -8.17
C SER H 187 -39.70 30.25 -6.96
N SER H 188 -40.96 30.52 -6.64
CA SER H 188 -41.31 31.31 -5.46
C SER H 188 -40.98 30.59 -4.14
N THR H 189 -40.77 29.28 -4.20
CA THR H 189 -40.50 28.49 -2.99
C THR H 189 -39.03 28.13 -2.79
N TRP H 190 -38.29 27.93 -3.88
CA TRP H 190 -36.87 27.65 -3.80
C TRP H 190 -36.11 28.68 -4.62
N PRO H 191 -35.02 29.23 -4.07
CA PRO H 191 -34.39 28.88 -2.77
C PRO H 191 -34.92 29.61 -1.51
N SER H 192 -36.00 30.37 -1.64
CA SER H 192 -36.50 31.12 -0.48
C SER H 192 -36.77 30.17 0.70
N GLU H 193 -37.42 29.04 0.42
CA GLU H 193 -37.69 28.01 1.42
C GLU H 193 -36.73 26.82 1.16
N THR H 194 -36.51 26.00 2.18
CA THR H 194 -35.54 24.89 2.11
C THR H 194 -36.08 23.73 1.30
N VAL H 195 -35.21 23.10 0.54
CA VAL H 195 -35.56 21.83 -0.08
C VAL H 195 -34.41 20.88 0.21
N THR H 196 -34.77 19.72 0.76
CA THR H 196 -33.84 18.71 1.26
C THR H 196 -34.24 17.35 0.71
N CYS H 197 -33.31 16.61 0.15
CA CYS H 197 -33.63 15.22 -0.18
C CYS H 197 -33.12 14.33 0.94
N ASN H 198 -33.90 13.30 1.26
CA ASN H 198 -33.56 12.30 2.27
C ASN H 198 -33.40 10.93 1.57
N VAL H 199 -32.21 10.33 1.68
CA VAL H 199 -31.92 9.06 1.04
C VAL H 199 -31.73 7.99 2.10
N ALA H 200 -32.41 6.86 1.92
CA ALA H 200 -32.29 5.73 2.82
C ALA H 200 -31.84 4.51 2.06
N HIS H 201 -30.86 3.82 2.63
CA HIS H 201 -30.36 2.57 2.05
C HIS H 201 -30.49 1.51 3.14
N PRO H 202 -31.59 0.73 3.12
CA PRO H 202 -31.88 -0.25 4.16
C PRO H 202 -30.70 -1.16 4.51
N ALA H 203 -30.05 -1.71 3.50
CA ALA H 203 -28.99 -2.72 3.73
C ALA H 203 -27.84 -2.22 4.59
N SER H 204 -27.51 -0.95 4.45
CA SER H 204 -26.50 -0.31 5.30
C SER H 204 -27.13 0.52 6.43
N SER H 205 -28.44 0.48 6.59
CA SER H 205 -29.12 1.25 7.65
C SER H 205 -28.72 2.73 7.66
N THR H 206 -28.54 3.28 6.45
CA THR H 206 -28.10 4.65 6.25
C THR H 206 -29.31 5.54 5.98
N LYS H 207 -29.27 6.72 6.58
CA LYS H 207 -30.28 7.75 6.32
C LYS H 207 -29.55 9.08 6.18
N VAL H 208 -29.56 9.62 4.97
CA VAL H 208 -28.76 10.78 4.58
C VAL H 208 -29.69 11.90 4.10
N ASP H 209 -29.41 13.12 4.55
CA ASP H 209 -30.09 14.31 4.05
C ASP H 209 -29.10 15.23 3.35
N LYS H 210 -29.52 15.76 2.21
CA LYS H 210 -28.78 16.79 1.49
C LYS H 210 -29.71 17.96 1.19
N LYS H 211 -29.40 19.11 1.80
CA LYS H 211 -30.10 20.35 1.43
C LYS H 211 -29.58 20.78 0.04
N ILE H 212 -30.51 21.14 -0.84
CA ILE H 212 -30.14 21.64 -2.13
C ILE H 212 -29.97 23.14 -1.95
N VAL H 213 -28.79 23.65 -2.22
CA VAL H 213 -28.53 25.08 -2.10
C VAL H 213 -28.07 25.61 -3.44
N PRO H 214 -28.39 26.88 -3.72
CA PRO H 214 -27.99 27.45 -4.98
C PRO H 214 -26.49 27.53 -5.13
N ARG H 215 -26.04 27.35 -6.37
CA ARG H 215 -24.62 27.27 -6.68
C ARG H 215 -23.94 28.63 -6.58
C1 RAM I . 27.47 40.86 -6.27
C2 RAM I . 26.76 40.01 -7.33
C3 RAM I . 27.84 39.58 -8.31
C4 RAM I . 28.82 38.68 -7.58
C5 RAM I . 29.35 39.29 -6.26
C6 RAM I . 29.83 38.19 -5.30
O2 RAM I . 26.15 38.86 -6.78
O3 RAM I . 27.24 38.92 -9.40
O4 RAM I . 29.92 38.42 -8.44
O5 RAM I . 28.41 40.11 -5.54
C1 NAG I . 24.72 38.96 -6.57
C2 NAG I . 24.27 37.91 -5.56
C3 NAG I . 22.74 37.87 -5.54
C4 NAG I . 22.25 39.25 -5.11
C5 NAG I . 22.94 40.39 -5.89
C6 NAG I . 22.76 41.71 -5.14
C7 NAG I . 25.58 35.97 -4.85
C8 NAG I . 26.34 34.74 -5.28
N2 NAG I . 24.88 36.60 -5.80
O3 NAG I . 22.23 36.89 -4.67
O4 NAG I . 20.86 39.33 -5.30
O5 NAG I . 24.33 40.20 -6.05
O6 NAG I . 21.40 42.06 -5.11
O7 NAG I . 25.65 36.35 -3.68
C1 RAM I . 21.89 35.67 -5.37
C2 RAM I . 21.93 34.49 -4.41
C3 RAM I . 20.80 34.58 -3.37
C4 RAM I . 19.43 34.80 -4.01
C5 RAM I . 19.55 35.96 -5.01
C6 RAM I . 18.29 36.16 -5.83
O2 RAM I . 21.82 33.28 -5.12
O3 RAM I . 20.83 33.42 -2.52
O4 RAM I . 18.51 35.17 -2.98
O5 RAM I . 20.59 35.70 -5.93
C1 RAM I . 21.35 33.76 -1.22
C2 RAM I . 21.05 32.62 -0.27
C3 RAM I . 21.83 31.38 -0.75
C4 RAM I . 23.30 31.70 -0.74
C5 RAM I . 23.54 32.91 -1.66
C6 RAM I . 25.02 33.27 -1.61
O2 RAM I . 21.41 33.01 1.02
O3 RAM I . 21.55 30.24 0.03
O4 RAM I . 24.02 30.58 -1.20
O5 RAM I . 22.76 34.02 -1.24
C1 RAM I . 20.37 33.64 1.79
C2 RAM I . 20.66 33.53 3.27
C3 RAM I . 21.99 34.20 3.59
C4 RAM I . 21.92 35.66 3.21
C5 RAM I . 21.38 35.80 1.78
C6 RAM I . 21.10 37.25 1.44
O2 RAM I . 19.65 34.26 3.98
O3 RAM I . 22.40 34.09 4.91
O4 RAM I . 23.24 36.16 3.36
O5 RAM I . 20.20 35.02 1.52
C1 NAG I . 18.75 33.37 4.66
C2 NAG I . 17.94 34.34 5.49
C3 NAG I . 16.66 33.73 6.02
C4 NAG I . 15.94 32.97 4.91
C5 NAG I . 16.87 31.95 4.31
C6 NAG I . 16.09 31.19 3.26
C7 NAG I . 19.28 36.10 6.54
C8 NAG I . 20.17 36.43 7.71
N2 NAG I . 18.74 34.88 6.59
O3 NAG I . 15.85 34.82 6.35
O4 NAG I . 14.83 32.25 5.41
O5 NAG I . 17.95 32.64 3.74
O6 NAG I . 15.63 32.04 2.22
O7 NAG I . 19.09 36.90 5.64
C1 RAM I . 15.66 34.99 7.76
C2 RAM I . 15.43 36.47 8.04
C3 RAM I . 14.05 36.89 7.53
C4 RAM I . 12.98 36.02 8.14
C5 RAM I . 13.32 34.58 7.73
C6 RAM I . 12.27 33.55 8.15
O2 RAM I . 15.43 36.65 9.45
O3 RAM I . 13.83 38.27 7.79
O4 RAM I . 11.75 36.34 7.55
O5 RAM I . 14.59 34.24 8.27
C1 RAM I . 14.01 39.02 6.56
C2 RAM I . 13.31 40.37 6.69
C3 RAM I . 13.96 41.16 7.80
C4 RAM I . 15.48 41.21 7.65
C5 RAM I . 16.05 39.85 7.33
C6 RAM I . 17.54 39.98 7.05
O2 RAM I . 13.44 41.13 5.50
O3 RAM I . 13.43 42.47 7.76
O4 RAM I . 16.13 41.68 8.82
O5 RAM I . 15.36 39.28 6.22
C1 RAM I . 12.55 40.75 4.44
C2 RAM I . 12.10 42.00 3.70
C3 RAM I . 13.25 42.58 2.86
C4 RAM I . 13.86 41.54 1.95
C5 RAM I . 14.26 40.32 2.78
C6 RAM I . 14.79 39.21 1.85
O2 RAM I . 11.03 41.65 2.84
O3 RAM I . 12.76 43.59 2.02
O4 RAM I . 14.96 42.10 1.28
O5 RAM I . 13.14 39.83 3.53
C1 GLC I . 11.02 37.42 8.20
C2 GLC I . 9.99 36.80 9.09
C3 GLC I . 9.03 35.96 8.27
C4 GLC I . 8.42 36.81 7.15
C5 GLC I . 9.46 37.61 6.36
C6 GLC I . 8.75 38.68 5.51
O2 GLC I . 10.61 35.98 10.04
O3 GLC I . 8.10 35.29 9.12
O4 GLC I . 7.57 36.07 6.28
O5 GLC I . 10.44 38.24 7.21
O6 GLC I . 8.00 39.59 6.32
C1 GLC I . 17.16 34.68 -3.16
C2 GLC I . 16.35 34.95 -1.91
C3 GLC I . 16.90 34.12 -0.75
C4 GLC I . 16.91 32.65 -1.12
C5 GLC I . 17.58 32.43 -2.48
C6 GLC I . 17.34 31.03 -2.98
O2 GLC I . 16.46 36.32 -1.55
O3 GLC I . 16.14 34.32 0.41
O4 GLC I . 17.53 31.90 -0.07
O5 GLC I . 17.08 33.30 -3.48
O6 GLC I . 17.94 30.85 -4.24
C1 RAM J . 15.95 -22.76 23.12
C2 RAM J . 14.48 -22.74 22.79
C3 RAM J . 13.90 -21.50 23.48
C4 RAM J . 14.56 -20.25 22.90
C5 RAM J . 16.09 -20.38 22.82
C6 RAM J . 16.67 -19.35 21.85
O2 RAM J . 14.33 -22.67 21.37
O3 RAM J . 12.49 -21.38 23.36
O4 RAM J . 14.19 -19.14 23.68
O5 RAM J . 16.55 -21.66 22.43
C1 NAG J . 13.67 -23.81 20.77
C2 NAG J . 12.87 -23.32 19.58
C3 NAG J . 12.19 -24.47 18.85
C4 NAG J . 13.20 -25.54 18.52
C5 NAG J . 13.91 -25.95 19.80
C6 NAG J . 14.98 -26.99 19.54
C7 NAG J . 12.15 -21.04 20.08
C8 NAG J . 11.19 -20.20 20.87
N2 NAG J . 11.89 -22.34 20.04
O3 NAG J . 11.67 -24.00 17.62
O4 NAG J . 12.56 -26.64 17.91
O5 NAG J . 14.57 -24.82 20.32
O6 NAG J . 16.21 -26.31 19.59
O7 NAG J . 13.10 -20.51 19.50
C1 RAM J . 10.24 -23.88 17.56
C2 RAM J . 9.94 -22.74 16.60
C3 RAM J . 10.35 -23.09 15.17
C4 RAM J . 9.77 -24.44 14.75
C5 RAM J . 10.19 -25.46 15.81
C6 RAM J . 9.71 -26.86 15.53
O2 RAM J . 8.57 -22.42 16.62
O3 RAM J . 9.97 -22.01 14.32
O4 RAM J . 10.25 -24.84 13.47
O5 RAM J . 9.64 -25.06 17.06
C1 RAM J . 11.17 -21.40 13.78
C2 RAM J . 10.77 -20.53 12.60
C3 RAM J . 9.95 -19.35 13.09
C4 RAM J . 10.69 -18.64 14.22
C5 RAM J . 11.00 -19.66 15.31
C6 RAM J . 11.67 -19.05 16.52
O2 RAM J . 11.96 -20.04 12.03
O3 RAM J . 9.72 -18.44 12.04
O4 RAM J . 9.88 -17.58 14.70
O5 RAM J . 11.86 -20.63 14.74
C1 RAM J . 12.44 -20.79 10.95
C2 RAM J . 13.27 -19.86 10.07
C3 RAM J . 14.49 -19.40 10.89
C4 RAM J . 15.33 -20.63 11.23
C5 RAM J . 14.48 -21.69 11.95
C6 RAM J . 15.26 -23.02 11.95
O2 RAM J . 13.80 -20.67 9.05
O3 RAM J . 15.19 -18.39 10.17
O4 RAM J . 16.42 -20.33 12.07
O5 RAM J . 13.19 -21.90 11.37
C1 NAG J . 13.23 -20.53 7.74
C2 NAG J . 14.16 -21.28 6.79
C3 NAG J . 13.57 -21.52 5.40
C4 NAG J . 12.12 -21.96 5.49
C5 NAG J . 11.36 -21.02 6.38
C6 NAG J . 9.88 -21.41 6.43
C7 NAG J . 16.55 -21.17 7.23
C8 NAG J . 17.84 -20.44 7.02
N2 NAG J . 15.46 -20.63 6.69
O3 NAG J . 14.21 -22.63 4.82
O4 NAG J . 11.55 -22.02 4.20
O5 NAG J . 11.93 -21.08 7.68
O6 NAG J . 9.77 -22.62 7.09
O7 NAG J . 16.52 -22.22 7.88
C1 RAM J . 15.17 -22.31 3.81
C2 RAM J . 16.26 -23.36 3.85
C3 RAM J . 15.72 -24.72 3.44
C4 RAM J . 15.07 -24.60 2.06
C5 RAM J . 13.96 -23.56 2.22
C6 RAM J . 13.06 -23.35 1.00
O2 RAM J . 17.28 -22.95 2.95
O3 RAM J . 16.74 -25.69 3.35
O4 RAM J . 14.50 -25.83 1.67
O5 RAM J . 14.61 -22.35 2.53
C1 RAM J . 16.66 -26.70 4.41
C2 RAM J . 17.67 -27.80 4.10
C3 RAM J . 19.05 -27.15 4.23
C4 RAM J . 19.26 -26.52 5.58
C5 RAM J . 18.15 -25.54 5.88
C6 RAM J . 18.35 -25.02 7.30
O2 RAM J . 17.59 -28.95 4.94
O3 RAM J . 20.04 -28.14 4.12
O4 RAM J . 20.44 -25.76 5.59
O5 RAM J . 16.90 -26.19 5.72
C1 RAM J . 16.34 -29.71 4.92
C2 RAM J . 16.60 -31.18 5.30
C3 RAM J . 16.96 -31.26 6.80
C4 RAM J . 15.99 -30.48 7.68
C5 RAM J . 15.73 -29.08 7.14
C6 RAM J . 14.65 -28.40 7.98
O2 RAM J . 15.50 -32.03 4.96
O3 RAM J . 16.96 -32.58 7.29
O4 RAM J . 16.51 -30.41 8.99
O5 RAM J . 15.34 -29.20 5.79
C1 GLC J . 15.33 -26.67 0.81
C2 GLC J . 15.00 -26.54 -0.68
C3 GLC J . 13.55 -26.95 -0.93
C4 GLC J . 13.41 -28.41 -0.44
C5 GLC J . 13.90 -28.61 0.99
C6 GLC J . 13.92 -30.07 1.51
O2 GLC J . 15.39 -25.26 -1.13
O3 GLC J . 13.14 -26.83 -2.27
O4 GLC J . 12.08 -28.82 -0.59
O5 GLC J . 15.17 -28.00 1.22
O6 GLC J . 14.64 -30.89 0.60
C1 GLC J . 9.28 -25.50 12.62
C2 GLC J . 9.91 -25.71 11.25
C3 GLC J . 10.15 -24.36 10.59
C4 GLC J . 8.83 -23.62 10.48
C5 GLC J . 8.11 -23.57 11.83
C6 GLC J . 6.67 -23.12 11.67
O2 GLC J . 11.10 -26.48 11.32
O3 GLC J . 10.71 -24.52 9.31
O4 GLC J . 9.11 -22.33 10.00
O5 GLC J . 8.04 -24.81 12.46
O6 GLC J . 6.11 -22.96 12.96
C1 RAM K . 18.79 21.37 -18.66
C2 RAM K . 19.34 22.35 -17.61
C3 RAM K . 18.17 22.89 -16.79
C4 RAM K . 17.45 21.72 -16.14
C5 RAM K . 17.02 20.72 -17.22
C6 RAM K . 16.35 19.48 -16.62
O2 RAM K . 20.20 21.64 -16.74
O3 RAM K . 18.64 23.78 -15.80
O4 RAM K . 16.37 22.16 -15.32
O5 RAM K . 18.13 20.31 -17.99
C1 NAG K . 21.60 21.86 -16.91
C2 NAG K . 22.26 21.35 -15.65
C3 NAG K . 23.75 21.65 -15.66
C4 NAG K . 24.36 21.05 -16.92
C5 NAG K . 23.53 21.27 -18.21
C6 NAG K . 23.88 20.26 -19.31
C7 NAG K . 20.63 21.30 -13.82
C8 NAG K . 19.85 22.12 -12.83
N2 NAG K . 21.60 21.94 -14.48
O3 NAG K . 24.35 21.03 -14.53
O4 NAG K . 25.66 21.58 -17.09
O5 NAG K . 22.12 21.16 -18.01
O6 NAG K . 25.26 20.26 -19.65
O7 NAG K . 20.35 20.11 -13.99
C1 RAM K . 24.47 21.87 -13.36
C2 RAM K . 24.40 21.00 -12.10
C3 RAM K . 25.55 20.01 -12.09
C4 RAM K . 26.91 20.67 -12.34
C5 RAM K . 26.80 21.67 -13.52
C6 RAM K . 28.01 22.58 -13.66
O2 RAM K . 24.48 21.79 -10.93
O3 RAM K . 25.53 19.32 -10.86
O4 RAM K . 27.87 19.65 -12.61
O5 RAM K . 25.70 22.52 -13.32
C1 RAM K . 25.08 17.97 -11.08
C2 RAM K . 25.41 17.15 -9.85
C3 RAM K . 24.61 17.64 -8.66
C4 RAM K . 23.14 17.63 -9.03
C5 RAM K . 22.94 18.51 -10.26
C6 RAM K . 21.47 18.61 -10.66
O2 RAM K . 25.00 15.84 -10.08
O3 RAM K . 24.85 16.91 -7.47
O4 RAM K . 22.44 18.20 -7.95
O5 RAM K . 23.68 17.94 -11.35
C1 RAM K . 26.06 15.02 -10.64
C2 RAM K . 25.75 13.59 -10.32
C3 RAM K . 24.41 13.24 -10.93
C4 RAM K . 24.49 13.53 -12.43
C5 RAM K . 24.90 14.97 -12.68
C6 RAM K . 25.01 15.30 -14.17
O2 RAM K . 26.71 12.73 -10.92
O3 RAM K . 24.05 11.93 -10.67
O4 RAM K . 23.30 13.22 -13.13
O5 RAM K . 26.15 15.19 -12.03
C1 NAG K . 27.72 12.22 -10.06
C2 NAG K . 28.52 11.30 -10.99
C3 NAG K . 29.81 10.81 -10.37
C4 NAG K . 30.55 11.96 -9.64
C5 NAG K . 29.58 12.70 -8.73
C6 NAG K . 30.27 13.83 -8.02
C7 NAG K . 27.21 9.99 -12.62
C8 NAG K . 26.33 8.79 -12.87
N2 NAG K . 27.66 10.20 -11.38
O3 NAG K . 30.62 10.34 -11.42
O4 NAG K . 31.62 11.49 -8.84
O5 NAG K . 28.53 13.20 -9.51
O6 NAG K . 30.61 14.86 -8.95
O7 NAG K . 27.50 10.71 -13.56
C1 RAM K . 30.81 8.92 -11.45
C2 RAM K . 31.03 8.54 -12.90
C3 RAM K . 32.38 9.01 -13.37
C4 RAM K . 33.52 8.55 -12.47
C5 RAM K . 33.18 9.00 -11.05
C6 RAM K . 34.22 8.55 -10.04
O2 RAM K . 31.03 7.14 -13.01
O3 RAM K . 32.62 8.50 -14.69
O4 RAM K . 34.75 9.13 -12.88
O5 RAM K . 31.90 8.46 -10.70
C1 RAM K . 32.60 9.61 -15.61
C2 RAM K . 33.28 9.22 -16.93
C3 RAM K . 32.50 8.06 -17.52
C4 RAM K . 31.06 8.51 -17.72
C5 RAM K . 30.46 9.03 -16.41
C6 RAM K . 29.08 9.59 -16.69
O2 RAM K . 33.24 10.29 -17.87
O3 RAM K . 33.07 7.74 -18.79
O4 RAM K . 30.25 7.42 -18.15
O5 RAM K . 31.28 10.03 -15.85
C1 RAM K . 34.13 11.41 -17.64
C2 RAM K . 34.41 12.06 -18.99
C3 RAM K . 33.20 12.83 -19.52
C4 RAM K . 32.65 13.81 -18.48
C5 RAM K . 32.49 13.15 -17.12
C6 RAM K . 32.19 14.22 -16.08
O2 RAM K . 35.54 12.89 -18.90
O3 RAM K . 33.62 13.54 -20.65
O4 RAM K . 31.40 14.36 -18.92
O5 RAM K . 33.66 12.45 -16.77
C1 GLC K . 35.52 8.21 -13.71
C2 GLC K . 36.50 7.35 -12.92
C3 GLC K . 37.54 8.17 -12.16
C4 GLC K . 38.20 9.13 -13.13
C5 GLC K . 37.18 9.86 -14.01
C6 GLC K . 37.77 10.72 -15.10
O2 GLC K . 35.84 6.46 -12.06
O3 GLC K . 38.52 7.36 -11.49
O4 GLC K . 39.03 10.07 -12.49
O5 GLC K . 36.21 8.98 -14.61
O6 GLC K . 38.47 9.92 -16.04
C1 GLC K . 29.19 19.95 -12.09
C2 GLC K . 29.98 18.67 -12.24
C3 GLC K . 29.45 17.60 -11.30
C4 GLC K . 29.47 18.11 -9.86
C5 GLC K . 28.75 19.45 -9.79
C6 GLC K . 28.90 20.04 -8.41
O2 GLC K . 29.79 18.22 -13.57
O3 GLC K . 30.21 16.43 -11.45
O4 GLC K . 28.81 17.14 -9.07
O5 GLC K . 29.26 20.37 -10.74
O6 GLC K . 28.28 21.31 -8.38
C1 RAM L . -60.91 -41.52 0.81
C2 RAM L . -59.50 -41.11 1.23
C3 RAM L . -58.48 -41.97 0.48
C4 RAM L . -58.70 -41.91 -1.03
C5 RAM L . -60.18 -42.06 -1.42
C6 RAM L . -60.40 -41.64 -2.87
O2 RAM L . -59.31 -39.74 0.89
O3 RAM L . -57.18 -41.52 0.79
O4 RAM L . -57.93 -42.91 -1.70
O5 RAM L . -61.05 -41.29 -0.58
C1 NAG L . -58.49 -39.03 1.84
C2 NAG L . -57.76 -37.92 1.06
C3 NAG L . -56.92 -37.02 1.98
C4 NAG L . -57.81 -36.54 3.12
C5 NAG L . -58.42 -37.75 3.84
C6 NAG L . -59.24 -37.38 5.09
C7 NAG L . -57.39 -38.34 -1.31
C8 NAG L . -56.59 -39.04 -2.37
N2 NAG L . -56.99 -38.48 -0.05
O3 NAG L . -56.46 -35.90 1.26
O4 NAG L . -57.12 -35.66 3.99
O5 NAG L . -59.23 -38.44 2.90
O6 NAG L . -60.29 -36.50 4.81
O7 NAG L . -58.37 -37.67 -1.62
C1 RAM L . -55.09 -36.00 0.83
C2 RAM L . -54.89 -35.19 -0.44
C3 RAM L . -55.23 -33.72 -0.17
C4 RAM L . -54.43 -33.20 1.02
C5 RAM L . -54.58 -34.18 2.21
C6 RAM L . -53.67 -33.85 3.39
O2 RAM L . -53.58 -35.29 -0.97
O3 RAM L . -54.99 -32.97 -1.34
O4 RAM L . -54.95 -31.91 1.32
O5 RAM L . -54.24 -35.50 1.82
C1 RAM L . -56.18 -32.52 -2.01
C2 RAM L . -55.72 -31.41 -2.94
C3 RAM L . -54.90 -32.00 -4.09
C4 RAM L . -55.68 -33.11 -4.77
C5 RAM L . -56.01 -34.16 -3.71
C6 RAM L . -56.69 -35.41 -4.30
O2 RAM L . -56.76 -30.73 -3.56
O3 RAM L . -54.56 -30.99 -5.03
O4 RAM L . -54.90 -33.64 -5.82
O5 RAM L . -56.85 -33.56 -2.71
C1 RAM L . -57.31 -29.65 -2.81
C2 RAM L . -58.18 -28.86 -3.75
C3 RAM L . -59.30 -29.80 -4.20
C4 RAM L . -60.14 -30.19 -3.01
C5 RAM L . -59.21 -30.84 -2.00
C6 RAM L . -59.91 -31.18 -0.70
O2 RAM L . -58.80 -27.84 -3.03
O3 RAM L . -60.09 -29.25 -5.22
O4 RAM L . -61.12 -31.13 -3.45
O5 RAM L . -58.06 -30.05 -1.70
C1 NAG L . -58.29 -26.54 -3.26
C2 NAG L . -59.25 -25.62 -2.46
C3 NAG L . -58.62 -24.25 -2.24
C4 NAG L . -57.13 -24.30 -1.88
C5 NAG L . -56.37 -25.19 -2.86
C6 NAG L . -54.91 -25.24 -2.55
C7 NAG L . -61.69 -26.02 -2.64
C8 NAG L . -62.84 -26.04 -3.61
N2 NAG L . -60.54 -25.45 -3.09
O3 NAG L . -59.31 -23.60 -1.20
O4 NAG L . -56.57 -23.00 -1.93
O5 NAG L . -56.94 -26.49 -2.80
O6 NAG L . -54.68 -25.74 -1.25
O7 NAG L . -61.85 -26.47 -1.50
C1 RAM L . -60.15 -22.52 -1.61
C2 RAM L . -61.34 -22.47 -0.66
C3 RAM L . -60.83 -22.06 0.72
C4 RAM L . -60.05 -20.75 0.68
C5 RAM L . -58.93 -20.94 -0.33
C6 RAM L . -58.13 -19.68 -0.52
O2 RAM L . -62.21 -21.52 -1.22
O3 RAM L . -61.88 -21.88 1.65
O4 RAM L . -59.53 -20.44 1.96
O5 RAM L . -59.54 -21.23 -1.56
C1 RAM L . -61.79 -22.91 2.67
C2 RAM L . -62.67 -22.47 3.83
C3 RAM L . -64.09 -22.32 3.32
C4 RAM L . -64.58 -23.62 2.66
C5 RAM L . -63.54 -24.12 1.66
C6 RAM L . -63.92 -25.49 1.09
O2 RAM L . -62.67 -23.44 4.86
O3 RAM L . -64.91 -21.89 4.38
O4 RAM L . -65.77 -23.38 1.93
O5 RAM L . -62.25 -24.17 2.24
C1 RAM L . -61.50 -23.38 5.69
C2 RAM L . -61.96 -23.63 7.11
C3 RAM L . -62.20 -25.12 7.33
C4 RAM L . -61.00 -25.92 6.84
C5 RAM L . -60.83 -25.64 5.35
C6 RAM L . -59.76 -26.52 4.70
O2 RAM L . -60.99 -23.11 8.01
O3 RAM L . -62.42 -25.35 8.70
O4 RAM L . -61.17 -27.30 7.09
O5 RAM L . -60.48 -24.28 5.28
C1 GLC L . -60.38 -19.53 2.70
C2 GLC L . -60.06 -18.07 2.51
C3 GLC L . -58.61 -17.81 2.94
C4 GLC L . -58.40 -18.29 4.37
C5 GLC L . -58.84 -19.74 4.49
C6 GLC L . -58.79 -20.30 5.89
O2 GLC L . -60.36 -17.56 1.23
O3 GLC L . -58.37 -16.44 2.82
O4 GLC L . -57.03 -18.24 4.71
O5 GLC L . -60.19 -19.78 4.08
O6 GLC L . -59.53 -19.42 6.68
C1 GLC L . -53.98 -31.01 1.86
C2 GLC L . -54.63 -29.66 1.97
C3 GLC L . -54.91 -29.13 0.57
C4 GLC L . -53.64 -29.06 -0.25
C5 GLC L . -52.92 -30.40 -0.21
C6 GLC L . -51.53 -30.30 -0.80
O2 GLC L . -55.86 -29.77 2.67
O3 GLC L . -55.46 -27.85 0.65
O4 GLC L . -54.02 -28.66 -1.53
O5 GLC L . -52.79 -30.89 1.11
O6 GLC L . -50.98 -31.58 -0.79
PD PD M . 22.32 17.61 0.84
#